data_7DEB
#
_entry.id   7DEB
#
_cell.length_a   94.956
_cell.length_b   164.864
_cell.length_c   230.201
_cell.angle_alpha   90.00
_cell.angle_beta   90.00
_cell.angle_gamma   90.00
#
_symmetry.space_group_name_H-M   'P 21 21 21'
#
loop_
_entity.id
_entity.type
_entity.pdbx_description
1 polymer Hemagglutinin
2 branched beta-D-mannopyranose-(1-4)-2-acetamido-2-deoxy-beta-D-glucopyranose-(1-4)-2-acetamido-2-deoxy-beta-D-glucopyranose
3 branched 2-acetamido-2-deoxy-beta-D-glucopyranose-(1-4)-2-acetamido-2-deoxy-beta-D-glucopyranose
4 non-polymer 2-acetamido-2-deoxy-beta-D-glucopyranose
5 water water
#
_entity_poly.entity_id   1
_entity_poly.type   'polypeptide(L)'
_entity_poly.pdbx_seq_one_letter_code
;SDQICIGYHANNSTEQVDTIMEKNVTVTHAQDILEKTHNGKLCDLNGVKPLILKDCSVAGWLLGNPMCDEFIRVPEWSYI
VERANPANDLCYPGNLNDYEELKHLLSRINHFEKILIIPKSSWPDHETSLGVSAACPYQGTPSFFRNVVWLIKKNDAYPT
IKISYNNTNREDLLILWGIHHSNNAAEQTNLYKNPTTYVSVGTSTLNQRLVPKIATRSQVNGQRGRMDFFWTILKPNDAI
HFESNGNFIAPEYAYKIVKKGDSTIMKSEVEYGHCNTKCQTPIGAINSSMPFHNIHPLTIGECPKYVKSNKLVLATGLRN
SPLREKRRKRGLFGAIAGFIEGGWQGMVDGWYGYHHSNEQGSGYAADKESTQKAIDGVTNKVNSIIDKMNTQFEAVGREF
NNLERRIENLNKKMEDGFLDVWTYNAELLVLMENERTLDFHDSNVKNLYDKVRLQLRDNAKELGNGCFEFYHKCDNECME
SVRNGTYDYPQYSEEARLKREEISG
;
_entity_poly.pdbx_strand_id   A,B,C
#
# COMPACT_ATOMS: atom_id res chain seq x y z
N SER A 1 -62.10 -22.48 13.63
CA SER A 1 -61.79 -21.73 12.43
C SER A 1 -60.35 -21.99 11.98
N ASP A 2 -60.18 -22.15 10.67
CA ASP A 2 -58.88 -22.43 10.07
C ASP A 2 -58.02 -21.17 10.00
N GLN A 3 -56.70 -21.36 10.17
CA GLN A 3 -55.78 -20.23 10.13
C GLN A 3 -54.49 -20.63 9.41
N ILE A 4 -53.77 -19.59 8.94
CA ILE A 4 -52.51 -19.73 8.23
C ILE A 4 -51.50 -18.76 8.84
N CYS A 5 -50.27 -19.23 9.07
CA CYS A 5 -49.26 -18.40 9.72
C CYS A 5 -48.01 -18.32 8.86
N ILE A 6 -47.33 -17.17 8.95
CA ILE A 6 -46.05 -16.93 8.28
C ILE A 6 -44.93 -17.09 9.31
N GLY A 7 -43.88 -17.80 8.92
CA GLY A 7 -42.78 -17.99 9.83
C GLY A 7 -41.49 -18.28 9.08
N TYR A 8 -40.45 -18.58 9.85
CA TYR A 8 -39.11 -18.74 9.29
C TYR A 8 -38.36 -19.86 10.00
N HIS A 9 -37.26 -20.26 9.36
CA HIS A 9 -36.47 -21.40 9.81
C HIS A 9 -35.80 -21.14 11.15
N ALA A 10 -35.71 -22.19 11.96
CA ALA A 10 -34.89 -22.20 13.16
C ALA A 10 -34.25 -23.56 13.28
N ASN A 11 -33.17 -23.64 14.06
CA ASN A 11 -32.49 -24.92 14.21
C ASN A 11 -31.68 -24.91 15.51
N ASN A 12 -30.75 -25.86 15.61
CA ASN A 12 -29.95 -26.12 16.79
C ASN A 12 -28.63 -25.36 16.80
N SER A 13 -28.33 -24.61 15.74
CA SER A 13 -27.05 -23.95 15.61
C SER A 13 -26.77 -23.01 16.79
N THR A 14 -25.52 -23.03 17.24
CA THR A 14 -25.02 -22.07 18.22
C THR A 14 -23.99 -21.14 17.59
N GLU A 15 -23.73 -21.28 16.29
CA GLU A 15 -22.78 -20.42 15.59
C GLU A 15 -23.19 -18.96 15.73
N GLN A 16 -22.21 -18.12 16.00
CA GLN A 16 -22.43 -16.70 16.19
C GLN A 16 -21.73 -15.89 15.12
N VAL A 17 -22.28 -14.71 14.84
CA VAL A 17 -21.65 -13.71 13.98
C VAL A 17 -21.78 -12.36 14.68
N ASP A 18 -20.99 -11.41 14.21
CA ASP A 18 -21.10 -10.03 14.63
C ASP A 18 -21.60 -9.19 13.47
N THR A 19 -22.40 -8.19 13.79
CA THR A 19 -22.79 -7.16 12.82
C THR A 19 -22.20 -5.84 13.28
N ILE A 20 -22.36 -4.82 12.44
CA ILE A 20 -21.85 -3.50 12.80
C ILE A 20 -22.57 -2.96 14.03
N MET A 21 -23.76 -3.46 14.34
CA MET A 21 -24.53 -2.98 15.49
C MET A 21 -24.68 -4.00 16.60
N GLU A 22 -24.50 -5.29 16.34
CA GLU A 22 -24.72 -6.32 17.34
C GLU A 22 -23.56 -7.30 17.35
N LYS A 23 -23.22 -7.78 18.55
CA LYS A 23 -22.18 -8.77 18.74
C LYS A 23 -22.77 -10.07 19.25
N ASN A 24 -22.11 -11.17 18.91
CA ASN A 24 -22.47 -12.51 19.39
C ASN A 24 -23.94 -12.83 19.08
N VAL A 25 -24.31 -12.72 17.81
CA VAL A 25 -25.66 -13.00 17.35
C VAL A 25 -25.69 -14.43 16.82
N THR A 26 -26.53 -15.27 17.43
CA THR A 26 -26.65 -16.66 17.00
C THR A 26 -27.43 -16.75 15.70
N VAL A 27 -26.95 -17.58 14.77
CA VAL A 27 -27.56 -17.74 13.46
C VAL A 27 -27.67 -19.23 13.15
N THR A 28 -28.44 -19.54 12.10
CA THR A 28 -28.68 -20.93 11.75
C THR A 28 -27.55 -21.51 10.91
N HIS A 29 -26.83 -20.67 10.18
CA HIS A 29 -25.70 -21.11 9.38
C HIS A 29 -24.76 -19.94 9.17
N ALA A 30 -23.46 -20.23 9.16
CA ALA A 30 -22.44 -19.21 8.98
C ALA A 30 -21.29 -19.81 8.20
N GLN A 31 -20.39 -18.95 7.72
CA GLN A 31 -19.28 -19.39 6.90
C GLN A 31 -18.07 -18.51 7.15
N ASP A 32 -16.95 -19.12 7.53
CA ASP A 32 -15.71 -18.37 7.69
C ASP A 32 -15.03 -18.21 6.34
N ILE A 33 -14.65 -16.97 6.00
CA ILE A 33 -13.91 -16.70 4.78
C ILE A 33 -12.43 -16.46 5.06
N LEU A 34 -11.99 -16.67 6.30
CA LEU A 34 -10.59 -16.54 6.68
C LEU A 34 -9.94 -17.92 6.66
N GLU A 35 -8.94 -18.10 5.80
CA GLU A 35 -8.20 -19.34 5.74
C GLU A 35 -7.23 -19.42 6.93
N LYS A 36 -7.32 -20.52 7.68
CA LYS A 36 -6.49 -20.71 8.86
C LYS A 36 -5.73 -22.03 8.87
N THR A 37 -5.82 -22.86 7.83
CA THR A 37 -5.25 -24.19 7.85
C THR A 37 -4.14 -24.33 6.81
N HIS A 38 -3.11 -25.09 7.16
CA HIS A 38 -1.99 -25.37 6.28
C HIS A 38 -1.56 -26.82 6.49
N ASN A 39 -0.88 -27.38 5.48
CA ASN A 39 -0.52 -28.79 5.49
C ASN A 39 0.77 -29.10 6.24
N GLY A 40 1.45 -28.10 6.78
CA GLY A 40 2.64 -28.37 7.56
C GLY A 40 3.75 -28.98 6.75
N LYS A 41 3.85 -28.63 5.47
CA LYS A 41 4.74 -29.33 4.56
C LYS A 41 5.30 -28.32 3.57
N LEU A 42 6.47 -28.60 3.02
CA LEU A 42 7.02 -27.82 1.93
C LEU A 42 6.71 -28.55 0.62
N CYS A 43 6.13 -27.83 -0.34
CA CYS A 43 5.61 -28.48 -1.53
C CYS A 43 6.21 -27.89 -2.79
N ASP A 44 6.03 -28.62 -3.89
CA ASP A 44 6.25 -28.03 -5.20
C ASP A 44 5.35 -26.82 -5.38
N LEU A 45 5.80 -25.88 -6.20
CA LEU A 45 5.05 -24.66 -6.49
C LEU A 45 4.68 -24.70 -7.96
N ASN A 46 3.39 -24.92 -8.24
CA ASN A 46 2.89 -25.05 -9.61
C ASN A 46 3.66 -26.11 -10.39
N GLY A 47 3.92 -27.25 -9.73
CA GLY A 47 4.53 -28.39 -10.36
C GLY A 47 6.05 -28.46 -10.29
N VAL A 48 6.71 -27.41 -9.80
CA VAL A 48 8.17 -27.35 -9.75
C VAL A 48 8.63 -27.44 -8.30
N LYS A 49 9.53 -28.38 -8.03
CA LYS A 49 10.07 -28.56 -6.69
C LYS A 49 10.95 -27.37 -6.31
N PRO A 50 11.05 -27.07 -5.02
CA PRO A 50 12.04 -26.08 -4.58
C PRO A 50 13.44 -26.67 -4.51
N LEU A 51 14.43 -25.77 -4.57
CA LEU A 51 15.81 -26.13 -4.29
C LEU A 51 16.01 -26.00 -2.79
N ILE A 52 16.12 -27.13 -2.10
CA ILE A 52 16.23 -27.14 -0.65
C ILE A 52 17.71 -27.34 -0.32
N LEU A 53 18.40 -26.26 0.01
CA LEU A 53 19.77 -26.38 0.50
C LEU A 53 19.65 -26.69 1.99
N LYS A 54 19.86 -27.94 2.40
CA LYS A 54 19.54 -28.25 3.77
C LYS A 54 20.67 -27.82 4.73
N ASP A 55 21.90 -28.26 4.49
CA ASP A 55 22.99 -27.78 5.34
C ASP A 55 23.98 -26.86 4.62
N CYS A 56 23.62 -26.32 3.45
CA CYS A 56 24.49 -25.40 2.73
C CYS A 56 23.82 -24.05 2.52
N SER A 57 24.63 -23.01 2.43
CA SER A 57 24.16 -21.70 1.98
C SER A 57 24.28 -21.63 0.46
N VAL A 58 23.63 -20.62 -0.14
CA VAL A 58 23.73 -20.44 -1.58
C VAL A 58 25.20 -20.25 -1.99
N ALA A 59 25.96 -19.49 -1.20
CA ALA A 59 27.35 -19.24 -1.52
C ALA A 59 28.17 -20.53 -1.50
N GLY A 60 28.06 -21.29 -0.41
CA GLY A 60 28.83 -22.53 -0.32
C GLY A 60 28.38 -23.55 -1.35
N TRP A 61 27.08 -23.61 -1.62
CA TRP A 61 26.58 -24.50 -2.67
C TRP A 61 27.17 -24.13 -4.03
N LEU A 62 27.15 -22.83 -4.38
CA LEU A 62 27.64 -22.40 -5.68
C LEU A 62 29.14 -22.63 -5.81
N LEU A 63 29.92 -22.18 -4.83
CA LEU A 63 31.37 -22.32 -4.91
C LEU A 63 31.83 -23.75 -4.71
N GLY A 64 30.99 -24.61 -4.16
CA GLY A 64 31.35 -26.00 -3.96
C GLY A 64 32.13 -26.22 -2.68
N ASN A 65 31.65 -25.65 -1.59
CA ASN A 65 32.19 -25.93 -0.27
C ASN A 65 32.30 -27.43 -0.05
N PRO A 66 33.51 -27.97 0.13
CA PRO A 66 33.66 -29.43 0.26
C PRO A 66 33.06 -29.98 1.53
N MET A 67 32.75 -29.12 2.51
CA MET A 67 32.09 -29.56 3.74
C MET A 67 30.58 -29.65 3.63
N CYS A 68 29.96 -29.25 2.52
CA CYS A 68 28.52 -29.42 2.42
C CYS A 68 28.34 -30.87 1.95
N ASP A 69 27.40 -31.61 2.55
CA ASP A 69 27.44 -33.06 2.31
C ASP A 69 26.83 -33.61 1.01
N GLU A 70 25.70 -33.12 0.51
CA GLU A 70 25.14 -33.81 -0.66
C GLU A 70 24.78 -32.82 -1.77
N PHE A 71 24.93 -33.26 -3.06
CA PHE A 71 24.86 -32.34 -4.23
C PHE A 71 24.27 -32.99 -5.49
N ILE A 72 23.01 -33.40 -5.41
CA ILE A 72 22.31 -33.90 -6.59
C ILE A 72 21.66 -32.71 -7.30
N ARG A 73 22.50 -31.86 -7.90
CA ARG A 73 22.02 -30.63 -8.54
C ARG A 73 20.79 -30.91 -9.41
N VAL A 74 19.78 -30.07 -9.25
CA VAL A 74 18.50 -30.18 -9.95
C VAL A 74 18.49 -29.13 -11.06
N PRO A 75 17.93 -29.45 -12.23
CA PRO A 75 18.02 -28.51 -13.36
C PRO A 75 16.99 -27.38 -13.31
N GLU A 76 16.06 -27.38 -12.36
CA GLU A 76 15.06 -26.33 -12.28
C GLU A 76 14.44 -26.33 -10.90
N TRP A 77 14.03 -25.13 -10.45
CA TRP A 77 13.36 -25.01 -9.17
C TRP A 77 12.51 -23.74 -9.17
N SER A 78 11.53 -23.71 -8.27
CA SER A 78 10.57 -22.61 -8.18
C SER A 78 10.90 -21.62 -7.08
N TYR A 79 11.53 -22.09 -6.00
CA TYR A 79 12.02 -21.20 -4.95
C TYR A 79 13.13 -21.94 -4.22
N ILE A 80 13.92 -21.18 -3.47
CA ILE A 80 15.04 -21.73 -2.71
C ILE A 80 14.66 -21.75 -1.24
N VAL A 81 14.98 -22.85 -0.57
CA VAL A 81 14.73 -23.01 0.86
C VAL A 81 16.08 -23.14 1.54
N GLU A 82 16.40 -22.15 2.39
CA GLU A 82 17.56 -22.17 3.25
C GLU A 82 17.07 -22.33 4.67
N ARG A 83 17.85 -22.99 5.47
CA ARG A 83 17.37 -22.85 6.83
C ARG A 83 18.15 -21.71 7.52
N ALA A 84 17.71 -21.34 8.73
CA ALA A 84 17.97 -20.00 9.30
C ALA A 84 19.45 -19.68 9.42
N ASN A 85 20.24 -20.61 9.92
CA ASN A 85 21.68 -20.47 9.98
C ASN A 85 22.32 -21.73 9.43
N PRO A 86 22.66 -21.75 8.14
CA PRO A 86 23.31 -22.93 7.56
C PRO A 86 24.69 -23.13 8.17
N ALA A 87 25.01 -24.40 8.44
CA ALA A 87 26.28 -24.71 9.09
C ALA A 87 27.46 -24.49 8.14
N ASN A 88 27.27 -24.76 6.85
CA ASN A 88 28.35 -24.76 5.88
C ASN A 88 28.18 -23.61 4.88
N ASP A 89 29.08 -22.63 4.97
CA ASP A 89 29.02 -21.43 4.13
C ASP A 89 30.39 -20.78 4.19
N LEU A 90 31.12 -20.79 3.06
CA LEU A 90 32.43 -20.15 2.98
C LEU A 90 33.38 -20.72 4.05
N CYS A 91 33.82 -21.95 3.80
CA CYS A 91 34.69 -22.63 4.75
C CYS A 91 35.96 -21.83 5.01
N TYR A 92 36.61 -21.35 3.95
CA TYR A 92 37.63 -20.33 4.09
C TYR A 92 36.93 -18.98 4.18
N PRO A 93 37.18 -18.18 5.22
CA PRO A 93 36.36 -16.99 5.44
C PRO A 93 36.54 -15.96 4.34
N GLY A 94 35.55 -15.08 4.23
CA GLY A 94 35.57 -14.05 3.21
C GLY A 94 34.21 -13.53 2.82
N ASN A 95 33.98 -13.37 1.52
CA ASN A 95 32.80 -12.65 1.05
C ASN A 95 32.47 -13.08 -0.36
N LEU A 96 31.16 -13.07 -0.66
CA LEU A 96 30.67 -13.17 -2.03
C LEU A 96 29.97 -11.87 -2.38
N ASN A 97 30.49 -11.18 -3.39
CA ASN A 97 30.02 -9.84 -3.72
C ASN A 97 28.62 -9.88 -4.35
N ASP A 98 27.83 -8.85 -4.05
CA ASP A 98 26.44 -8.75 -4.51
C ASP A 98 25.67 -10.04 -4.23
N TYR A 99 25.87 -10.57 -3.02
CA TYR A 99 25.32 -11.88 -2.68
C TYR A 99 23.80 -11.87 -2.69
N GLU A 100 23.19 -10.81 -2.18
CA GLU A 100 21.74 -10.75 -2.06
C GLU A 100 21.07 -10.68 -3.43
N GLU A 101 21.62 -9.86 -4.34
CA GLU A 101 21.10 -9.81 -5.70
C GLU A 101 21.29 -11.15 -6.41
N LEU A 102 22.41 -11.84 -6.14
CA LEU A 102 22.64 -13.15 -6.75
C LEU A 102 21.63 -14.17 -6.25
N LYS A 103 21.34 -14.16 -4.95
CA LYS A 103 20.33 -15.07 -4.41
C LYS A 103 18.96 -14.78 -5.01
N HIS A 104 18.62 -13.49 -5.15
CA HIS A 104 17.35 -13.15 -5.77
C HIS A 104 17.30 -13.62 -7.22
N LEU A 105 18.40 -13.46 -7.95
CA LEU A 105 18.46 -13.94 -9.33
C LEU A 105 18.28 -15.46 -9.39
N LEU A 106 18.84 -16.18 -8.43
CA LEU A 106 18.78 -17.64 -8.43
C LEU A 106 17.54 -18.18 -7.73
N SER A 107 16.66 -17.31 -7.24
CA SER A 107 15.47 -17.75 -6.50
C SER A 107 14.65 -18.74 -7.32
N ARG A 108 14.40 -18.42 -8.58
CA ARG A 108 13.66 -19.29 -9.49
C ARG A 108 14.41 -19.38 -10.80
N ILE A 109 14.81 -20.60 -11.18
CA ILE A 109 15.64 -20.82 -12.35
C ILE A 109 14.96 -21.85 -13.24
N ASN A 110 14.89 -21.55 -14.55
CA ASN A 110 14.26 -22.47 -15.49
C ASN A 110 15.22 -23.57 -15.93
N HIS A 111 16.51 -23.27 -16.03
CA HIS A 111 17.48 -24.33 -16.32
C HIS A 111 18.80 -24.01 -15.65
N PHE A 112 19.41 -25.02 -15.04
CA PHE A 112 20.64 -24.86 -14.27
C PHE A 112 21.51 -26.09 -14.52
N GLU A 113 22.70 -25.88 -15.09
CA GLU A 113 23.57 -27.00 -15.43
C GLU A 113 25.02 -26.62 -15.18
N LYS A 114 25.69 -27.37 -14.31
CA LYS A 114 27.10 -27.14 -14.04
C LYS A 114 27.95 -27.71 -15.18
N ILE A 115 28.87 -26.90 -15.69
CA ILE A 115 29.76 -27.32 -16.77
C ILE A 115 31.19 -26.92 -16.44
N LEU A 116 32.13 -27.69 -16.98
CA LEU A 116 33.55 -27.39 -16.86
C LEU A 116 33.96 -26.41 -17.96
N ILE A 117 34.48 -25.25 -17.57
CA ILE A 117 34.88 -24.24 -18.52
C ILE A 117 36.39 -24.02 -18.56
N ILE A 118 37.08 -24.17 -17.44
CA ILE A 118 38.54 -24.05 -17.42
C ILE A 118 39.13 -25.22 -16.65
N PRO A 119 39.56 -26.29 -17.32
CA PRO A 119 40.16 -27.41 -16.59
C PRO A 119 41.53 -27.05 -16.06
N LYS A 120 41.99 -27.83 -15.09
CA LYS A 120 43.27 -27.55 -14.45
C LYS A 120 44.44 -27.74 -15.42
N SER A 121 44.24 -28.47 -16.52
CA SER A 121 45.27 -28.55 -17.55
C SER A 121 45.55 -27.21 -18.22
N SER A 122 44.67 -26.22 -18.03
CA SER A 122 44.86 -24.89 -18.60
C SER A 122 45.93 -24.07 -17.89
N TRP A 123 46.54 -24.59 -16.81
CA TRP A 123 47.51 -23.85 -16.01
C TRP A 123 48.83 -24.60 -15.97
N PRO A 124 49.53 -24.71 -17.10
CA PRO A 124 50.77 -25.51 -17.12
C PRO A 124 51.90 -24.88 -16.33
N ASP A 125 51.92 -23.56 -16.16
CA ASP A 125 53.00 -22.87 -15.48
C ASP A 125 52.66 -22.46 -14.06
N HIS A 126 51.57 -22.99 -13.51
CA HIS A 126 51.16 -22.69 -12.15
C HIS A 126 50.80 -23.98 -11.44
N GLU A 127 50.94 -23.98 -10.12
CA GLU A 127 50.57 -25.15 -9.33
C GLU A 127 49.05 -25.20 -9.17
N THR A 128 48.46 -26.35 -9.45
CA THR A 128 47.01 -26.49 -9.42
C THR A 128 46.48 -27.42 -8.34
N SER A 129 47.34 -28.10 -7.58
CA SER A 129 46.84 -29.05 -6.59
C SER A 129 47.26 -28.74 -5.16
N LEU A 130 47.96 -27.62 -4.93
CA LEU A 130 48.36 -27.22 -3.58
C LEU A 130 47.49 -26.12 -3.00
N GLY A 131 46.54 -25.58 -3.76
CA GLY A 131 45.70 -24.51 -3.25
C GLY A 131 44.63 -25.09 -2.34
N VAL A 132 45.02 -25.31 -1.09
CA VAL A 132 44.32 -26.20 -0.19
C VAL A 132 44.48 -25.68 1.23
N SER A 133 43.44 -25.84 2.03
CA SER A 133 43.41 -25.27 3.38
C SER A 133 42.72 -26.23 4.34
N ALA A 134 43.19 -26.21 5.59
CA ALA A 134 42.55 -26.96 6.66
C ALA A 134 41.21 -26.38 7.06
N ALA A 135 40.94 -25.12 6.69
CA ALA A 135 39.62 -24.53 6.93
C ALA A 135 38.54 -25.19 6.08
N CYS A 136 38.92 -25.85 4.98
CA CYS A 136 38.00 -26.53 4.09
C CYS A 136 38.38 -28.01 4.02
N PRO A 137 38.19 -28.75 5.10
CA PRO A 137 38.60 -30.15 5.09
C PRO A 137 37.60 -31.04 4.37
N TYR A 138 38.12 -32.01 3.62
CA TYR A 138 37.32 -33.11 3.08
C TYR A 138 37.86 -34.43 3.60
N GLN A 139 37.01 -35.18 4.29
CA GLN A 139 37.37 -36.50 4.83
C GLN A 139 38.71 -36.46 5.57
N GLY A 140 38.84 -35.48 6.46
CA GLY A 140 40.04 -35.31 7.26
C GLY A 140 41.23 -34.71 6.55
N THR A 141 41.13 -34.43 5.25
CA THR A 141 42.28 -33.86 4.56
C THR A 141 41.99 -32.42 4.15
N PRO A 142 42.98 -31.53 4.20
CA PRO A 142 42.74 -30.15 3.79
C PRO A 142 42.29 -30.09 2.33
N SER A 143 41.32 -29.23 2.06
CA SER A 143 40.83 -29.12 0.68
C SER A 143 40.41 -27.68 0.36
N PHE A 144 39.47 -27.53 -0.57
CA PHE A 144 39.07 -26.20 -1.00
C PHE A 144 37.74 -26.30 -1.73
N PHE A 145 37.15 -25.13 -1.99
CA PHE A 145 35.97 -25.07 -2.87
C PHE A 145 36.27 -25.81 -4.16
N ARG A 146 35.30 -26.63 -4.59
CA ARG A 146 35.57 -27.56 -5.69
C ARG A 146 35.39 -26.92 -7.05
N ASN A 147 34.58 -25.88 -7.18
CA ASN A 147 34.28 -25.28 -8.47
C ASN A 147 35.26 -24.17 -8.87
N VAL A 148 36.28 -23.93 -8.07
CA VAL A 148 37.28 -22.90 -8.32
C VAL A 148 38.64 -23.45 -7.91
N VAL A 149 39.68 -22.88 -8.48
CA VAL A 149 41.04 -23.39 -8.31
C VAL A 149 41.89 -22.30 -7.69
N TRP A 150 42.50 -22.61 -6.55
CA TRP A 150 43.41 -21.71 -5.85
C TRP A 150 44.80 -21.92 -6.43
N LEU A 151 45.19 -21.06 -7.37
CA LEU A 151 46.46 -21.23 -8.05
C LEU A 151 47.61 -20.77 -7.18
N ILE A 152 48.69 -21.54 -7.21
CA ILE A 152 49.87 -21.32 -6.38
C ILE A 152 51.09 -21.30 -7.29
N LYS A 153 52.12 -20.58 -6.87
CA LYS A 153 53.36 -20.50 -7.63
C LYS A 153 53.93 -21.89 -7.92
N LYS A 154 54.71 -21.98 -8.98
CA LYS A 154 55.36 -23.22 -9.40
C LYS A 154 56.83 -22.94 -9.62
N ASN A 155 57.69 -23.74 -8.98
CA ASN A 155 59.14 -23.54 -9.03
C ASN A 155 59.52 -22.12 -8.64
N ASP A 156 58.92 -21.65 -7.55
CA ASP A 156 59.17 -20.31 -7.01
C ASP A 156 58.94 -19.22 -8.05
N ALA A 157 57.95 -19.42 -8.92
CA ALA A 157 57.59 -18.42 -9.91
C ALA A 157 56.08 -18.45 -10.12
N TYR A 158 55.52 -17.28 -10.39
CA TYR A 158 54.10 -17.11 -10.70
C TYR A 158 54.03 -16.24 -11.95
N PRO A 159 54.14 -16.82 -13.14
CA PRO A 159 54.06 -16.03 -14.37
C PRO A 159 52.70 -15.36 -14.49
N THR A 160 52.67 -14.25 -15.22
CA THR A 160 51.45 -13.49 -15.38
C THR A 160 50.45 -14.29 -16.21
N ILE A 161 49.28 -14.52 -15.64
CA ILE A 161 48.19 -15.23 -16.29
C ILE A 161 47.43 -14.26 -17.18
N LYS A 162 47.25 -14.65 -18.45
CA LYS A 162 46.37 -13.93 -19.38
C LYS A 162 45.59 -14.99 -20.14
N ILE A 163 44.31 -15.13 -19.83
CA ILE A 163 43.47 -16.18 -20.41
C ILE A 163 42.08 -15.61 -20.67
N SER A 164 41.36 -16.24 -21.61
CA SER A 164 40.02 -15.83 -21.92
C SER A 164 39.15 -17.06 -22.16
N TYR A 165 37.85 -16.88 -21.96
CA TYR A 165 36.87 -17.93 -22.22
C TYR A 165 35.69 -17.30 -22.94
N ASN A 166 35.36 -17.84 -24.11
CA ASN A 166 34.23 -17.40 -24.91
C ASN A 166 33.05 -18.31 -24.61
N ASN A 167 31.92 -17.71 -24.25
CA ASN A 167 30.72 -18.50 -23.96
C ASN A 167 30.12 -19.01 -25.27
N THR A 168 30.60 -20.17 -25.73
CA THR A 168 30.09 -20.75 -26.96
C THR A 168 28.81 -21.54 -26.75
N ASN A 169 28.32 -21.65 -25.52
CA ASN A 169 27.00 -22.20 -25.30
C ASN A 169 25.94 -21.19 -25.75
N ARG A 170 24.68 -21.59 -25.69
CA ARG A 170 23.58 -20.74 -26.10
C ARG A 170 22.73 -20.29 -24.93
N GLU A 171 23.22 -20.48 -23.70
CA GLU A 171 22.57 -19.99 -22.51
C GLU A 171 23.56 -19.10 -21.75
N ASP A 172 23.02 -18.22 -20.93
CA ASP A 172 23.86 -17.40 -20.06
C ASP A 172 24.73 -18.28 -19.17
N LEU A 173 25.91 -17.79 -18.84
CA LEU A 173 26.83 -18.49 -17.94
C LEU A 173 26.99 -17.68 -16.66
N LEU A 174 26.67 -18.29 -15.53
CA LEU A 174 27.03 -17.74 -14.24
C LEU A 174 28.46 -18.18 -13.93
N ILE A 175 29.37 -17.21 -13.83
CA ILE A 175 30.79 -17.47 -13.61
C ILE A 175 31.21 -16.80 -12.31
N LEU A 176 31.98 -17.54 -11.50
CA LEU A 176 32.49 -17.04 -10.23
C LEU A 176 34.00 -17.13 -10.19
N TRP A 177 34.62 -16.16 -9.52
CA TRP A 177 36.06 -16.12 -9.33
C TRP A 177 36.33 -15.40 -8.02
N GLY A 178 37.60 -15.31 -7.65
CA GLY A 178 37.89 -14.65 -6.39
C GLY A 178 39.32 -14.16 -6.30
N ILE A 179 39.59 -13.45 -5.21
CA ILE A 179 40.94 -12.98 -4.89
C ILE A 179 41.21 -13.28 -3.42
N HIS A 180 42.46 -13.63 -3.13
CA HIS A 180 42.89 -14.02 -1.79
C HIS A 180 43.63 -12.89 -1.12
N HIS A 181 43.11 -12.42 0.01
CA HIS A 181 43.81 -11.47 0.87
C HIS A 181 44.69 -12.26 1.83
N SER A 182 46.00 -12.23 1.58
CA SER A 182 47.00 -12.85 2.43
C SER A 182 47.27 -12.00 3.66
N ASN A 183 48.10 -12.53 4.55
CA ASN A 183 48.25 -11.96 5.89
C ASN A 183 49.52 -11.14 6.08
N ASN A 184 50.59 -11.46 5.37
CA ASN A 184 51.84 -10.75 5.53
C ASN A 184 52.70 -10.98 4.29
N ALA A 185 53.79 -10.20 4.20
CA ALA A 185 54.66 -10.29 3.04
C ALA A 185 55.22 -11.70 2.86
N ALA A 186 55.51 -12.38 3.97
CA ALA A 186 56.09 -13.71 3.89
C ALA A 186 55.09 -14.71 3.29
N GLU A 187 53.84 -14.68 3.75
CA GLU A 187 52.83 -15.56 3.17
C GLU A 187 52.58 -15.23 1.71
N GLN A 188 52.59 -13.93 1.37
CA GLN A 188 52.42 -13.53 -0.02
C GLN A 188 53.49 -14.14 -0.91
N THR A 189 54.77 -13.96 -0.54
CA THR A 189 55.85 -14.53 -1.33
C THR A 189 55.91 -16.05 -1.26
N ASN A 190 55.38 -16.65 -0.18
CA ASN A 190 55.35 -18.11 -0.09
C ASN A 190 54.33 -18.70 -1.08
N LEU A 191 53.12 -18.16 -1.10
CA LEU A 191 52.07 -18.73 -1.93
C LEU A 191 52.25 -18.34 -3.39
N TYR A 192 52.46 -17.06 -3.64
CA TYR A 192 52.74 -16.50 -4.94
C TYR A 192 54.15 -15.92 -4.89
N LYS A 193 54.83 -15.81 -6.02
CA LYS A 193 56.17 -15.26 -5.88
C LYS A 193 56.16 -13.76 -5.71
N ASN A 194 55.24 -13.09 -6.39
CA ASN A 194 55.30 -11.64 -6.56
C ASN A 194 54.68 -10.92 -5.37
N PRO A 195 55.34 -9.91 -4.81
CA PRO A 195 54.78 -9.24 -3.62
C PRO A 195 53.60 -8.32 -3.90
N THR A 196 53.56 -7.65 -5.06
CA THR A 196 52.48 -6.73 -5.38
C THR A 196 51.72 -7.27 -6.58
N THR A 197 50.45 -7.61 -6.37
CA THR A 197 49.69 -8.38 -7.34
C THR A 197 48.33 -7.75 -7.58
N TYR A 198 47.60 -8.32 -8.55
CA TYR A 198 46.30 -7.81 -8.96
C TYR A 198 45.55 -8.93 -9.66
N VAL A 199 44.25 -8.69 -9.86
CA VAL A 199 43.39 -9.55 -10.67
C VAL A 199 42.51 -8.64 -11.53
N SER A 200 42.66 -8.73 -12.85
CA SER A 200 41.88 -7.96 -13.79
C SER A 200 40.89 -8.89 -14.49
N VAL A 201 39.64 -8.47 -14.54
CA VAL A 201 38.57 -9.24 -15.17
C VAL A 201 37.80 -8.32 -16.10
N GLY A 202 37.57 -8.80 -17.33
CA GLY A 202 36.87 -7.98 -18.30
C GLY A 202 35.89 -8.74 -19.18
N THR A 203 34.71 -8.18 -19.38
CA THR A 203 33.80 -8.73 -20.39
C THR A 203 33.41 -7.62 -21.35
N SER A 204 32.24 -7.73 -21.97
CA SER A 204 31.71 -6.61 -22.74
C SER A 204 31.23 -5.50 -21.80
N THR A 205 30.81 -5.86 -20.59
CA THR A 205 30.28 -4.92 -19.62
C THR A 205 31.10 -4.81 -18.34
N LEU A 206 31.89 -5.83 -18.00
CA LEU A 206 32.68 -5.85 -16.77
C LEU A 206 34.07 -5.28 -17.01
N ASN A 207 34.54 -4.45 -16.07
CA ASN A 207 35.86 -3.83 -16.14
C ASN A 207 36.39 -3.70 -14.71
N GLN A 208 36.92 -4.80 -14.18
CA GLN A 208 37.23 -4.94 -12.76
C GLN A 208 38.71 -5.14 -12.54
N ARG A 209 39.25 -4.47 -11.52
CA ARG A 209 40.61 -4.71 -11.04
C ARG A 209 40.60 -4.82 -9.53
N LEU A 210 41.14 -5.92 -9.01
CA LEU A 210 41.19 -6.21 -7.59
C LEU A 210 42.64 -6.28 -7.14
N VAL A 211 42.92 -5.69 -5.98
CA VAL A 211 44.26 -5.70 -5.39
C VAL A 211 44.16 -6.33 -4.01
N PRO A 212 45.03 -7.28 -3.66
CA PRO A 212 44.94 -7.89 -2.33
C PRO A 212 45.26 -6.90 -1.23
N LYS A 213 44.50 -6.99 -0.14
CA LYS A 213 44.73 -6.19 1.05
C LYS A 213 45.53 -7.05 2.02
N ILE A 214 46.84 -6.82 2.09
CA ILE A 214 47.71 -7.59 2.96
C ILE A 214 47.73 -6.85 4.30
N ALA A 215 47.00 -7.38 5.28
CA ALA A 215 46.78 -6.66 6.53
C ALA A 215 46.37 -7.64 7.61
N THR A 216 46.41 -7.15 8.85
CA THR A 216 46.03 -7.93 10.02
C THR A 216 44.50 -7.95 10.18
N ARG A 217 43.94 -9.15 10.34
CA ARG A 217 42.52 -9.33 10.57
C ARG A 217 42.32 -10.30 11.73
N SER A 218 41.07 -10.40 12.17
CA SER A 218 40.71 -11.35 13.21
C SER A 218 40.62 -12.75 12.62
N GLN A 219 40.84 -13.75 13.47
CA GLN A 219 40.73 -15.14 13.03
C GLN A 219 39.26 -15.53 12.87
N VAL A 220 38.95 -16.15 11.74
CA VAL A 220 37.63 -16.72 11.48
C VAL A 220 37.84 -18.10 10.87
N ASN A 221 37.21 -19.11 11.48
CA ASN A 221 37.44 -20.52 11.11
C ASN A 221 38.94 -20.83 11.07
N GLY A 222 39.68 -20.24 12.01
CA GLY A 222 41.11 -20.49 12.11
C GLY A 222 41.98 -19.75 11.13
N GLN A 223 41.43 -18.82 10.36
CA GLN A 223 42.19 -18.13 9.32
C GLN A 223 42.06 -16.63 9.49
N ARG A 224 43.19 -15.93 9.37
CA ARG A 224 43.18 -14.47 9.31
C ARG A 224 43.14 -13.95 7.88
N GLY A 225 43.40 -14.80 6.90
CA GLY A 225 43.25 -14.42 5.51
C GLY A 225 41.79 -14.39 5.10
N ARG A 226 41.54 -13.81 3.93
CA ARG A 226 40.17 -13.73 3.45
C ARG A 226 40.15 -14.08 1.97
N MET A 227 38.96 -14.41 1.47
CA MET A 227 38.80 -14.63 0.04
C MET A 227 37.52 -13.94 -0.40
N ASP A 228 37.68 -12.98 -1.31
CA ASP A 228 36.57 -12.19 -1.82
C ASP A 228 36.17 -12.76 -3.17
N PHE A 229 34.92 -13.18 -3.28
CA PHE A 229 34.43 -13.79 -4.50
C PHE A 229 33.51 -12.84 -5.24
N PHE A 230 33.52 -12.96 -6.56
CA PHE A 230 32.77 -12.12 -7.47
C PHE A 230 32.16 -13.01 -8.53
N TRP A 231 31.11 -12.51 -9.16
CA TRP A 231 30.36 -13.29 -10.12
C TRP A 231 29.90 -12.39 -11.26
N THR A 232 29.65 -13.01 -12.40
CA THR A 232 29.08 -12.30 -13.53
C THR A 232 28.21 -13.25 -14.34
N ILE A 233 27.34 -12.65 -15.16
CA ILE A 233 26.54 -13.37 -16.13
C ILE A 233 27.15 -13.08 -17.50
N LEU A 234 27.80 -14.08 -18.07
CA LEU A 234 28.42 -13.99 -19.39
C LEU A 234 27.39 -14.42 -20.43
N LYS A 235 27.02 -13.48 -21.30
CA LYS A 235 26.03 -13.75 -22.33
C LYS A 235 26.65 -14.58 -23.45
N PRO A 236 25.83 -15.33 -24.20
CA PRO A 236 26.36 -16.13 -25.31
C PRO A 236 27.14 -15.25 -26.28
N ASN A 237 28.26 -15.79 -26.76
CA ASN A 237 29.18 -15.18 -27.72
C ASN A 237 30.01 -14.06 -27.11
N ASP A 238 29.83 -13.74 -25.83
CA ASP A 238 30.75 -12.84 -25.15
C ASP A 238 31.85 -13.64 -24.48
N ALA A 239 33.00 -12.99 -24.28
CA ALA A 239 34.16 -13.63 -23.66
C ALA A 239 34.54 -12.88 -22.40
N ILE A 240 35.02 -13.65 -21.42
CA ILE A 240 35.56 -13.11 -20.18
C ILE A 240 37.08 -13.26 -20.21
N HIS A 241 37.78 -12.20 -19.82
CA HIS A 241 39.23 -12.11 -19.89
C HIS A 241 39.77 -11.95 -18.48
N PHE A 242 40.64 -12.87 -18.08
CA PHE A 242 41.30 -12.84 -16.78
C PHE A 242 42.79 -12.55 -16.97
N GLU A 243 43.33 -11.72 -16.08
CA GLU A 243 44.75 -11.45 -16.00
C GLU A 243 45.15 -11.34 -14.54
N SER A 244 46.25 -11.96 -14.16
CA SER A 244 46.66 -11.86 -12.76
C SER A 244 48.07 -12.37 -12.58
N ASN A 245 48.81 -11.74 -11.66
CA ASN A 245 50.14 -12.22 -11.30
C ASN A 245 50.20 -12.73 -9.86
N GLY A 246 49.07 -13.14 -9.31
CA GLY A 246 49.03 -13.73 -7.98
C GLY A 246 47.69 -13.49 -7.30
N ASN A 247 47.43 -14.31 -6.29
CA ASN A 247 46.24 -14.23 -5.44
C ASN A 247 44.95 -14.53 -6.18
N PHE A 248 45.04 -15.08 -7.40
CA PHE A 248 43.87 -15.32 -8.23
C PHE A 248 43.23 -16.65 -7.86
N ILE A 249 41.94 -16.62 -7.54
CA ILE A 249 41.13 -17.82 -7.36
C ILE A 249 40.33 -17.99 -8.65
N ALA A 250 40.82 -18.85 -9.52
CA ALA A 250 40.35 -18.93 -10.90
C ALA A 250 39.09 -19.78 -11.00
N PRO A 251 38.21 -19.48 -11.96
CA PRO A 251 37.05 -20.36 -12.19
C PRO A 251 37.51 -21.70 -12.74
N GLU A 252 36.82 -22.76 -12.33
CA GLU A 252 36.96 -24.06 -12.96
C GLU A 252 35.64 -24.53 -13.53
N TYR A 253 34.58 -24.57 -12.72
CA TYR A 253 33.24 -24.87 -13.17
C TYR A 253 32.41 -23.59 -13.18
N ALA A 254 31.42 -23.56 -14.05
CA ALA A 254 30.46 -22.46 -14.13
C ALA A 254 29.08 -23.08 -14.35
N TYR A 255 28.05 -22.23 -14.47
CA TYR A 255 26.68 -22.73 -14.54
C TYR A 255 25.96 -22.14 -15.74
N LYS A 256 25.57 -22.99 -16.68
CA LYS A 256 24.59 -22.59 -17.67
C LYS A 256 23.26 -22.33 -16.97
N ILE A 257 22.67 -21.17 -17.25
CA ILE A 257 21.53 -20.66 -16.49
C ILE A 257 20.51 -20.08 -17.47
N VAL A 258 19.25 -20.50 -17.33
CA VAL A 258 18.13 -19.94 -18.05
C VAL A 258 17.10 -19.50 -17.03
N LYS A 259 16.79 -18.20 -17.02
CA LYS A 259 15.91 -17.59 -16.04
C LYS A 259 14.69 -16.99 -16.71
N LYS A 260 13.53 -17.21 -16.10
CA LYS A 260 12.27 -16.68 -16.62
C LYS A 260 11.54 -15.92 -15.53
N GLY A 261 10.86 -16.64 -14.64
CA GLY A 261 10.16 -16.02 -13.54
C GLY A 261 11.06 -15.73 -12.36
N ASP A 262 10.56 -14.91 -11.44
CA ASP A 262 11.29 -14.54 -10.25
C ASP A 262 10.61 -15.13 -9.02
N SER A 263 11.47 -15.08 -7.93
CA SER A 263 10.94 -15.62 -6.68
C SER A 263 11.71 -14.99 -5.52
N THR A 264 11.77 -15.75 -4.42
CA THR A 264 12.58 -15.29 -3.29
C THR A 264 13.17 -16.50 -2.58
N ILE A 265 13.92 -16.23 -1.52
CA ILE A 265 14.50 -17.27 -0.66
C ILE A 265 13.64 -17.40 0.58
N MET A 266 13.22 -18.62 0.89
CA MET A 266 12.41 -18.90 2.07
C MET A 266 13.27 -19.52 3.15
N LYS A 267 13.17 -18.99 4.37
CA LYS A 267 13.82 -19.54 5.54
C LYS A 267 12.82 -20.45 6.24
N SER A 268 13.12 -21.75 6.28
CA SER A 268 12.20 -22.71 6.86
C SER A 268 12.95 -23.97 7.25
N GLU A 269 12.45 -24.59 8.30
CA GLU A 269 12.90 -25.89 8.77
C GLU A 269 11.91 -26.99 8.51
N VAL A 270 10.75 -26.65 7.96
CA VAL A 270 9.76 -27.65 7.64
C VAL A 270 10.27 -28.54 6.52
N GLU A 271 9.74 -29.76 6.47
CA GLU A 271 10.26 -30.81 5.61
C GLU A 271 9.43 -30.92 4.33
N TYR A 272 10.06 -31.44 3.30
CA TYR A 272 9.42 -31.57 1.99
C TYR A 272 8.38 -32.69 2.04
N GLY A 273 7.24 -32.46 1.41
CA GLY A 273 6.12 -33.38 1.56
C GLY A 273 5.58 -34.01 0.30
N HIS A 274 6.32 -33.92 -0.81
CA HIS A 274 5.91 -34.53 -2.07
C HIS A 274 4.49 -34.11 -2.45
N CYS A 275 4.21 -32.84 -2.24
CA CYS A 275 2.91 -32.23 -2.50
C CYS A 275 3.06 -31.13 -3.54
N ASN A 276 1.91 -30.59 -3.95
CA ASN A 276 1.87 -29.44 -4.85
C ASN A 276 0.99 -28.37 -4.24
N THR A 277 1.29 -27.12 -4.58
CA THR A 277 0.52 -26.00 -4.03
C THR A 277 0.68 -24.79 -4.94
N LYS A 278 -0.24 -23.84 -4.76
CA LYS A 278 -0.16 -22.54 -5.39
C LYS A 278 0.29 -21.45 -4.43
N CYS A 279 0.36 -21.76 -3.13
CA CYS A 279 0.71 -20.79 -2.10
C CYS A 279 1.49 -21.50 -1.01
N GLN A 280 2.74 -21.11 -0.83
CA GLN A 280 3.63 -21.74 0.14
C GLN A 280 3.98 -20.74 1.25
N THR A 281 3.95 -21.20 2.48
CA THR A 281 4.41 -20.45 3.64
C THR A 281 5.53 -21.23 4.32
N PRO A 282 6.35 -20.57 5.14
CA PRO A 282 7.48 -21.28 5.78
C PRO A 282 7.06 -22.36 6.77
N ILE A 283 5.78 -22.45 7.13
CA ILE A 283 5.30 -23.49 8.04
C ILE A 283 4.35 -24.46 7.37
N GLY A 284 4.00 -24.24 6.11
CA GLY A 284 3.12 -25.15 5.39
C GLY A 284 2.46 -24.47 4.22
N ALA A 285 1.91 -25.29 3.34
CA ALA A 285 1.24 -24.81 2.13
C ALA A 285 -0.24 -24.56 2.40
N ILE A 286 -0.85 -23.76 1.51
CA ILE A 286 -2.25 -23.37 1.62
C ILE A 286 -2.97 -23.75 0.34
N ASN A 287 -4.07 -24.48 0.47
CA ASN A 287 -4.97 -24.80 -0.63
C ASN A 287 -6.31 -24.16 -0.29
N SER A 288 -6.58 -23.00 -0.87
CA SER A 288 -7.74 -22.23 -0.46
C SER A 288 -8.15 -21.26 -1.56
N SER A 289 -9.46 -21.09 -1.73
CA SER A 289 -10.01 -20.03 -2.55
C SER A 289 -10.41 -18.80 -1.74
N MET A 290 -10.20 -18.85 -0.42
CA MET A 290 -10.62 -17.75 0.44
C MET A 290 -9.81 -16.49 0.16
N PRO A 291 -10.41 -15.32 0.38
CA PRO A 291 -9.70 -14.07 0.09
C PRO A 291 -8.72 -13.63 1.17
N PHE A 292 -8.79 -14.20 2.37
CA PHE A 292 -7.95 -13.76 3.47
C PHE A 292 -7.39 -14.96 4.21
N HIS A 293 -6.21 -14.77 4.81
CA HIS A 293 -5.59 -15.77 5.66
C HIS A 293 -4.80 -15.07 6.75
N ASN A 294 -4.45 -15.82 7.79
CA ASN A 294 -3.69 -15.28 8.92
C ASN A 294 -2.55 -16.22 9.31
N ILE A 295 -2.05 -17.01 8.36
CA ILE A 295 -1.13 -18.08 8.70
C ILE A 295 0.29 -17.55 8.85
N HIS A 296 0.77 -16.79 7.87
CA HIS A 296 2.17 -16.35 7.84
C HIS A 296 2.36 -15.24 6.82
N PRO A 297 3.15 -14.22 7.11
CA PRO A 297 3.34 -13.12 6.15
C PRO A 297 4.29 -13.45 5.00
N LEU A 298 5.29 -14.31 5.24
CA LEU A 298 6.35 -14.55 4.25
C LEU A 298 5.94 -15.69 3.30
N THR A 299 5.00 -15.37 2.43
CA THR A 299 4.44 -16.36 1.51
C THR A 299 5.02 -16.21 0.12
N ILE A 300 4.96 -17.31 -0.63
CA ILE A 300 5.35 -17.36 -2.04
C ILE A 300 4.20 -18.01 -2.80
N GLY A 301 3.69 -17.32 -3.82
CA GLY A 301 2.67 -17.87 -4.70
C GLY A 301 1.50 -16.95 -4.82
N GLU A 302 0.35 -17.53 -5.18
CA GLU A 302 -0.92 -16.80 -5.31
C GLU A 302 -1.71 -17.08 -4.05
N CYS A 303 -1.56 -16.19 -3.08
CA CYS A 303 -2.05 -16.40 -1.73
C CYS A 303 -3.23 -15.48 -1.40
N PRO A 304 -4.04 -15.85 -0.41
CA PRO A 304 -5.02 -14.89 0.13
C PRO A 304 -4.30 -13.71 0.76
N LYS A 305 -5.06 -12.65 1.01
CA LYS A 305 -4.50 -11.45 1.61
C LYS A 305 -4.27 -11.70 3.10
N TYR A 306 -3.04 -11.45 3.55
CA TYR A 306 -2.67 -11.71 4.93
C TYR A 306 -3.25 -10.61 5.82
N VAL A 307 -4.00 -11.03 6.85
CA VAL A 307 -4.63 -10.11 7.78
C VAL A 307 -4.34 -10.57 9.20
N LYS A 308 -4.50 -9.64 10.14
CA LYS A 308 -4.38 -9.95 11.57
C LYS A 308 -5.80 -10.09 12.11
N SER A 309 -6.30 -11.32 12.08
CA SER A 309 -7.67 -11.60 12.51
C SER A 309 -7.76 -13.08 12.83
N ASN A 310 -8.66 -13.42 13.75
CA ASN A 310 -8.87 -14.80 14.15
C ASN A 310 -10.04 -15.46 13.44
N LYS A 311 -11.02 -14.68 12.99
CA LYS A 311 -12.14 -15.23 12.26
C LYS A 311 -12.80 -14.12 11.46
N LEU A 312 -13.32 -14.49 10.29
CA LEU A 312 -14.10 -13.60 9.43
C LEU A 312 -15.34 -14.39 9.04
N VAL A 313 -16.37 -14.31 9.89
CA VAL A 313 -17.52 -15.19 9.82
C VAL A 313 -18.69 -14.41 9.22
N LEU A 314 -19.11 -14.80 8.02
CA LEU A 314 -20.26 -14.20 7.37
C LEU A 314 -21.52 -14.99 7.73
N ALA A 315 -22.58 -14.28 8.07
CA ALA A 315 -23.86 -14.92 8.29
C ALA A 315 -24.46 -15.36 6.96
N THR A 316 -24.85 -16.63 6.89
CA THR A 316 -25.58 -17.16 5.74
C THR A 316 -27.04 -17.46 6.07
N GLY A 317 -27.29 -18.12 7.20
CA GLY A 317 -28.64 -18.40 7.63
C GLY A 317 -29.30 -17.20 8.29
N LEU A 318 -30.29 -17.51 9.13
CA LEU A 318 -31.14 -16.51 9.77
C LEU A 318 -30.77 -16.37 11.23
N ARG A 319 -31.26 -15.28 11.85
CA ARG A 319 -31.15 -15.13 13.29
C ARG A 319 -31.84 -16.32 13.97
N ASN A 320 -31.16 -16.89 14.97
CA ASN A 320 -31.58 -18.15 15.56
C ASN A 320 -31.65 -18.06 17.07
N SER A 321 -32.77 -18.55 17.62
CA SER A 321 -33.03 -18.56 19.07
C SER A 321 -33.30 -19.99 19.50
N PRO A 322 -32.27 -20.85 19.53
CA PRO A 322 -32.44 -22.25 19.95
C PRO A 322 -32.57 -22.40 21.46
N GLY A 334 -42.53 -5.51 13.67
CA GLY A 334 -41.46 -5.98 12.81
C GLY A 334 -41.18 -7.47 12.90
N ALA A 335 -40.79 -8.04 11.76
CA ALA A 335 -40.51 -9.46 11.63
C ALA A 335 -39.28 -10.01 12.35
N ILE A 336 -39.08 -11.32 12.26
CA ILE A 336 -37.94 -12.01 12.89
C ILE A 336 -37.64 -11.57 14.32
N ALA A 337 -38.51 -11.99 15.24
CA ALA A 337 -38.47 -11.54 16.63
C ALA A 337 -39.09 -10.15 16.79
N GLY A 338 -40.13 -9.86 16.00
CA GLY A 338 -40.87 -8.62 16.16
C GLY A 338 -42.36 -8.82 16.36
N PHE A 339 -43.11 -8.89 15.26
CA PHE A 339 -44.51 -9.27 15.31
C PHE A 339 -44.69 -10.77 15.11
N ILE A 340 -43.84 -11.39 14.30
CA ILE A 340 -43.74 -12.85 14.29
C ILE A 340 -42.84 -13.21 15.48
N GLU A 341 -43.45 -13.66 16.57
CA GLU A 341 -42.82 -13.78 17.88
C GLU A 341 -41.49 -14.53 17.83
N GLY A 342 -41.41 -15.60 17.05
CA GLY A 342 -40.19 -16.38 17.04
C GLY A 342 -40.07 -17.27 15.83
N GLY A 343 -38.99 -18.06 15.81
CA GLY A 343 -38.74 -18.99 14.73
C GLY A 343 -39.36 -20.37 14.98
N TRP A 344 -39.37 -21.16 13.92
CA TRP A 344 -39.97 -22.49 13.91
C TRP A 344 -38.89 -23.55 13.77
N GLN A 345 -38.62 -24.28 14.86
CA GLN A 345 -37.83 -25.50 14.74
C GLN A 345 -38.54 -26.52 13.85
N GLY A 346 -39.88 -26.47 13.79
CA GLY A 346 -40.64 -27.44 13.04
C GLY A 346 -40.46 -27.33 11.53
N MET A 347 -40.23 -26.11 11.04
CA MET A 347 -40.00 -25.91 9.61
C MET A 347 -38.55 -26.31 9.32
N VAL A 348 -38.37 -27.38 8.55
CA VAL A 348 -37.07 -27.97 8.37
C VAL A 348 -36.52 -27.86 6.94
N ASP A 349 -37.36 -27.64 5.93
CA ASP A 349 -36.91 -27.67 4.55
C ASP A 349 -37.01 -26.32 3.85
N GLY A 350 -36.77 -25.24 4.57
CA GLY A 350 -36.69 -23.95 3.92
C GLY A 350 -36.28 -22.88 4.90
N TRP A 351 -36.25 -21.64 4.39
CA TRP A 351 -35.91 -20.47 5.20
C TRP A 351 -37.16 -19.70 5.63
N TYR A 352 -38.07 -19.42 4.71
CA TYR A 352 -39.34 -18.78 5.02
C TYR A 352 -40.48 -19.68 4.58
N GLY A 353 -41.60 -19.64 5.29
CA GLY A 353 -42.70 -20.50 4.92
C GLY A 353 -43.95 -20.28 5.74
N TYR A 354 -44.81 -21.30 5.74
CA TYR A 354 -46.16 -21.22 6.25
C TYR A 354 -46.43 -22.36 7.23
N HIS A 355 -47.46 -22.16 8.04
CA HIS A 355 -48.00 -23.19 8.92
C HIS A 355 -49.52 -23.12 8.83
N HIS A 356 -50.15 -24.20 8.41
CA HIS A 356 -51.59 -24.18 8.20
C HIS A 356 -52.30 -24.93 9.31
N SER A 357 -53.59 -24.64 9.43
CA SER A 357 -54.42 -25.39 10.34
C SER A 357 -55.84 -25.29 9.83
N ASN A 358 -56.29 -26.42 9.33
CA ASN A 358 -57.65 -26.65 9.00
C ASN A 358 -57.87 -27.97 9.69
N GLU A 359 -58.83 -28.71 9.21
CA GLU A 359 -59.36 -29.81 9.96
C GLU A 359 -59.16 -31.11 9.22
N GLN A 360 -58.38 -31.07 8.12
CA GLN A 360 -57.63 -32.25 7.72
C GLN A 360 -56.29 -32.38 8.47
N GLY A 361 -55.71 -31.29 8.96
CA GLY A 361 -54.55 -31.43 9.81
C GLY A 361 -53.69 -30.19 9.87
N SER A 362 -52.58 -30.33 10.62
CA SER A 362 -51.58 -29.29 10.79
C SER A 362 -50.33 -29.61 9.99
N GLY A 363 -49.62 -28.58 9.56
CA GLY A 363 -48.29 -28.83 9.03
C GLY A 363 -47.54 -27.55 8.77
N TYR A 364 -46.24 -27.73 8.50
CA TYR A 364 -45.33 -26.67 8.12
C TYR A 364 -45.02 -26.92 6.65
N ALA A 365 -44.95 -25.84 5.87
CA ALA A 365 -44.58 -25.99 4.47
C ALA A 365 -43.77 -24.79 4.04
N ALA A 366 -42.58 -25.05 3.50
CA ALA A 366 -41.69 -23.97 3.12
C ALA A 366 -42.15 -23.33 1.82
N ASP A 367 -42.00 -22.01 1.73
CA ASP A 367 -42.24 -21.28 0.50
C ASP A 367 -41.03 -21.43 -0.41
N LYS A 368 -41.19 -22.22 -1.47
CA LYS A 368 -40.05 -22.64 -2.29
C LYS A 368 -39.39 -21.45 -2.97
N GLU A 369 -40.19 -20.50 -3.46
CA GLU A 369 -39.68 -19.49 -4.38
C GLU A 369 -38.87 -18.41 -3.66
N SER A 370 -39.42 -17.87 -2.56
CA SER A 370 -38.71 -16.84 -1.83
C SER A 370 -37.51 -17.43 -1.09
N THR A 371 -37.65 -18.65 -0.58
CA THR A 371 -36.52 -19.33 0.04
C THR A 371 -35.38 -19.52 -0.97
N GLN A 372 -35.72 -19.98 -2.18
CA GLN A 372 -34.70 -20.23 -3.19
C GLN A 372 -34.06 -18.93 -3.64
N LYS A 373 -34.83 -17.84 -3.75
CA LYS A 373 -34.22 -16.60 -4.19
C LYS A 373 -33.37 -15.96 -3.09
N ALA A 374 -33.74 -16.16 -1.83
CA ALA A 374 -32.88 -15.67 -0.75
C ALA A 374 -31.60 -16.49 -0.66
N ILE A 375 -31.68 -17.80 -0.86
CA ILE A 375 -30.48 -18.62 -0.88
C ILE A 375 -29.58 -18.21 -2.05
N ASP A 376 -30.16 -18.00 -3.22
CA ASP A 376 -29.39 -17.51 -4.36
C ASP A 376 -28.70 -16.20 -4.03
N GLY A 377 -29.40 -15.27 -3.39
CA GLY A 377 -28.80 -13.98 -3.07
C GLY A 377 -27.67 -14.07 -2.06
N VAL A 378 -27.87 -14.86 -1.00
CA VAL A 378 -26.83 -15.00 0.02
C VAL A 378 -25.61 -15.71 -0.54
N THR A 379 -25.83 -16.79 -1.30
CA THR A 379 -24.73 -17.47 -1.97
C THR A 379 -23.99 -16.52 -2.92
N ASN A 380 -24.75 -15.68 -3.64
CA ASN A 380 -24.13 -14.72 -4.55
C ASN A 380 -23.32 -13.69 -3.78
N LYS A 381 -23.77 -13.30 -2.59
CA LYS A 381 -23.02 -12.35 -1.79
C LYS A 381 -21.70 -12.95 -1.31
N VAL A 382 -21.75 -14.18 -0.80
CA VAL A 382 -20.53 -14.86 -0.38
C VAL A 382 -19.57 -15.01 -1.57
N ASN A 383 -20.09 -15.46 -2.71
CA ASN A 383 -19.26 -15.65 -3.89
C ASN A 383 -18.72 -14.33 -4.43
N SER A 384 -19.43 -13.23 -4.21
CA SER A 384 -18.91 -11.93 -4.62
C SER A 384 -17.76 -11.50 -3.71
N ILE A 385 -17.94 -11.67 -2.39
CA ILE A 385 -16.88 -11.32 -1.46
C ILE A 385 -15.64 -12.16 -1.71
N ILE A 386 -15.81 -13.38 -2.22
CA ILE A 386 -14.65 -14.25 -2.49
C ILE A 386 -14.05 -13.97 -3.87
N ASP A 387 -14.89 -13.94 -4.91
CA ASP A 387 -14.41 -13.95 -6.29
C ASP A 387 -13.90 -12.60 -6.75
N LYS A 388 -14.37 -11.50 -6.16
CA LYS A 388 -13.88 -10.19 -6.56
C LYS A 388 -12.45 -9.93 -6.11
N MET A 389 -11.90 -10.78 -5.25
CA MET A 389 -10.52 -10.63 -4.81
C MET A 389 -9.57 -10.95 -5.96
N ASN A 390 -8.76 -9.97 -6.35
CA ASN A 390 -7.70 -10.21 -7.32
C ASN A 390 -6.48 -10.76 -6.60
N THR A 391 -6.04 -11.95 -7.00
CA THR A 391 -4.88 -12.60 -6.41
C THR A 391 -3.86 -12.88 -7.51
N GLN A 392 -2.68 -12.29 -7.39
CA GLN A 392 -1.60 -12.50 -8.33
C GLN A 392 -0.38 -13.04 -7.60
N PHE A 393 0.59 -13.54 -8.36
CA PHE A 393 1.78 -14.13 -7.78
C PHE A 393 2.59 -13.07 -7.05
N GLU A 394 3.01 -13.39 -5.82
CA GLU A 394 3.90 -12.55 -5.05
C GLU A 394 4.87 -13.42 -4.28
N ALA A 395 6.11 -12.96 -4.13
CA ALA A 395 7.14 -13.67 -3.39
C ALA A 395 7.66 -12.75 -2.29
N VAL A 396 7.34 -13.09 -1.05
CA VAL A 396 7.67 -12.25 0.11
C VAL A 396 8.82 -12.92 0.87
N GLY A 397 9.97 -12.24 0.91
CA GLY A 397 11.10 -12.71 1.68
C GLY A 397 11.76 -11.62 2.50
N ARG A 398 13.00 -11.84 2.92
CA ARG A 398 13.79 -10.88 3.68
C ARG A 398 15.18 -10.86 3.05
N GLU A 399 15.38 -9.95 2.09
CA GLU A 399 16.51 -10.03 1.17
C GLU A 399 17.47 -8.84 1.28
N PHE A 400 17.43 -8.09 2.38
CA PHE A 400 18.29 -6.93 2.54
C PHE A 400 19.27 -7.15 3.69
N ASN A 401 20.49 -6.64 3.52
CA ASN A 401 21.58 -6.95 4.43
C ASN A 401 21.62 -5.98 5.60
N ASN A 402 22.67 -6.09 6.42
CA ASN A 402 22.77 -5.31 7.64
C ASN A 402 22.96 -3.82 7.39
N LEU A 403 23.41 -3.44 6.19
CA LEU A 403 23.55 -2.03 5.84
C LEU A 403 22.49 -1.56 4.85
N GLU A 404 21.35 -2.25 4.80
CA GLU A 404 20.21 -1.83 3.98
C GLU A 404 18.94 -1.77 4.83
N ARG A 405 19.07 -1.41 6.11
CA ARG A 405 17.92 -1.45 7.00
C ARG A 405 16.90 -0.36 6.70
N ARG A 406 17.30 0.72 6.01
CA ARG A 406 16.32 1.73 5.62
C ARG A 406 15.36 1.18 4.57
N ILE A 407 15.89 0.45 3.59
CA ILE A 407 15.03 -0.19 2.60
C ILE A 407 14.21 -1.30 3.25
N GLU A 408 14.81 -2.00 4.22
CA GLU A 408 14.08 -3.04 4.93
C GLU A 408 12.92 -2.45 5.72
N ASN A 409 13.11 -1.25 6.27
CA ASN A 409 12.04 -0.55 6.97
C ASN A 409 10.98 -0.04 6.01
N LEU A 410 11.39 0.39 4.81
CA LEU A 410 10.41 0.78 3.80
C LEU A 410 9.52 -0.41 3.43
N ASN A 411 10.14 -1.57 3.22
CA ASN A 411 9.36 -2.77 2.93
C ASN A 411 8.47 -3.15 4.10
N LYS A 412 8.97 -3.01 5.34
CA LYS A 412 8.17 -3.33 6.51
C LYS A 412 6.96 -2.42 6.61
N LYS A 413 7.15 -1.12 6.35
CA LYS A 413 6.04 -0.19 6.39
C LYS A 413 5.01 -0.52 5.31
N MET A 414 5.49 -0.95 4.14
CA MET A 414 4.56 -1.35 3.08
C MET A 414 3.74 -2.57 3.49
N GLU A 415 4.42 -3.61 4.00
CA GLU A 415 3.71 -4.81 4.43
C GLU A 415 2.70 -4.50 5.53
N ASP A 416 3.13 -3.73 6.52
CA ASP A 416 2.24 -3.37 7.63
C ASP A 416 1.06 -2.56 7.16
N GLY A 417 1.29 -1.60 6.24
CA GLY A 417 0.19 -0.81 5.73
C GLY A 417 -0.83 -1.65 4.99
N PHE A 418 -0.36 -2.59 4.16
CA PHE A 418 -1.30 -3.44 3.45
C PHE A 418 -2.04 -4.37 4.41
N LEU A 419 -1.36 -4.84 5.46
CA LEU A 419 -2.04 -5.65 6.47
C LEU A 419 -3.12 -4.85 7.18
N ASP A 420 -2.81 -3.60 7.56
CA ASP A 420 -3.79 -2.76 8.22
C ASP A 420 -4.99 -2.51 7.31
N VAL A 421 -4.72 -2.16 6.05
CA VAL A 421 -5.81 -1.89 5.10
C VAL A 421 -6.70 -3.11 4.95
N TRP A 422 -6.10 -4.27 4.67
CA TRP A 422 -6.89 -5.46 4.43
C TRP A 422 -7.64 -5.90 5.69
N THR A 423 -7.01 -5.82 6.86
CA THR A 423 -7.67 -6.19 8.10
C THR A 423 -8.90 -5.32 8.35
N TYR A 424 -8.72 -4.00 8.30
CA TYR A 424 -9.85 -3.10 8.54
C TYR A 424 -10.96 -3.34 7.52
N ASN A 425 -10.60 -3.43 6.23
CA ASN A 425 -11.61 -3.59 5.19
C ASN A 425 -12.37 -4.90 5.36
N ALA A 426 -11.67 -5.99 5.64
CA ALA A 426 -12.33 -7.28 5.78
C ALA A 426 -13.24 -7.31 7.00
N GLU A 427 -12.75 -6.83 8.15
CA GLU A 427 -13.57 -6.84 9.35
C GLU A 427 -14.86 -6.03 9.15
N LEU A 428 -14.72 -4.82 8.62
CA LEU A 428 -15.92 -3.98 8.50
C LEU A 428 -16.83 -4.45 7.38
N LEU A 429 -16.28 -5.03 6.31
CA LEU A 429 -17.11 -5.63 5.29
C LEU A 429 -17.94 -6.76 5.86
N VAL A 430 -17.33 -7.61 6.69
CA VAL A 430 -18.06 -8.71 7.30
C VAL A 430 -19.17 -8.17 8.20
N LEU A 431 -18.86 -7.16 9.01
CA LEU A 431 -19.87 -6.60 9.91
C LEU A 431 -21.05 -6.01 9.13
N MET A 432 -20.76 -5.16 8.14
CA MET A 432 -21.81 -4.49 7.41
C MET A 432 -22.66 -5.49 6.62
N GLU A 433 -22.02 -6.45 5.95
CA GLU A 433 -22.79 -7.38 5.14
C GLU A 433 -23.55 -8.37 6.02
N ASN A 434 -23.08 -8.66 7.23
CA ASN A 434 -23.86 -9.48 8.15
C ASN A 434 -25.12 -8.75 8.60
N GLU A 435 -24.99 -7.45 8.94
CA GLU A 435 -26.18 -6.70 9.32
C GLU A 435 -27.17 -6.64 8.17
N ARG A 436 -26.67 -6.45 6.95
CA ARG A 436 -27.58 -6.34 5.81
C ARG A 436 -28.18 -7.69 5.45
N THR A 437 -27.47 -8.80 5.71
CA THR A 437 -28.05 -10.12 5.50
C THR A 437 -29.19 -10.38 6.47
N LEU A 438 -29.00 -10.03 7.75
CA LEU A 438 -30.08 -10.21 8.71
C LEU A 438 -31.28 -9.33 8.37
N ASP A 439 -31.03 -8.09 7.94
CA ASP A 439 -32.14 -7.25 7.50
C ASP A 439 -32.80 -7.79 6.24
N PHE A 440 -32.03 -8.44 5.37
CA PHE A 440 -32.57 -9.10 4.19
C PHE A 440 -33.57 -10.17 4.60
N HIS A 441 -33.20 -10.98 5.59
CA HIS A 441 -34.13 -11.98 6.11
C HIS A 441 -35.40 -11.33 6.68
N ASP A 442 -35.23 -10.25 7.46
CA ASP A 442 -36.38 -9.55 8.03
C ASP A 442 -37.35 -9.09 6.94
N SER A 443 -36.80 -8.43 5.91
CA SER A 443 -37.64 -7.88 4.86
C SER A 443 -38.30 -8.96 4.03
N ASN A 444 -37.59 -10.08 3.79
CA ASN A 444 -38.21 -11.18 3.06
C ASN A 444 -39.38 -11.76 3.82
N VAL A 445 -39.24 -11.92 5.15
CA VAL A 445 -40.33 -12.47 5.94
C VAL A 445 -41.54 -11.52 5.92
N LYS A 446 -41.29 -10.21 6.07
CA LYS A 446 -42.39 -9.26 6.02
C LYS A 446 -43.05 -9.24 4.65
N ASN A 447 -42.25 -9.36 3.58
CA ASN A 447 -42.80 -9.40 2.23
C ASN A 447 -43.69 -10.62 2.04
N LEU A 448 -43.31 -11.75 2.62
CA LEU A 448 -44.16 -12.94 2.53
C LEU A 448 -45.47 -12.74 3.27
N TYR A 449 -45.41 -12.18 4.49
CA TYR A 449 -46.63 -11.89 5.23
C TYR A 449 -47.53 -10.95 4.45
N ASP A 450 -46.95 -10.00 3.74
CA ASP A 450 -47.78 -9.04 2.98
C ASP A 450 -48.35 -9.69 1.72
N LYS A 451 -47.57 -10.55 1.07
CA LYS A 451 -48.08 -11.29 -0.08
C LYS A 451 -49.32 -12.09 0.30
N VAL A 452 -49.26 -12.78 1.45
CA VAL A 452 -50.43 -13.52 1.90
C VAL A 452 -51.57 -12.57 2.28
N ARG A 453 -51.26 -11.48 2.98
CA ARG A 453 -52.29 -10.52 3.35
C ARG A 453 -53.03 -10.01 2.12
N LEU A 454 -52.31 -9.81 1.01
CA LEU A 454 -52.94 -9.31 -0.21
C LEU A 454 -53.61 -10.42 -1.01
N GLN A 455 -53.26 -11.68 -0.78
CA GLN A 455 -54.04 -12.76 -1.37
C GLN A 455 -55.41 -12.90 -0.72
N LEU A 456 -55.50 -12.66 0.59
CA LEU A 456 -56.71 -12.92 1.37
C LEU A 456 -57.60 -11.70 1.54
N ARG A 457 -57.01 -10.56 1.89
CA ARG A 457 -57.72 -9.30 2.17
C ARG A 457 -58.81 -9.59 3.20
N ASP A 458 -60.08 -9.22 2.97
CA ASP A 458 -61.09 -9.38 4.00
C ASP A 458 -61.77 -10.75 3.98
N ASN A 459 -61.16 -11.74 3.34
CA ASN A 459 -61.56 -13.12 3.55
C ASN A 459 -60.89 -13.73 4.78
N ALA A 460 -60.11 -12.93 5.49
CA ALA A 460 -59.36 -13.37 6.66
C ALA A 460 -59.16 -12.17 7.57
N LYS A 461 -58.97 -12.46 8.85
CA LYS A 461 -58.66 -11.45 9.85
C LYS A 461 -57.19 -11.56 10.21
N GLU A 462 -56.50 -10.42 10.21
CA GLU A 462 -55.16 -10.39 10.76
C GLU A 462 -55.24 -10.59 12.26
N LEU A 463 -54.36 -11.43 12.78
CA LEU A 463 -54.39 -11.75 14.21
C LEU A 463 -53.28 -11.05 14.98
N GLY A 464 -52.30 -10.48 14.31
CA GLY A 464 -51.29 -9.65 14.94
C GLY A 464 -50.03 -10.38 15.33
N ASN A 465 -49.92 -11.67 15.04
CA ASN A 465 -48.76 -12.46 15.40
C ASN A 465 -48.13 -13.17 14.21
N GLY A 466 -48.47 -12.75 12.99
CA GLY A 466 -48.04 -13.44 11.80
C GLY A 466 -49.08 -14.37 11.22
N CYS A 467 -50.20 -14.56 11.90
CA CYS A 467 -51.24 -15.49 11.47
C CYS A 467 -52.47 -14.74 10.99
N PHE A 468 -53.11 -15.31 9.99
CA PHE A 468 -54.42 -14.90 9.52
C PHE A 468 -55.43 -15.97 9.92
N GLU A 469 -56.65 -15.55 10.16
CA GLU A 469 -57.75 -16.44 10.52
C GLU A 469 -58.78 -16.37 9.41
N PHE A 470 -59.11 -17.51 8.83
CA PHE A 470 -59.97 -17.51 7.66
C PHE A 470 -61.42 -17.32 8.04
N TYR A 471 -62.13 -16.51 7.26
CA TYR A 471 -63.57 -16.32 7.40
C TYR A 471 -64.35 -17.38 6.64
N HIS A 472 -63.65 -18.36 6.06
CA HIS A 472 -64.25 -19.53 5.45
C HIS A 472 -63.42 -20.75 5.81
N LYS A 473 -63.84 -21.91 5.30
CA LYS A 473 -63.06 -23.13 5.43
C LYS A 473 -62.08 -23.23 4.28
N CYS A 474 -60.82 -23.56 4.59
CA CYS A 474 -59.74 -23.57 3.61
C CYS A 474 -59.09 -24.95 3.66
N ASP A 475 -59.48 -25.83 2.74
CA ASP A 475 -58.93 -27.19 2.70
C ASP A 475 -57.49 -27.16 2.21
N ASN A 476 -56.80 -28.31 2.25
CA ASN A 476 -55.38 -28.31 1.93
C ASN A 476 -55.11 -27.93 0.48
N GLU A 477 -56.12 -28.04 -0.39
CA GLU A 477 -55.97 -27.46 -1.71
C GLU A 477 -56.04 -25.95 -1.65
N CYS A 478 -56.98 -25.42 -0.86
CA CYS A 478 -57.01 -23.98 -0.61
C CYS A 478 -55.71 -23.53 0.08
N MET A 479 -55.19 -24.34 1.01
CA MET A 479 -53.97 -23.96 1.72
C MET A 479 -52.76 -23.89 0.79
N GLU A 480 -52.45 -25.00 0.08
CA GLU A 480 -51.31 -24.88 -0.83
C GLU A 480 -51.63 -24.00 -2.02
N SER A 481 -52.88 -23.59 -2.18
CA SER A 481 -53.17 -22.51 -3.10
C SER A 481 -52.74 -21.17 -2.51
N VAL A 482 -52.86 -21.01 -1.19
CA VAL A 482 -52.31 -19.81 -0.56
C VAL A 482 -50.79 -19.82 -0.65
N ARG A 483 -50.16 -21.00 -0.61
CA ARG A 483 -48.70 -21.02 -0.67
C ARG A 483 -48.20 -20.87 -2.11
N ASN A 484 -48.87 -21.51 -3.06
CA ASN A 484 -48.50 -21.51 -4.47
C ASN A 484 -48.80 -20.18 -5.17
N GLY A 485 -49.38 -19.21 -4.48
CA GLY A 485 -49.72 -17.97 -5.13
C GLY A 485 -51.10 -17.97 -5.74
N THR A 486 -51.92 -18.96 -5.40
CA THR A 486 -53.15 -19.25 -6.12
C THR A 486 -54.38 -19.20 -5.23
N TYR A 487 -54.61 -18.08 -4.55
CA TYR A 487 -55.84 -17.93 -3.77
C TYR A 487 -56.86 -17.14 -4.57
N ASP A 488 -58.12 -17.60 -4.53
CA ASP A 488 -59.20 -17.02 -5.31
C ASP A 488 -60.06 -16.18 -4.37
N TYR A 489 -59.82 -14.85 -4.35
CA TYR A 489 -60.56 -14.00 -3.44
C TYR A 489 -62.04 -13.87 -3.81
N PRO A 490 -62.42 -13.52 -5.04
CA PRO A 490 -63.85 -13.43 -5.35
C PRO A 490 -64.60 -14.74 -5.22
N GLN A 491 -63.91 -15.88 -5.11
CA GLN A 491 -64.62 -17.15 -5.00
C GLN A 491 -65.22 -17.35 -3.62
N TYR A 492 -64.41 -17.20 -2.58
CA TYR A 492 -64.81 -17.40 -1.20
C TYR A 492 -65.46 -16.15 -0.63
N SER A 493 -65.71 -15.20 -1.51
CA SER A 493 -66.01 -13.81 -1.15
C SER A 493 -67.20 -13.70 -0.23
N GLU A 494 -68.09 -14.68 -0.24
CA GLU A 494 -69.32 -14.65 0.56
C GLU A 494 -69.39 -15.65 1.68
N GLU A 495 -68.77 -16.83 1.53
CA GLU A 495 -68.47 -17.62 2.72
C GLU A 495 -67.72 -16.77 3.74
N ALA A 496 -66.83 -15.90 3.24
CA ALA A 496 -66.17 -14.90 4.06
C ALA A 496 -67.15 -13.82 4.48
N ARG A 497 -68.03 -13.36 3.54
CA ARG A 497 -68.97 -12.27 3.80
C ARG A 497 -69.88 -12.59 4.96
N LEU A 498 -70.50 -13.75 4.90
CA LEU A 498 -71.54 -14.04 5.85
C LEU A 498 -70.96 -14.33 7.23
N LYS A 499 -69.85 -15.06 7.28
CA LYS A 499 -69.23 -15.30 8.58
C LYS A 499 -68.60 -14.02 9.13
N ARG A 500 -68.21 -13.07 8.28
CA ARG A 500 -67.65 -11.83 8.80
C ARG A 500 -68.74 -10.96 9.42
N GLU A 501 -69.91 -10.88 8.79
CA GLU A 501 -70.95 -10.10 9.44
C GLU A 501 -71.69 -10.87 10.55
N GLU A 502 -71.34 -12.12 10.77
CA GLU A 502 -71.96 -13.01 11.76
C GLU A 502 -71.05 -13.19 12.97
N ILE A 503 -70.59 -12.08 13.54
CA ILE A 503 -69.50 -12.08 14.51
C ILE A 503 -69.93 -11.41 15.81
N SER A 504 -70.19 -12.21 16.84
CA SER A 504 -70.32 -11.74 18.21
C SER A 504 -69.63 -12.75 19.10
N GLY A 505 -68.90 -12.29 20.12
CA GLY A 505 -68.68 -10.87 20.37
C GLY A 505 -67.73 -10.68 21.53
N SER B 1 -62.32 8.79 21.25
CA SER B 1 -61.81 10.04 21.81
C SER B 1 -60.41 9.86 22.40
N ASP B 2 -60.15 8.70 23.00
CA ASP B 2 -58.83 8.44 23.55
C ASP B 2 -57.85 8.16 22.42
N GLN B 3 -56.60 8.60 22.59
CA GLN B 3 -55.63 8.48 21.51
C GLN B 3 -54.27 8.07 22.03
N ILE B 4 -53.50 7.41 21.16
CA ILE B 4 -52.09 7.11 21.43
C ILE B 4 -51.31 7.35 20.14
N CYS B 5 -50.17 8.04 20.25
CA CYS B 5 -49.38 8.41 19.09
C CYS B 5 -47.96 7.88 19.20
N ILE B 6 -47.37 7.58 18.04
CA ILE B 6 -45.98 7.15 17.93
C ILE B 6 -45.14 8.33 17.47
N GLY B 7 -43.99 8.54 18.11
CA GLY B 7 -43.12 9.63 17.74
C GLY B 7 -41.69 9.35 18.14
N TYR B 8 -40.84 10.35 17.93
CA TYR B 8 -39.41 10.17 18.12
C TYR B 8 -38.78 11.43 18.68
N HIS B 9 -37.56 11.25 19.19
CA HIS B 9 -36.84 12.31 19.89
C HIS B 9 -36.46 13.45 18.96
N ALA B 10 -36.52 14.66 19.50
CA ALA B 10 -35.98 15.85 18.84
C ALA B 10 -35.35 16.75 19.89
N ASN B 11 -34.49 17.66 19.44
CA ASN B 11 -33.87 18.63 20.32
C ASN B 11 -33.45 19.83 19.48
N ASN B 12 -32.67 20.72 20.07
CA ASN B 12 -32.29 21.96 19.40
C ASN B 12 -30.92 21.88 18.72
N SER B 13 -30.25 20.73 18.76
CA SER B 13 -28.93 20.59 18.17
C SER B 13 -28.94 21.02 16.70
N THR B 14 -27.87 21.70 16.28
CA THR B 14 -27.67 22.08 14.90
C THR B 14 -26.54 21.30 14.23
N GLU B 15 -25.93 20.35 14.92
CA GLU B 15 -24.87 19.55 14.33
C GLU B 15 -25.36 18.85 13.07
N GLN B 16 -24.54 18.89 12.02
CA GLN B 16 -24.88 18.31 10.73
C GLN B 16 -23.97 17.15 10.38
N VAL B 17 -24.48 16.23 9.56
CA VAL B 17 -23.69 15.16 8.97
C VAL B 17 -24.04 15.06 7.50
N ASP B 18 -23.20 14.35 6.77
CA ASP B 18 -23.45 14.02 5.37
C ASP B 18 -23.69 12.52 5.26
N THR B 19 -24.59 12.14 4.36
CA THR B 19 -24.75 10.76 3.96
C THR B 19 -24.33 10.64 2.50
N ILE B 20 -24.28 9.40 2.00
CA ILE B 20 -23.92 9.23 0.61
C ILE B 20 -24.97 9.83 -0.32
N MET B 21 -26.21 10.05 0.14
CA MET B 21 -27.27 10.59 -0.70
C MET B 21 -27.69 12.00 -0.31
N GLU B 22 -27.38 12.46 0.91
CA GLU B 22 -27.82 13.75 1.39
C GLU B 22 -26.65 14.50 2.02
N LYS B 23 -26.64 15.82 1.85
CA LYS B 23 -25.62 16.67 2.42
C LYS B 23 -26.24 17.58 3.47
N ASN B 24 -25.43 17.95 4.46
CA ASN B 24 -25.79 18.92 5.49
C ASN B 24 -27.12 18.55 6.16
N VAL B 25 -27.18 17.33 6.69
CA VAL B 25 -28.37 16.83 7.35
C VAL B 25 -28.25 17.09 8.86
N THR B 26 -29.18 17.87 9.40
CA THR B 26 -29.16 18.19 10.82
C THR B 26 -29.63 16.97 11.63
N VAL B 27 -28.89 16.67 12.70
CA VAL B 27 -29.17 15.51 13.54
C VAL B 27 -29.12 15.95 15.01
N THR B 28 -29.57 15.05 15.88
CA THR B 28 -29.64 15.37 17.31
C THR B 28 -28.29 15.18 18.00
N HIS B 29 -27.45 14.29 17.49
CA HIS B 29 -26.13 14.08 18.07
C HIS B 29 -25.21 13.51 17.00
N ALA B 30 -23.93 13.91 17.06
CA ALA B 30 -22.93 13.47 16.11
C ALA B 30 -21.60 13.31 16.82
N GLN B 31 -20.67 12.64 16.15
CA GLN B 31 -19.35 12.38 16.74
C GLN B 31 -18.30 12.37 15.65
N ASP B 32 -17.27 13.20 15.81
CA ASP B 32 -16.15 13.20 14.87
C ASP B 32 -15.16 12.11 15.28
N ILE B 33 -14.77 11.28 14.31
CA ILE B 33 -13.77 10.24 14.54
C ILE B 33 -12.42 10.62 13.96
N LEU B 34 -12.26 11.85 13.48
CA LEU B 34 -10.99 12.34 12.96
C LEU B 34 -10.27 13.13 14.05
N GLU B 35 -9.09 12.65 14.44
CA GLU B 35 -8.27 13.35 15.41
C GLU B 35 -7.61 14.55 14.75
N LYS B 36 -7.81 15.74 15.34
CA LYS B 36 -7.27 16.96 14.77
C LYS B 36 -6.45 17.81 15.74
N THR B 37 -6.26 17.38 16.99
CA THR B 37 -5.61 18.20 18.00
C THR B 37 -4.33 17.53 18.48
N HIS B 38 -3.33 18.37 18.80
CA HIS B 38 -2.06 17.91 19.34
C HIS B 38 -1.62 18.85 20.45
N ASN B 39 -0.75 18.34 21.33
CA ASN B 39 -0.33 19.09 22.51
C ASN B 39 0.80 20.08 22.24
N GLY B 40 1.30 20.15 21.01
CA GLY B 40 2.31 21.13 20.67
C GLY B 40 3.66 20.93 21.34
N LYS B 41 4.03 19.69 21.62
CA LYS B 41 5.21 19.38 22.41
C LYS B 41 5.83 18.08 21.93
N LEU B 42 7.11 17.93 22.19
CA LEU B 42 7.82 16.67 21.97
C LEU B 42 7.83 15.92 23.30
N CYS B 43 7.41 14.67 23.28
CA CYS B 43 7.18 13.91 24.50
C CYS B 43 7.99 12.62 24.49
N ASP B 44 8.08 12.01 25.67
CA ASP B 44 8.53 10.62 25.73
C ASP B 44 7.62 9.74 24.89
N LEU B 45 8.16 8.65 24.39
CA LEU B 45 7.43 7.69 23.58
C LEU B 45 7.37 6.38 24.34
N ASN B 46 6.17 6.04 24.83
CA ASN B 46 5.96 4.85 25.66
C ASN B 46 6.93 4.82 26.84
N GLY B 47 7.10 5.98 27.48
CA GLY B 47 7.89 6.08 28.68
C GLY B 47 9.37 6.36 28.48
N VAL B 48 9.85 6.35 27.23
CA VAL B 48 11.27 6.53 26.94
C VAL B 48 11.47 7.91 26.32
N LYS B 49 12.37 8.70 26.91
CA LYS B 49 12.63 10.03 26.41
C LYS B 49 13.30 9.98 25.04
N PRO B 50 13.11 10.99 24.21
CA PRO B 50 13.89 11.10 22.98
C PRO B 50 15.28 11.67 23.25
N LEU B 51 16.20 11.35 22.35
CA LEU B 51 17.50 11.99 22.33
C LEU B 51 17.39 13.27 21.50
N ILE B 52 17.45 14.40 22.15
CA ILE B 52 17.32 15.65 21.46
C ILE B 52 18.65 16.32 21.22
N LEU B 53 19.14 16.24 20.01
CA LEU B 53 20.36 16.90 19.71
C LEU B 53 19.90 18.29 19.46
N LYS B 54 20.56 19.24 20.03
CA LYS B 54 20.11 20.57 19.89
C LYS B 54 20.49 21.16 18.59
N ASP B 55 21.70 21.60 18.51
CA ASP B 55 22.15 22.16 17.29
C ASP B 55 23.25 21.35 16.71
N CYS B 56 23.30 20.09 17.07
CA CYS B 56 24.30 19.20 16.61
C CYS B 56 23.65 18.14 15.77
N SER B 57 24.36 17.66 14.80
CA SER B 57 24.00 16.51 14.00
C SER B 57 24.50 15.24 14.69
N VAL B 58 23.99 14.10 14.23
CA VAL B 58 24.47 12.82 14.74
C VAL B 58 25.98 12.70 14.52
N ALA B 59 26.47 13.19 13.37
CA ALA B 59 27.90 13.12 13.09
C ALA B 59 28.71 13.96 14.09
N GLY B 60 28.29 15.21 14.31
CA GLY B 60 29.02 16.05 15.25
C GLY B 60 28.94 15.54 16.68
N TRP B 61 27.79 14.99 17.06
CA TRP B 61 27.65 14.38 18.37
C TRP B 61 28.58 13.19 18.53
N LEU B 62 28.59 12.29 17.55
CA LEU B 62 29.38 11.06 17.65
C LEU B 62 30.87 11.37 17.64
N LEU B 63 31.33 12.12 16.65
CA LEU B 63 32.77 12.41 16.55
C LEU B 63 33.23 13.39 17.61
N GLY B 64 32.31 14.12 18.24
CA GLY B 64 32.70 15.03 19.28
C GLY B 64 33.13 16.40 18.79
N ASN B 65 32.35 16.99 17.88
CA ASN B 65 32.52 18.38 17.50
C ASN B 65 32.63 19.21 18.78
N PRO B 66 33.73 19.96 18.98
CA PRO B 66 33.95 20.60 20.27
C PRO B 66 32.86 21.58 20.68
N MET B 67 31.98 21.98 19.75
CA MET B 67 30.80 22.75 20.09
C MET B 67 29.62 21.88 20.51
N CYS B 68 29.74 20.57 20.37
CA CYS B 68 28.68 19.63 20.72
C CYS B 68 28.84 19.09 22.14
N ASP B 69 27.71 18.83 22.78
CA ASP B 69 27.75 18.20 24.08
C ASP B 69 28.09 16.72 23.89
N GLU B 70 28.36 16.03 25.00
CA GLU B 70 28.71 14.63 24.87
C GLU B 70 27.47 13.78 24.65
N PHE B 71 26.32 14.31 25.06
CA PHE B 71 25.06 13.59 25.14
C PHE B 71 25.26 12.18 25.71
N ILE B 72 25.97 12.16 26.85
CA ILE B 72 26.18 10.96 27.64
C ILE B 72 25.13 10.79 28.74
N ARG B 73 24.23 11.75 28.91
CA ARG B 73 23.32 11.75 30.03
C ARG B 73 22.05 10.95 29.78
N VAL B 74 21.76 10.61 28.53
CA VAL B 74 20.62 9.75 28.25
C VAL B 74 21.17 8.39 27.83
N PRO B 75 20.95 7.33 28.63
CA PRO B 75 21.49 6.01 28.28
C PRO B 75 20.60 5.21 27.35
N GLU B 76 19.42 5.74 27.04
CA GLU B 76 18.43 5.08 26.21
C GLU B 76 17.51 6.15 25.67
N TRP B 77 16.99 5.91 24.46
CA TRP B 77 16.06 6.86 23.86
C TRP B 77 15.21 6.13 22.83
N SER B 78 14.07 6.74 22.51
CA SER B 78 13.09 6.15 21.62
C SER B 78 13.17 6.70 20.20
N TYR B 79 13.61 7.95 20.05
CA TYR B 79 13.86 8.53 18.74
C TYR B 79 14.83 9.68 18.91
N ILE B 80 15.41 10.12 17.79
CA ILE B 80 16.36 11.23 17.77
C ILE B 80 15.67 12.43 17.17
N VAL B 81 15.89 13.60 17.76
CA VAL B 81 15.33 14.85 17.27
C VAL B 81 16.47 15.75 16.81
N GLU B 82 16.50 16.05 15.51
CA GLU B 82 17.42 17.00 14.93
C GLU B 82 16.66 18.26 14.51
N ARG B 83 17.36 19.38 14.47
CA ARG B 83 16.78 20.53 13.80
C ARG B 83 17.03 20.41 12.31
N ALA B 84 16.36 21.26 11.53
CA ALA B 84 16.35 21.09 10.08
C ALA B 84 17.76 21.17 9.51
N ASN B 85 18.55 22.15 9.96
CA ASN B 85 19.95 22.29 9.56
C ASN B 85 20.77 22.51 10.83
N PRO B 86 21.32 21.43 11.40
CA PRO B 86 22.13 21.59 12.61
C PRO B 86 23.38 22.42 12.35
N ALA B 87 23.67 23.33 13.28
CA ALA B 87 24.80 24.24 13.12
C ALA B 87 26.14 23.52 13.30
N ASN B 88 26.20 22.53 14.19
CA ASN B 88 27.46 21.87 14.54
C ASN B 88 27.40 20.47 13.94
N ASP B 89 28.18 20.28 12.88
CA ASP B 89 28.14 19.09 12.05
C ASP B 89 29.40 19.02 11.22
N LEU B 90 30.29 18.08 11.53
CA LEU B 90 31.49 17.86 10.74
C LEU B 90 32.21 19.18 10.49
N CYS B 91 32.79 19.71 11.57
CA CYS B 91 33.43 21.01 11.47
C CYS B 91 34.55 21.00 10.43
N TYR B 92 35.40 19.99 10.45
CA TYR B 92 36.33 19.77 9.36
C TYR B 92 35.60 19.09 8.20
N PRO B 93 35.63 19.66 7.00
CA PRO B 93 34.77 19.16 5.92
C PRO B 93 35.17 17.76 5.47
N GLY B 94 34.19 17.07 4.88
CA GLY B 94 34.41 15.71 4.44
C GLY B 94 33.13 14.89 4.42
N ASN B 95 33.20 13.68 4.96
CA ASN B 95 32.13 12.70 4.84
C ASN B 95 32.19 11.74 6.02
N LEU B 96 31.00 11.28 6.42
CA LEU B 96 30.86 10.13 7.31
C LEU B 96 30.19 9.03 6.51
N ASN B 97 30.88 7.90 6.35
CA ASN B 97 30.41 6.86 5.46
C ASN B 97 29.19 6.16 6.03
N ASP B 98 28.28 5.76 5.13
CA ASP B 98 27.02 5.11 5.50
C ASP B 98 26.30 5.89 6.60
N TYR B 99 26.28 7.22 6.45
CA TYR B 99 25.76 8.09 7.51
C TYR B 99 24.28 7.83 7.76
N GLU B 100 23.49 7.67 6.70
CA GLU B 100 22.05 7.49 6.86
C GLU B 100 21.74 6.16 7.54
N GLU B 101 22.43 5.09 7.14
CA GLU B 101 22.25 3.80 7.81
C GLU B 101 22.67 3.88 9.27
N LEU B 102 23.71 4.66 9.57
CA LEU B 102 24.14 4.82 10.95
C LEU B 102 23.08 5.56 11.77
N LYS B 103 22.50 6.62 11.20
CA LYS B 103 21.43 7.33 11.89
C LYS B 103 20.23 6.42 12.12
N HIS B 104 19.88 5.60 11.13
CA HIS B 104 18.79 4.65 11.31
C HIS B 104 19.11 3.66 12.43
N LEU B 105 20.36 3.18 12.47
CA LEU B 105 20.78 2.28 13.55
C LEU B 105 20.64 2.94 14.90
N LEU B 106 20.96 4.23 14.99
CA LEU B 106 20.93 4.97 16.24
C LEU B 106 19.59 5.59 16.56
N SER B 107 18.58 5.39 15.71
CA SER B 107 17.26 6.00 15.91
C SER B 107 16.72 5.68 17.30
N ARG B 108 16.72 4.41 17.67
CA ARG B 108 16.25 3.96 18.97
C ARG B 108 17.27 3.00 19.54
N ILE B 109 17.81 3.32 20.72
CA ILE B 109 18.87 2.55 21.34
C ILE B 109 18.42 2.12 22.73
N ASN B 110 18.62 0.84 23.05
CA ASN B 110 18.23 0.33 24.36
C ASN B 110 19.28 0.63 25.43
N HIS B 111 20.56 0.62 25.06
CA HIS B 111 21.58 1.06 26.01
C HIS B 111 22.72 1.71 25.23
N PHE B 112 23.22 2.83 25.76
CA PHE B 112 24.22 3.64 25.09
C PHE B 112 25.20 4.16 26.11
N GLU B 113 26.49 3.80 25.97
CA GLU B 113 27.49 4.21 26.95
C GLU B 113 28.80 4.55 26.27
N LYS B 114 29.26 5.78 26.44
CA LYS B 114 30.56 6.19 25.90
C LYS B 114 31.70 5.65 26.76
N ILE B 115 32.67 5.00 26.12
CA ILE B 115 33.81 4.42 26.84
C ILE B 115 35.10 4.78 26.12
N LEU B 116 36.19 4.86 26.90
CA LEU B 116 37.52 5.11 26.37
C LEU B 116 38.18 3.79 25.96
N ILE B 117 38.57 3.68 24.69
CA ILE B 117 39.17 2.46 24.18
C ILE B 117 40.65 2.64 23.80
N ILE B 118 41.04 3.80 23.29
CA ILE B 118 42.45 4.03 22.95
C ILE B 118 42.90 5.37 23.50
N PRO B 119 43.53 5.42 24.67
CA PRO B 119 44.01 6.69 25.21
C PRO B 119 45.22 7.20 24.43
N LYS B 120 45.46 8.50 24.57
CA LYS B 120 46.56 9.13 23.85
C LYS B 120 47.93 8.63 24.31
N SER B 121 48.00 7.96 25.46
CA SER B 121 49.24 7.32 25.85
C SER B 121 49.65 6.22 24.88
N SER B 122 48.73 5.76 24.03
CA SER B 122 49.03 4.73 23.04
C SER B 122 49.86 5.25 21.89
N TRP B 123 50.15 6.56 21.82
CA TRP B 123 50.88 7.17 20.70
C TRP B 123 52.12 7.88 21.22
N PRO B 124 53.10 7.15 21.77
CA PRO B 124 54.27 7.84 22.32
C PRO B 124 55.16 8.48 21.28
N ASP B 125 55.14 7.98 20.04
CA ASP B 125 56.01 8.47 18.98
C ASP B 125 55.28 9.35 17.97
N HIS B 126 54.08 9.81 18.29
CA HIS B 126 53.33 10.68 17.40
C HIS B 126 52.80 11.87 18.20
N GLU B 127 52.62 13.00 17.51
CA GLU B 127 52.04 14.18 18.12
C GLU B 127 50.53 14.01 18.19
N THR B 128 49.96 14.28 19.37
CA THR B 128 48.54 14.07 19.59
C THR B 128 47.76 15.35 19.84
N SER B 129 48.43 16.50 19.96
CA SER B 129 47.77 17.75 20.30
C SER B 129 47.91 18.84 19.25
N LEU B 130 48.53 18.55 18.11
CA LEU B 130 48.68 19.54 17.05
C LEU B 130 47.62 19.39 15.97
N GLY B 131 46.76 18.38 16.08
CA GLY B 131 45.70 18.17 15.10
C GLY B 131 44.54 19.11 15.35
N VAL B 132 44.65 20.32 14.84
CA VAL B 132 43.78 21.42 15.26
C VAL B 132 43.57 22.35 14.08
N SER B 133 42.34 22.83 13.91
CA SER B 133 41.98 23.59 12.72
C SER B 133 40.97 24.67 13.08
N ALA B 134 41.05 25.79 12.35
CA ALA B 134 40.06 26.86 12.51
C ALA B 134 38.68 26.45 12.03
N ALA B 135 38.58 25.37 11.24
CA ALA B 135 37.28 24.85 10.86
C ALA B 135 36.53 24.25 12.05
N CYS B 136 37.24 23.89 13.12
CA CYS B 136 36.67 23.27 14.30
C CYS B 136 36.93 24.15 15.52
N PRO B 137 36.27 25.30 15.62
CA PRO B 137 36.51 26.18 16.76
C PRO B 137 35.84 25.63 18.02
N TYR B 138 36.45 25.92 19.17
CA TYR B 138 35.83 25.59 20.45
C TYR B 138 35.25 26.84 21.09
N GLN B 139 36.10 27.80 21.45
CA GLN B 139 35.62 29.07 21.97
C GLN B 139 36.21 30.16 21.08
N GLY B 140 36.03 29.99 19.77
CA GLY B 140 36.64 30.85 18.79
C GLY B 140 38.07 30.50 18.45
N THR B 141 38.66 29.50 19.11
CA THR B 141 40.02 29.10 18.82
C THR B 141 40.04 27.73 18.15
N PRO B 142 41.02 27.49 17.27
CA PRO B 142 41.04 26.22 16.53
C PRO B 142 41.09 25.03 17.48
N SER B 143 40.29 24.01 17.15
CA SER B 143 40.23 22.77 17.92
C SER B 143 39.97 21.60 16.99
N PHE B 144 39.35 20.54 17.50
CA PHE B 144 39.12 19.34 16.71
C PHE B 144 38.07 18.48 17.39
N PHE B 145 37.58 17.48 16.67
CA PHE B 145 36.75 16.44 17.26
C PHE B 145 37.42 15.85 18.49
N ARG B 146 36.66 15.69 19.57
CA ARG B 146 37.23 15.27 20.85
C ARG B 146 37.35 13.76 20.99
N ASN B 147 36.47 13.00 20.35
CA ASN B 147 36.45 11.55 20.51
C ASN B 147 37.36 10.84 19.51
N VAL B 148 38.10 11.61 18.71
CA VAL B 148 38.98 11.09 17.68
C VAL B 148 40.23 11.96 17.71
N VAL B 149 41.35 11.38 17.28
CA VAL B 149 42.66 12.01 17.44
C VAL B 149 43.32 12.16 16.08
N TRP B 150 43.69 13.40 15.75
CA TRP B 150 44.40 13.72 14.51
C TRP B 150 45.90 13.56 14.80
N LEU B 151 46.45 12.42 14.43
CA LEU B 151 47.85 12.13 14.72
C LEU B 151 48.76 12.81 13.71
N ILE B 152 49.85 13.42 14.20
CA ILE B 152 50.79 14.16 13.38
C ILE B 152 52.20 13.69 13.71
N LYS B 153 53.09 13.82 12.73
CA LYS B 153 54.47 13.40 12.89
C LYS B 153 55.13 14.06 14.11
N LYS B 154 56.14 13.40 14.65
CA LYS B 154 56.89 13.84 15.81
C LYS B 154 58.37 13.71 15.51
N ASN B 155 59.12 14.78 15.71
CA ASN B 155 60.55 14.84 15.37
C ASN B 155 60.76 14.48 13.90
N ASP B 156 59.91 15.05 13.04
CA ASP B 156 59.97 14.83 11.59
C ASP B 156 59.91 13.35 11.23
N ALA B 157 59.15 12.57 12.00
CA ALA B 157 58.99 11.16 11.70
C ALA B 157 57.58 10.73 12.07
N TYR B 158 57.04 9.79 11.30
CA TYR B 158 55.72 9.20 11.53
C TYR B 158 55.91 7.69 11.44
N PRO B 159 56.28 7.04 12.54
CA PRO B 159 56.45 5.58 12.50
C PRO B 159 55.12 4.91 12.19
N THR B 160 55.22 3.71 11.63
CA THR B 160 54.01 2.98 11.27
C THR B 160 53.28 2.52 12.52
N ILE B 161 52.02 2.91 12.62
CA ILE B 161 51.14 2.56 13.72
C ILE B 161 50.57 1.17 13.48
N LYS B 162 50.66 0.31 14.49
CA LYS B 162 50.00 -0.98 14.50
C LYS B 162 49.39 -1.19 15.89
N ILE B 163 48.07 -1.13 15.98
CA ILE B 163 47.40 -1.22 17.26
C ILE B 163 46.14 -2.06 17.09
N SER B 164 45.69 -2.66 18.19
CA SER B 164 44.48 -3.46 18.17
C SER B 164 43.71 -3.23 19.46
N TYR B 165 42.40 -3.45 19.38
CA TYR B 165 41.54 -3.33 20.55
C TYR B 165 40.56 -4.50 20.53
N ASN B 166 40.53 -5.26 21.62
CA ASN B 166 39.63 -6.39 21.78
C ASN B 166 38.40 -5.93 22.54
N ASN B 167 37.22 -6.20 21.99
CA ASN B 167 35.99 -5.81 22.65
C ASN B 167 35.74 -6.71 23.85
N THR B 168 36.31 -6.35 25.00
CA THR B 168 36.13 -7.12 26.22
C THR B 168 34.82 -6.78 26.94
N ASN B 169 34.08 -5.79 26.45
CA ASN B 169 32.74 -5.56 26.95
C ASN B 169 31.82 -6.66 26.45
N ARG B 170 30.57 -6.63 26.90
CA ARG B 170 29.60 -7.65 26.51
C ARG B 170 28.48 -7.07 25.65
N GLU B 171 28.68 -5.86 25.14
CA GLU B 171 27.77 -5.24 24.19
C GLU B 171 28.55 -4.85 22.94
N ASP B 172 27.83 -4.71 21.83
CA ASP B 172 28.43 -4.22 20.59
C ASP B 172 29.08 -2.85 20.81
N LEU B 173 30.16 -2.59 20.09
CA LEU B 173 30.87 -1.32 20.15
C LEU B 173 30.74 -0.59 18.82
N LEU B 174 30.20 0.62 18.85
CA LEU B 174 30.25 1.49 17.69
C LEU B 174 31.60 2.21 17.69
N ILE B 175 32.42 1.95 16.67
CA ILE B 175 33.76 2.53 16.59
C ILE B 175 33.86 3.36 15.32
N LEU B 176 34.43 4.56 15.43
CA LEU B 176 34.62 5.47 14.32
C LEU B 176 36.08 5.85 14.18
N TRP B 177 36.50 6.04 12.93
CA TRP B 177 37.86 6.49 12.61
C TRP B 177 37.80 7.26 11.31
N GLY B 178 38.94 7.76 10.87
CA GLY B 178 38.91 8.53 9.64
C GLY B 178 40.27 8.60 8.98
N ILE B 179 40.27 9.22 7.80
CA ILE B 179 41.48 9.48 7.04
C ILE B 179 41.43 10.93 6.56
N HIS B 180 42.60 11.58 6.55
CA HIS B 180 42.71 12.98 6.16
C HIS B 180 43.27 13.08 4.74
N HIS B 181 42.50 13.68 3.85
CA HIS B 181 42.95 14.01 2.50
C HIS B 181 43.61 15.38 2.53
N SER B 182 44.94 15.40 2.41
CA SER B 182 45.73 16.61 2.35
C SER B 182 45.66 17.23 0.95
N ASN B 183 46.28 18.39 0.79
CA ASN B 183 46.10 19.20 -0.41
C ASN B 183 47.25 19.12 -1.39
N ASN B 184 48.48 18.87 -0.94
CA ASN B 184 49.63 18.82 -1.83
C ASN B 184 50.74 18.07 -1.13
N ALA B 185 51.79 17.75 -1.90
CA ALA B 185 52.90 16.97 -1.37
C ALA B 185 53.58 17.69 -0.21
N ALA B 186 53.64 19.02 -0.27
CA ALA B 186 54.30 19.78 0.79
C ALA B 186 53.54 19.67 2.10
N GLU B 187 52.21 19.86 2.06
CA GLU B 187 51.41 19.67 3.27
C GLU B 187 51.46 18.23 3.75
N GLN B 188 51.46 17.29 2.81
CA GLN B 188 51.56 15.88 3.18
C GLN B 188 52.81 15.63 4.01
N THR B 189 53.97 16.04 3.49
CA THR B 189 55.22 15.83 4.24
C THR B 189 55.29 16.68 5.49
N ASN B 190 54.61 17.83 5.52
CA ASN B 190 54.62 18.68 6.70
C ASN B 190 53.87 18.03 7.85
N LEU B 191 52.68 17.49 7.58
CA LEU B 191 51.88 16.90 8.64
C LEU B 191 52.36 15.49 8.99
N TYR B 192 52.52 14.64 7.99
CA TYR B 192 53.07 13.31 8.16
C TYR B 192 54.36 13.26 7.36
N LYS B 193 55.34 12.48 7.80
CA LYS B 193 56.61 12.56 7.06
C LYS B 193 56.54 11.83 5.73
N ASN B 194 55.78 10.75 5.69
CA ASN B 194 55.81 9.82 4.56
C ASN B 194 54.93 10.35 3.43
N PRO B 195 55.43 10.35 2.18
CA PRO B 195 54.63 10.92 1.09
C PRO B 195 53.47 10.04 0.65
N THR B 196 53.63 8.72 0.66
CA THR B 196 52.60 7.79 0.22
C THR B 196 52.18 6.92 1.40
N THR B 197 50.92 7.04 1.79
CA THR B 197 50.45 6.49 3.06
C THR B 197 49.16 5.70 2.85
N TYR B 198 48.71 5.05 3.94
CA TYR B 198 47.54 4.18 3.90
C TYR B 198 46.97 4.05 5.31
N VAL B 199 45.75 3.53 5.38
CA VAL B 199 45.10 3.15 6.64
C VAL B 199 44.41 1.81 6.42
N SER B 200 44.82 0.78 7.14
CA SER B 200 44.21 -0.54 7.08
C SER B 200 43.43 -0.80 8.36
N VAL B 201 42.20 -1.29 8.21
CA VAL B 201 41.33 -1.61 9.33
C VAL B 201 40.76 -3.02 9.11
N GLY B 202 40.85 -3.85 10.15
CA GLY B 202 40.37 -5.21 10.04
C GLY B 202 39.68 -5.76 11.27
N THR B 203 38.55 -6.43 11.08
CA THR B 203 37.91 -7.19 12.15
C THR B 203 37.68 -8.62 11.68
N SER B 204 36.67 -9.29 12.24
CA SER B 204 36.26 -10.57 11.68
C SER B 204 35.54 -10.39 10.35
N THR B 205 34.87 -9.25 10.15
CA THR B 205 34.12 -8.98 8.94
C THR B 205 34.61 -7.79 8.13
N LEU B 206 35.33 -6.85 8.75
CA LEU B 206 35.81 -5.67 8.07
C LEU B 206 37.20 -5.89 7.50
N ASN B 207 37.41 -5.43 6.26
CA ASN B 207 38.68 -5.57 5.55
C ASN B 207 38.84 -4.33 4.66
N GLN B 208 39.27 -3.23 5.29
CA GLN B 208 39.24 -1.92 4.67
C GLN B 208 40.65 -1.37 4.49
N ARG B 209 40.89 -0.73 3.35
CA ARG B 209 42.12 0.01 3.09
C ARG B 209 41.76 1.36 2.49
N LEU B 210 42.27 2.43 3.12
CA LEU B 210 42.02 3.80 2.70
C LEU B 210 43.34 4.45 2.30
N VAL B 211 43.33 5.17 1.19
CA VAL B 211 44.49 5.89 0.68
C VAL B 211 44.10 7.35 0.54
N PRO B 212 44.93 8.30 0.99
CA PRO B 212 44.57 9.72 0.86
C PRO B 212 44.54 10.16 -0.60
N LYS B 213 43.56 10.99 -0.92
CA LYS B 213 43.43 11.61 -2.24
C LYS B 213 44.02 13.02 -2.13
N ILE B 214 45.26 13.18 -2.58
CA ILE B 214 45.96 14.46 -2.49
C ILE B 214 45.65 15.23 -3.78
N ALA B 215 44.76 16.22 -3.68
CA ALA B 215 44.24 16.89 -4.87
C ALA B 215 43.71 18.27 -4.48
N THR B 216 43.47 19.09 -5.50
CA THR B 216 42.95 20.43 -5.33
C THR B 216 41.44 20.41 -5.14
N ARG B 217 40.95 21.07 -4.09
CA ARG B 217 39.53 21.19 -3.81
C ARG B 217 39.18 22.62 -3.47
N SER B 218 37.87 22.88 -3.39
CA SER B 218 37.35 24.17 -2.98
C SER B 218 37.40 24.32 -1.46
N GLN B 219 37.42 25.57 -1.01
CA GLN B 219 37.41 25.86 0.42
C GLN B 219 36.03 25.59 1.00
N VAL B 220 36.00 24.86 2.12
CA VAL B 220 34.80 24.66 2.91
C VAL B 220 35.18 24.86 4.37
N ASN B 221 34.47 25.76 5.06
CA ASN B 221 34.86 26.20 6.40
C ASN B 221 36.33 26.60 6.44
N GLY B 222 36.79 27.22 5.35
CA GLY B 222 38.15 27.71 5.27
C GLY B 222 39.20 26.67 4.95
N GLN B 223 38.81 25.44 4.64
CA GLN B 223 39.76 24.36 4.40
C GLN B 223 39.49 23.71 3.05
N ARG B 224 40.56 23.47 2.29
CA ARG B 224 40.50 22.68 1.07
C ARG B 224 40.79 21.20 1.31
N GLY B 225 41.33 20.85 2.49
CA GLY B 225 41.50 19.46 2.84
C GLY B 225 40.18 18.82 3.23
N ARG B 226 40.20 17.49 3.32
CA ARG B 226 38.98 16.78 3.68
C ARG B 226 39.28 15.69 4.69
N MET B 227 38.24 15.21 5.36
CA MET B 227 38.37 14.07 6.26
C MET B 227 37.21 13.13 6.04
N ASP B 228 37.51 11.89 5.65
CA ASP B 228 36.51 10.87 5.42
C ASP B 228 36.48 9.94 6.62
N PHE B 229 35.32 9.84 7.27
CA PHE B 229 35.16 9.04 8.45
C PHE B 229 34.36 7.77 8.14
N PHE B 230 34.67 6.72 8.89
CA PHE B 230 34.09 5.40 8.71
C PHE B 230 33.79 4.81 10.08
N TRP B 231 32.87 3.84 10.10
CA TRP B 231 32.41 3.27 11.35
C TRP B 231 32.16 1.78 11.19
N THR B 232 32.23 1.08 12.31
CA THR B 232 31.90 -0.35 12.33
C THR B 232 31.30 -0.70 13.69
N ILE B 233 30.61 -1.83 13.71
CA ILE B 233 30.09 -2.43 14.93
C ILE B 233 30.98 -3.61 15.27
N LEU B 234 31.77 -3.46 16.32
CA LEU B 234 32.66 -4.53 16.80
C LEU B 234 31.88 -5.37 17.78
N LYS B 235 31.65 -6.64 17.42
CA LYS B 235 30.88 -7.52 18.27
C LYS B 235 31.74 -7.96 19.46
N PRO B 236 31.09 -8.34 20.58
CA PRO B 236 31.86 -8.79 21.75
C PRO B 236 32.79 -9.93 21.38
N ASN B 237 33.99 -9.90 21.97
CA ASN B 237 35.07 -10.88 21.80
C ASN B 237 35.76 -10.78 20.46
N ASP B 238 35.35 -9.85 19.59
CA ASP B 238 36.10 -9.54 18.38
C ASP B 238 37.05 -8.37 18.62
N ALA B 239 38.11 -8.32 17.82
CA ALA B 239 39.11 -7.27 17.92
C ALA B 239 39.19 -6.49 16.61
N ILE B 240 39.49 -5.21 16.73
CA ILE B 240 39.72 -4.33 15.60
C ILE B 240 41.21 -4.05 15.51
N HIS B 241 41.75 -4.14 14.30
CA HIS B 241 43.18 -3.98 14.05
C HIS B 241 43.38 -2.80 13.11
N PHE B 242 44.14 -1.81 13.57
CA PHE B 242 44.49 -0.63 12.81
C PHE B 242 45.97 -0.64 12.46
N GLU B 243 46.28 -0.22 11.23
CA GLU B 243 47.65 -0.02 10.80
C GLU B 243 47.69 1.20 9.88
N SER B 244 48.70 2.05 10.07
CA SER B 244 48.77 3.24 9.21
C SER B 244 50.12 3.91 9.34
N ASN B 245 50.61 4.47 8.23
CA ASN B 245 51.84 5.26 8.23
C ASN B 245 51.58 6.73 7.92
N GLY B 246 50.38 7.21 8.15
CA GLY B 246 50.07 8.61 7.96
C GLY B 246 48.60 8.83 7.64
N ASN B 247 48.15 10.07 7.88
CA ASN B 247 46.79 10.55 7.58
C ASN B 247 45.71 9.87 8.40
N PHE B 248 46.08 9.15 9.46
CA PHE B 248 45.13 8.37 10.24
C PHE B 248 44.48 9.26 11.30
N ILE B 249 43.16 9.30 11.31
CA ILE B 249 42.39 9.94 12.38
C ILE B 249 41.89 8.82 13.28
N ALA B 250 42.61 8.59 14.38
CA ALA B 250 42.44 7.39 15.19
C ALA B 250 41.31 7.53 16.20
N PRO B 251 40.61 6.44 16.50
CA PRO B 251 39.61 6.50 17.57
C PRO B 251 40.27 6.65 18.94
N GLU B 252 39.57 7.38 19.82
CA GLU B 252 39.88 7.38 21.25
C GLU B 252 38.71 6.87 22.06
N TYR B 253 37.52 7.43 21.86
CA TYR B 253 36.30 6.94 22.50
C TYR B 253 35.46 6.15 21.52
N ALA B 254 34.68 5.22 22.07
CA ALA B 254 33.71 4.43 21.32
C ALA B 254 32.44 4.34 22.14
N TYR B 255 31.44 3.63 21.62
CA TYR B 255 30.12 3.59 22.23
C TYR B 255 29.65 2.15 22.37
N LYS B 256 29.48 1.70 23.61
CA LYS B 256 28.74 0.48 23.89
C LYS B 256 27.29 0.66 23.50
N ILE B 257 26.76 -0.32 22.79
CA ILE B 257 25.49 -0.23 22.07
C ILE B 257 24.67 -1.48 22.34
N VAL B 258 23.43 -1.30 22.79
CA VAL B 258 22.46 -2.38 22.90
C VAL B 258 21.22 -1.92 22.16
N LYS B 259 20.85 -2.67 21.12
CA LYS B 259 19.75 -2.31 20.23
C LYS B 259 18.66 -3.38 20.30
N LYS B 260 17.41 -2.93 20.42
CA LYS B 260 16.27 -3.84 20.48
C LYS B 260 15.14 -3.46 19.53
N GLY B 261 15.13 -2.25 18.99
CA GLY B 261 14.10 -1.84 18.08
C GLY B 261 14.61 -0.70 17.22
N ASP B 262 13.89 -0.40 16.18
CA ASP B 262 14.30 0.67 15.35
C ASP B 262 13.33 1.81 15.35
N SER B 263 13.84 2.87 14.73
CA SER B 263 13.00 4.05 14.71
C SER B 263 13.50 4.95 13.58
N THR B 264 13.23 6.24 13.76
CA THR B 264 13.69 7.19 12.78
C THR B 264 14.16 8.49 13.38
N ILE B 265 14.65 9.40 12.57
CA ILE B 265 15.08 10.72 13.01
C ILE B 265 13.99 11.72 12.67
N MET B 266 13.57 12.49 13.67
CA MET B 266 12.53 13.50 13.50
C MET B 266 13.18 14.87 13.40
N LYS B 267 12.78 15.64 12.38
CA LYS B 267 13.24 17.02 12.21
C LYS B 267 12.19 17.94 12.83
N SER B 268 12.56 18.62 13.91
CA SER B 268 11.62 19.48 14.61
C SER B 268 12.38 20.47 15.48
N GLU B 269 11.79 21.67 15.63
CA GLU B 269 12.29 22.68 16.56
C GLU B 269 11.38 22.84 17.76
N VAL B 270 10.30 22.05 17.85
CA VAL B 270 9.43 22.09 19.02
C VAL B 270 10.21 21.58 20.23
N GLU B 271 9.80 22.03 21.40
CA GLU B 271 10.56 21.79 22.63
C GLU B 271 10.00 20.61 23.39
N TYR B 272 10.85 20.05 24.25
CA TYR B 272 10.45 18.91 25.05
C TYR B 272 9.45 19.37 26.10
N GLY B 273 8.42 18.58 26.33
CA GLY B 273 7.33 19.05 27.17
C GLY B 273 7.10 18.21 28.41
N HIS B 274 8.07 17.36 28.74
CA HIS B 274 8.01 16.52 29.94
C HIS B 274 6.68 15.76 29.99
N CYS B 275 6.27 15.26 28.84
CA CYS B 275 5.03 14.53 28.65
C CYS B 275 5.33 13.13 28.16
N ASN B 276 4.29 12.30 28.10
CA ASN B 276 4.38 10.98 27.52
C ASN B 276 3.30 10.81 26.47
N THR B 277 3.58 9.97 25.48
CA THR B 277 2.64 9.77 24.38
C THR B 277 2.91 8.44 23.72
N LYS B 278 1.93 7.99 22.94
CA LYS B 278 2.07 6.82 22.09
C LYS B 278 2.27 7.18 20.62
N CYS B 279 2.09 8.45 20.27
CA CYS B 279 2.20 8.89 18.88
C CYS B 279 2.72 10.31 18.85
N GLN B 280 3.91 10.51 18.27
CA GLN B 280 4.56 11.80 18.22
C GLN B 280 4.62 12.30 16.78
N THR B 281 4.34 13.59 16.59
CA THR B 281 4.51 14.29 15.33
C THR B 281 5.50 15.43 15.53
N PRO B 282 6.10 15.94 14.44
CA PRO B 282 7.08 17.03 14.59
C PRO B 282 6.50 18.34 15.11
N ILE B 283 5.17 18.47 15.19
CA ILE B 283 4.56 19.69 15.72
C ILE B 283 3.83 19.45 17.03
N GLY B 284 3.76 18.21 17.51
CA GLY B 284 3.11 17.92 18.76
C GLY B 284 2.71 16.46 18.84
N ALA B 285 2.41 16.03 20.06
CA ALA B 285 2.02 14.65 20.31
C ALA B 285 0.50 14.48 20.19
N ILE B 286 0.07 13.22 20.03
CA ILE B 286 -1.32 12.88 19.85
C ILE B 286 -1.72 11.84 20.91
N ASN B 287 -2.79 12.13 21.65
CA ASN B 287 -3.39 11.20 22.60
C ASN B 287 -4.79 10.91 22.09
N SER B 288 -4.97 9.77 21.42
CA SER B 288 -6.24 9.52 20.74
C SER B 288 -6.43 8.03 20.50
N SER B 289 -7.67 7.59 20.66
CA SER B 289 -8.10 6.26 20.24
C SER B 289 -8.75 6.29 18.86
N MET B 290 -8.84 7.46 18.25
CA MET B 290 -9.51 7.59 16.97
C MET B 290 -8.73 6.87 15.87
N PRO B 291 -9.43 6.37 14.84
CA PRO B 291 -8.75 5.61 13.79
C PRO B 291 -8.07 6.47 12.74
N PHE B 292 -8.36 7.76 12.67
CA PHE B 292 -7.82 8.63 11.64
C PHE B 292 -7.37 9.95 12.24
N HIS B 293 -6.39 10.57 11.60
CA HIS B 293 -5.93 11.91 11.98
C HIS B 293 -5.50 12.65 10.72
N ASN B 294 -5.36 13.98 10.84
CA ASN B 294 -4.96 14.83 9.74
C ASN B 294 -3.87 15.82 10.15
N ILE B 295 -3.09 15.48 11.17
CA ILE B 295 -2.19 16.46 11.79
C ILE B 295 -0.89 16.58 11.00
N HIS B 296 -0.23 15.45 10.73
CA HIS B 296 1.11 15.46 10.14
C HIS B 296 1.49 14.06 9.66
N PRO B 297 2.16 13.95 8.50
CA PRO B 297 2.51 12.62 7.99
C PRO B 297 3.70 11.96 8.66
N LEU B 298 4.68 12.75 9.14
CA LEU B 298 5.94 12.19 9.64
C LEU B 298 5.82 11.86 11.13
N THR B 299 5.06 10.81 11.41
CA THR B 299 4.78 10.42 12.78
C THR B 299 5.65 9.23 13.22
N ILE B 300 5.82 9.12 14.54
CA ILE B 300 6.52 8.00 15.16
C ILE B 300 5.64 7.47 16.28
N GLY B 301 5.33 6.18 16.24
CA GLY B 301 4.59 5.54 17.31
C GLY B 301 3.40 4.76 16.77
N GLU B 302 2.40 4.57 17.64
CA GLU B 302 1.17 3.87 17.28
C GLU B 302 0.11 4.94 17.03
N CYS B 303 -0.01 5.35 15.77
CA CYS B 303 -0.77 6.51 15.39
C CYS B 303 -2.05 6.13 14.65
N PRO B 304 -3.05 7.01 14.63
CA PRO B 304 -4.18 6.81 13.72
C PRO B 304 -3.70 6.89 12.28
N LYS B 305 -4.57 6.46 11.37
CA LYS B 305 -4.24 6.49 9.95
C LYS B 305 -4.32 7.92 9.45
N TYR B 306 -3.25 8.39 8.81
CA TYR B 306 -3.20 9.76 8.32
C TYR B 306 -4.05 9.88 7.06
N VAL B 307 -4.98 10.83 7.06
CA VAL B 307 -5.89 11.04 5.95
C VAL B 307 -5.92 12.53 5.59
N LYS B 308 -6.37 12.81 4.37
CA LYS B 308 -6.56 14.20 3.91
C LYS B 308 -8.04 14.53 4.02
N SER B 309 -8.44 15.05 5.17
CA SER B 309 -9.82 15.38 5.44
C SER B 309 -9.88 16.33 6.62
N ASN B 310 -10.95 17.13 6.66
CA ASN B 310 -11.15 18.09 7.75
C ASN B 310 -12.10 17.57 8.82
N LYS B 311 -13.00 16.65 8.47
CA LYS B 311 -13.91 16.08 9.45
C LYS B 311 -14.42 14.75 8.95
N LEU B 312 -14.65 13.83 9.89
CA LEU B 312 -15.25 12.52 9.64
C LEU B 312 -16.32 12.35 10.71
N VAL B 313 -17.52 12.85 10.42
CA VAL B 313 -18.56 13.01 11.43
C VAL B 313 -19.62 11.93 11.23
N LEU B 314 -19.72 11.03 12.20
CA LEU B 314 -20.73 9.98 12.20
C LEU B 314 -21.97 10.46 12.93
N ALA B 315 -23.14 10.20 12.33
CA ALA B 315 -24.40 10.46 13.01
C ALA B 315 -24.63 9.42 14.09
N THR B 316 -24.94 9.88 15.30
CA THR B 316 -25.36 8.99 16.38
C THR B 316 -26.83 9.14 16.70
N GLY B 317 -27.32 10.37 16.84
CA GLY B 317 -28.71 10.63 17.12
C GLY B 317 -29.60 10.50 15.89
N LEU B 318 -30.74 11.19 15.96
CA LEU B 318 -31.78 11.09 14.94
C LEU B 318 -31.77 12.31 14.03
N ARG B 319 -32.43 12.17 12.89
CA ARG B 319 -32.70 13.33 12.04
C ARG B 319 -33.50 14.36 12.82
N ASN B 320 -33.08 15.61 12.75
CA ASN B 320 -33.63 16.68 13.58
C ASN B 320 -34.03 17.82 12.66
N SER B 321 -35.28 18.27 12.74
CA SER B 321 -35.77 19.36 11.88
C SER B 321 -36.41 20.49 12.68
N PRO B 322 -35.64 21.17 13.55
CA PRO B 322 -36.27 22.36 14.14
C PRO B 322 -36.19 23.54 13.17
N GLY B 334 -40.69 4.36 5.66
CA GLY B 334 -40.57 5.80 5.65
C GLY B 334 -41.38 6.47 6.75
N ALA B 335 -40.75 6.67 7.90
CA ALA B 335 -41.43 7.20 9.08
C ALA B 335 -41.16 8.69 9.27
N ILE B 336 -39.96 9.03 9.74
CA ILE B 336 -39.58 10.41 10.06
C ILE B 336 -39.75 11.25 8.81
N ALA B 337 -40.73 12.16 8.84
CA ALA B 337 -41.15 12.95 7.67
C ALA B 337 -41.75 12.04 6.59
N GLY B 338 -42.51 11.04 7.02
CA GLY B 338 -43.27 10.18 6.13
C GLY B 338 -44.73 10.33 6.47
N PHE B 339 -45.25 9.54 7.42
CA PHE B 339 -46.57 9.85 7.96
C PHE B 339 -46.50 10.55 9.32
N ILE B 340 -45.50 10.26 10.15
CA ILE B 340 -45.25 11.04 11.36
C ILE B 340 -44.50 12.32 10.94
N GLU B 341 -45.22 13.45 10.95
CA GLU B 341 -44.72 14.68 10.36
C GLU B 341 -43.38 15.16 10.93
N GLY B 342 -43.16 15.00 12.22
CA GLY B 342 -41.92 15.52 12.80
C GLY B 342 -41.61 14.92 14.15
N GLY B 343 -40.53 15.43 14.75
CA GLY B 343 -40.10 14.98 16.05
C GLY B 343 -40.76 15.72 17.19
N TRP B 344 -40.56 15.19 18.40
CA TRP B 344 -41.16 15.74 19.61
C TRP B 344 -40.06 16.35 20.46
N GLN B 345 -40.03 17.68 20.55
CA GLN B 345 -39.17 18.32 21.54
C GLN B 345 -39.57 17.92 22.95
N GLY B 346 -40.85 17.60 23.16
CA GLY B 346 -41.34 17.31 24.49
C GLY B 346 -40.85 16.00 25.09
N MET B 347 -40.61 14.99 24.26
CA MET B 347 -40.14 13.70 24.77
C MET B 347 -38.65 13.74 25.07
N VAL B 348 -38.23 13.56 26.34
CA VAL B 348 -36.84 13.85 26.72
C VAL B 348 -35.96 12.66 27.16
N ASP B 349 -36.52 11.52 27.64
CA ASP B 349 -35.69 10.35 28.03
C ASP B 349 -35.86 9.23 27.04
N GLY B 350 -35.91 9.53 25.77
CA GLY B 350 -35.90 8.36 24.93
C GLY B 350 -35.73 8.81 23.50
N TRP B 351 -35.60 7.83 22.62
CA TRP B 351 -35.42 8.11 21.20
C TRP B 351 -36.72 7.94 20.43
N TYR B 352 -37.41 6.84 20.69
CA TYR B 352 -38.73 6.56 20.14
C TYR B 352 -39.69 6.37 21.31
N GLY B 353 -40.95 6.76 21.11
CA GLY B 353 -41.92 6.61 22.17
C GLY B 353 -43.32 6.99 21.75
N TYR B 354 -44.14 7.28 22.76
CA TYR B 354 -45.58 7.45 22.60
C TYR B 354 -46.05 8.72 23.30
N HIS B 355 -47.23 9.18 22.87
CA HIS B 355 -47.97 10.24 23.54
C HIS B 355 -49.43 9.85 23.61
N HIS B 356 -49.97 9.73 24.82
CA HIS B 356 -51.33 9.26 25.05
C HIS B 356 -52.25 10.39 25.51
N SER B 357 -53.55 10.12 25.43
CA SER B 357 -54.57 11.06 25.91
C SER B 357 -55.86 10.29 26.22
N ASN B 358 -56.23 10.27 27.50
CA ASN B 358 -57.47 9.67 28.00
C ASN B 358 -58.08 10.63 29.03
N GLU B 359 -58.93 10.11 29.94
CA GLU B 359 -59.54 10.96 30.96
C GLU B 359 -58.44 11.45 31.89
N GLN B 360 -57.50 10.57 32.21
CA GLN B 360 -56.58 10.83 33.30
C GLN B 360 -55.56 11.88 32.91
N GLY B 361 -55.20 11.97 31.64
CA GLY B 361 -54.35 13.06 31.18
C GLY B 361 -53.62 12.67 29.92
N SER B 362 -52.80 13.61 29.46
CA SER B 362 -51.91 13.42 28.33
C SER B 362 -50.47 13.35 28.84
N GLY B 363 -49.63 12.61 28.14
CA GLY B 363 -48.22 12.63 28.50
C GLY B 363 -47.36 11.93 27.46
N TYR B 364 -46.05 12.01 27.67
CA TYR B 364 -45.06 11.37 26.84
C TYR B 364 -44.46 10.20 27.60
N ALA B 365 -44.18 9.11 26.88
CA ALA B 365 -43.51 7.97 27.49
C ALA B 365 -42.63 7.30 26.44
N ALA B 366 -41.35 7.12 26.76
CA ALA B 366 -40.43 6.55 25.80
C ALA B 366 -40.61 5.03 25.70
N ASP B 367 -40.49 4.49 24.48
CA ASP B 367 -40.43 3.05 24.34
C ASP B 367 -39.00 2.66 24.66
N LYS B 368 -38.79 2.19 25.87
CA LYS B 368 -37.46 2.06 26.42
C LYS B 368 -36.70 0.97 25.70
N GLU B 369 -37.40 -0.09 25.30
CA GLU B 369 -36.73 -1.31 24.83
C GLU B 369 -36.11 -1.06 23.47
N SER B 370 -36.88 -0.43 22.59
CA SER B 370 -36.35 -0.07 21.28
C SER B 370 -35.35 1.06 21.39
N THR B 371 -35.58 2.00 22.32
CA THR B 371 -34.62 3.08 22.54
C THR B 371 -33.27 2.52 22.99
N GLN B 372 -33.29 1.60 23.96
CA GLN B 372 -32.05 1.06 24.50
C GLN B 372 -31.32 0.21 23.48
N LYS B 373 -32.05 -0.58 22.68
CA LYS B 373 -31.31 -1.36 21.69
C LYS B 373 -30.84 -0.51 20.52
N ALA B 374 -31.54 0.59 20.19
CA ALA B 374 -31.03 1.48 19.16
C ALA B 374 -29.79 2.22 19.64
N ILE B 375 -29.79 2.66 20.90
CA ILE B 375 -28.60 3.30 21.46
C ILE B 375 -27.45 2.31 21.51
N ASP B 376 -27.72 1.09 21.98
CA ASP B 376 -26.69 0.05 22.00
C ASP B 376 -26.13 -0.20 20.61
N GLY B 377 -26.99 -0.28 19.61
CA GLY B 377 -26.53 -0.55 18.25
C GLY B 377 -25.70 0.58 17.67
N VAL B 378 -26.13 1.83 17.87
CA VAL B 378 -25.37 2.95 17.34
C VAL B 378 -24.01 3.07 18.04
N THR B 379 -24.01 2.94 19.38
CA THR B 379 -22.75 2.93 20.12
C THR B 379 -21.85 1.80 19.65
N ASN B 380 -22.43 0.62 19.38
CA ASN B 380 -21.65 -0.51 18.90
C ASN B 380 -21.08 -0.24 17.52
N LYS B 381 -21.82 0.49 16.67
CA LYS B 381 -21.31 0.81 15.35
C LYS B 381 -20.12 1.76 15.44
N VAL B 382 -20.24 2.81 16.26
CA VAL B 382 -19.12 3.72 16.46
C VAL B 382 -17.90 2.96 17.00
N ASN B 383 -18.13 2.12 18.02
CA ASN B 383 -17.03 1.38 18.63
C ASN B 383 -16.45 0.34 17.67
N SER B 384 -17.24 -0.15 16.72
CA SER B 384 -16.69 -1.07 15.72
C SER B 384 -15.81 -0.32 14.73
N ILE B 385 -16.27 0.85 14.27
CA ILE B 385 -15.47 1.65 13.36
C ILE B 385 -14.17 2.08 14.03
N ILE B 386 -14.17 2.22 15.36
CA ILE B 386 -12.95 2.63 16.06
C ILE B 386 -12.06 1.42 16.35
N ASP B 387 -12.64 0.36 16.92
CA ASP B 387 -11.85 -0.73 17.49
C ASP B 387 -11.30 -1.70 16.44
N LYS B 388 -11.95 -1.81 15.28
CA LYS B 388 -11.45 -2.74 14.27
C LYS B 388 -10.17 -2.27 13.61
N MET B 389 -9.76 -1.01 13.84
CA MET B 389 -8.54 -0.49 13.27
C MET B 389 -7.33 -1.15 13.94
N ASN B 390 -6.51 -1.83 13.15
CA ASN B 390 -5.24 -2.34 13.65
C ASN B 390 -4.20 -1.24 13.57
N THR B 391 -3.64 -0.87 14.71
CA THR B 391 -2.62 0.17 14.80
C THR B 391 -1.36 -0.43 15.42
N GLN B 392 -0.27 -0.42 14.66
CA GLN B 392 1.02 -0.93 15.11
C GLN B 392 2.06 0.18 15.02
N PHE B 393 3.20 -0.05 15.67
CA PHE B 393 4.25 0.96 15.69
C PHE B 393 4.83 1.16 14.30
N GLU B 394 4.96 2.43 13.91
CA GLU B 394 5.62 2.81 12.68
C GLU B 394 6.41 4.09 12.93
N ALA B 395 7.55 4.20 12.26
CA ALA B 395 8.41 5.38 12.35
C ALA B 395 8.59 5.96 10.95
N VAL B 396 8.00 7.13 10.71
CA VAL B 396 7.99 7.76 9.39
C VAL B 396 8.98 8.91 9.43
N GLY B 397 10.05 8.81 8.64
CA GLY B 397 11.01 9.88 8.52
C GLY B 397 11.40 10.14 7.08
N ARG B 398 12.52 10.81 6.87
CA ARG B 398 13.05 11.11 5.53
C ARG B 398 14.54 10.79 5.56
N GLU B 399 14.89 9.57 5.20
CA GLU B 399 16.20 9.01 5.53
C GLU B 399 17.05 8.68 4.29
N PHE B 400 16.74 9.24 3.13
CA PHE B 400 17.49 8.95 1.91
C PHE B 400 18.19 10.21 1.41
N ASN B 401 19.40 10.04 0.87
CA ASN B 401 20.25 11.17 0.53
C ASN B 401 19.98 11.65 -0.89
N ASN B 402 20.80 12.61 -1.34
CA ASN B 402 20.58 13.28 -2.62
C ASN B 402 20.77 12.35 -3.81
N LEU B 403 21.48 11.23 -3.65
CA LEU B 403 21.65 10.27 -4.72
C LEU B 403 20.84 9.01 -4.49
N GLU B 404 19.76 9.11 -3.71
CA GLU B 404 18.81 8.02 -3.49
C GLU B 404 17.39 8.50 -3.77
N ARG B 405 17.23 9.35 -4.79
CA ARG B 405 15.94 9.93 -5.07
C ARG B 405 14.95 8.93 -5.64
N ARG B 406 15.43 7.84 -6.26
CA ARG B 406 14.51 6.82 -6.74
C ARG B 406 13.87 6.05 -5.59
N ILE B 407 14.65 5.71 -4.57
CA ILE B 407 14.09 5.05 -3.40
C ILE B 407 13.19 6.02 -2.63
N GLU B 408 13.59 7.29 -2.57
CA GLU B 408 12.77 8.29 -1.90
C GLU B 408 11.44 8.48 -2.62
N ASN B 409 11.45 8.39 -3.96
CA ASN B 409 10.21 8.47 -4.71
C ASN B 409 9.37 7.22 -4.53
N LEU B 410 10.00 6.05 -4.40
CA LEU B 410 9.24 4.84 -4.08
C LEU B 410 8.52 4.99 -2.75
N ASN B 411 9.24 5.48 -1.73
CA ASN B 411 8.62 5.71 -0.43
C ASN B 411 7.51 6.76 -0.52
N LYS B 412 7.72 7.82 -1.30
CA LYS B 412 6.70 8.84 -1.46
C LYS B 412 5.45 8.27 -2.13
N LYS B 413 5.63 7.44 -3.16
CA LYS B 413 4.49 6.83 -3.82
C LYS B 413 3.74 5.92 -2.87
N MET B 414 4.47 5.20 -2.00
CA MET B 414 3.81 4.35 -1.01
C MET B 414 2.99 5.18 -0.02
N GLU B 415 3.60 6.22 0.55
CA GLU B 415 2.88 7.07 1.51
C GLU B 415 1.65 7.69 0.88
N ASP B 416 1.81 8.23 -0.33
CA ASP B 416 0.68 8.85 -1.02
C ASP B 416 -0.42 7.83 -1.33
N GLY B 417 -0.03 6.62 -1.73
CA GLY B 417 -1.03 5.60 -2.00
C GLY B 417 -1.82 5.22 -0.77
N PHE B 418 -1.13 5.05 0.36
CA PHE B 418 -1.84 4.70 1.59
C PHE B 418 -2.72 5.86 2.06
N LEU B 419 -2.28 7.10 1.87
CA LEU B 419 -3.13 8.23 2.21
C LEU B 419 -4.37 8.26 1.35
N ASP B 420 -4.23 8.01 0.05
CA ASP B 420 -5.39 7.98 -0.84
C ASP B 420 -6.36 6.88 -0.42
N VAL B 421 -5.83 5.68 -0.16
CA VAL B 421 -6.68 4.55 0.23
C VAL B 421 -7.45 4.87 1.50
N TRP B 422 -6.74 5.31 2.54
CA TRP B 422 -7.38 5.56 3.83
C TRP B 422 -8.37 6.71 3.73
N THR B 423 -8.03 7.77 3.02
CA THR B 423 -8.94 8.91 2.87
C THR B 423 -10.24 8.48 2.21
N TYR B 424 -10.13 7.81 1.06
CA TYR B 424 -11.33 7.36 0.34
C TYR B 424 -12.17 6.43 1.20
N ASN B 425 -11.52 5.44 1.82
CA ASN B 425 -12.27 4.45 2.61
C ASN B 425 -12.96 5.10 3.80
N ALA B 426 -12.27 6.01 4.50
CA ALA B 426 -12.89 6.65 5.66
C ALA B 426 -14.07 7.52 5.25
N GLU B 427 -13.89 8.34 4.20
CA GLU B 427 -14.97 9.20 3.75
C GLU B 427 -16.19 8.37 3.35
N LEU B 428 -15.97 7.31 2.57
CA LEU B 428 -17.10 6.52 2.08
C LEU B 428 -17.74 5.70 3.20
N LEU B 429 -16.94 5.24 4.16
CA LEU B 429 -17.50 4.56 5.32
C LEU B 429 -18.41 5.48 6.11
N VAL B 430 -17.96 6.73 6.34
CA VAL B 430 -18.79 7.67 7.08
C VAL B 430 -20.08 7.95 6.32
N LEU B 431 -19.99 8.19 5.01
CA LEU B 431 -21.18 8.48 4.23
C LEU B 431 -22.18 7.31 4.27
N MET B 432 -21.69 6.10 3.98
CA MET B 432 -22.59 4.94 3.92
C MET B 432 -23.19 4.62 5.28
N GLU B 433 -22.39 4.67 6.34
CA GLU B 433 -22.90 4.31 7.66
C GLU B 433 -23.83 5.40 8.20
N ASN B 434 -23.63 6.66 7.79
CA ASN B 434 -24.59 7.70 8.13
C ASN B 434 -25.92 7.44 7.43
N GLU B 435 -25.86 6.99 6.15
CA GLU B 435 -27.12 6.67 5.47
C GLU B 435 -27.86 5.64 6.24
N ARG B 436 -27.14 4.59 6.60
CA ARG B 436 -27.78 3.44 7.17
C ARG B 436 -28.22 3.70 8.60
N THR B 437 -27.54 4.60 9.31
CA THR B 437 -28.00 4.98 10.64
C THR B 437 -29.32 5.72 10.56
N LEU B 438 -29.45 6.67 9.63
CA LEU B 438 -30.72 7.38 9.50
C LEU B 438 -31.84 6.42 9.07
N ASP B 439 -31.54 5.52 8.14
CA ASP B 439 -32.56 4.54 7.76
C ASP B 439 -32.91 3.62 8.92
N PHE B 440 -31.93 3.31 9.77
CA PHE B 440 -32.16 2.52 10.98
C PHE B 440 -33.17 3.19 11.90
N HIS B 441 -32.99 4.50 12.13
CA HIS B 441 -33.93 5.24 12.97
C HIS B 441 -35.34 5.20 12.38
N ASP B 442 -35.45 5.46 11.08
CA ASP B 442 -36.76 5.44 10.44
C ASP B 442 -37.42 4.07 10.56
N SER B 443 -36.64 3.01 10.35
CA SER B 443 -37.20 1.66 10.40
C SER B 443 -37.64 1.32 11.82
N ASN B 444 -36.90 1.78 12.82
CA ASN B 444 -37.31 1.55 14.21
C ASN B 444 -38.62 2.26 14.52
N VAL B 445 -38.79 3.49 14.04
CA VAL B 445 -40.03 4.21 14.30
C VAL B 445 -41.20 3.51 13.61
N LYS B 446 -41.00 3.07 12.36
CA LYS B 446 -42.07 2.36 11.66
C LYS B 446 -42.39 1.03 12.35
N ASN B 447 -41.37 0.34 12.86
CA ASN B 447 -41.61 -0.91 13.58
C ASN B 447 -42.40 -0.67 14.86
N LEU B 448 -42.15 0.45 15.54
CA LEU B 448 -42.92 0.78 16.73
C LEU B 448 -44.39 1.06 16.37
N TYR B 449 -44.60 1.87 15.33
CA TYR B 449 -45.95 2.13 14.86
C TYR B 449 -46.66 0.83 14.48
N ASP B 450 -45.94 -0.12 13.91
CA ASP B 450 -46.55 -1.37 13.51
C ASP B 450 -46.83 -2.26 14.72
N LYS B 451 -45.95 -2.23 15.72
CA LYS B 451 -46.20 -2.95 16.96
C LYS B 451 -47.53 -2.51 17.56
N VAL B 452 -47.75 -1.20 17.62
CA VAL B 452 -49.02 -0.70 18.16
C VAL B 452 -50.19 -1.04 17.25
N ARG B 453 -50.03 -0.84 15.93
CA ARG B 453 -51.12 -1.11 15.00
C ARG B 453 -51.56 -2.57 15.06
N LEU B 454 -50.61 -3.49 15.18
CA LEU B 454 -50.93 -4.92 15.21
C LEU B 454 -51.39 -5.36 16.59
N GLN B 455 -51.09 -4.60 17.64
CA GLN B 455 -51.73 -4.86 18.92
C GLN B 455 -53.19 -4.42 18.90
N LEU B 456 -53.49 -3.33 18.20
CA LEU B 456 -54.81 -2.71 18.31
C LEU B 456 -55.82 -3.24 17.30
N ARG B 457 -55.40 -3.40 16.04
CA ARG B 457 -56.25 -3.90 14.94
C ARG B 457 -57.52 -3.05 14.88
N ASP B 458 -58.72 -3.64 14.85
CA ASP B 458 -59.95 -2.89 14.70
C ASP B 458 -60.54 -2.44 16.02
N ASN B 459 -59.78 -2.47 17.11
CA ASN B 459 -60.17 -1.78 18.32
C ASN B 459 -59.78 -0.32 18.30
N ALA B 460 -59.18 0.13 17.21
CA ALA B 460 -58.71 1.50 17.06
C ALA B 460 -58.72 1.86 15.58
N LYS B 461 -58.83 3.14 15.32
CA LYS B 461 -58.79 3.67 13.96
C LYS B 461 -57.43 4.33 13.74
N GLU B 462 -56.78 3.99 12.63
CA GLU B 462 -55.59 4.69 12.22
C GLU B 462 -55.98 6.11 11.79
N LEU B 463 -55.20 7.09 12.25
CA LEU B 463 -55.51 8.49 11.98
C LEU B 463 -54.65 9.08 10.88
N GLY B 464 -53.57 8.41 10.49
CA GLY B 464 -52.80 8.81 9.33
C GLY B 464 -51.63 9.71 9.65
N ASN B 465 -51.42 10.07 10.92
CA ASN B 465 -50.34 10.97 11.31
C ASN B 465 -49.47 10.36 12.40
N GLY B 466 -49.53 9.05 12.60
CA GLY B 466 -48.82 8.41 13.68
C GLY B 466 -49.67 8.09 14.89
N CYS B 467 -50.92 8.56 14.91
CA CYS B 467 -51.80 8.39 16.05
C CYS B 467 -52.90 7.38 15.74
N PHE B 468 -53.29 6.64 16.76
CA PHE B 468 -54.47 5.80 16.73
C PHE B 468 -55.51 6.41 17.66
N GLU B 469 -56.78 6.22 17.30
CA GLU B 469 -57.92 6.68 18.09
C GLU B 469 -58.69 5.47 18.56
N PHE B 470 -58.88 5.36 19.87
CA PHE B 470 -59.47 4.16 20.45
C PHE B 470 -60.99 4.16 20.31
N TYR B 471 -61.54 2.99 19.99
CA TYR B 471 -62.97 2.77 19.95
C TYR B 471 -63.52 2.36 21.31
N HIS B 472 -62.68 2.37 22.34
CA HIS B 472 -63.09 2.18 23.72
C HIS B 472 -62.32 3.17 24.59
N LYS B 473 -62.57 3.13 25.89
CA LYS B 473 -61.80 3.91 26.84
C LYS B 473 -60.56 3.15 27.24
N CYS B 474 -59.41 3.82 27.23
CA CYS B 474 -58.12 3.19 27.48
C CYS B 474 -57.47 3.96 28.63
N ASP B 475 -57.61 3.44 29.84
CA ASP B 475 -57.02 4.07 31.00
C ASP B 475 -55.50 3.87 30.97
N ASN B 476 -54.81 4.43 31.96
CA ASN B 476 -53.36 4.42 31.93
C ASN B 476 -52.78 3.01 32.07
N GLU B 477 -53.55 2.06 32.59
CA GLU B 477 -53.11 0.67 32.56
C GLU B 477 -53.27 0.06 31.17
N CYS B 478 -54.38 0.34 30.49
CA CYS B 478 -54.51 -0.07 29.10
C CYS B 478 -53.42 0.58 28.24
N MET B 479 -53.11 1.85 28.51
CA MET B 479 -52.06 2.53 27.77
C MET B 479 -50.71 1.86 28.00
N GLU B 480 -50.35 1.63 29.27
CA GLU B 480 -49.08 0.99 29.57
C GLU B 480 -49.05 -0.49 29.15
N SER B 481 -50.20 -1.08 28.85
CA SER B 481 -50.19 -2.37 28.18
C SER B 481 -49.93 -2.23 26.68
N VAL B 482 -50.43 -1.15 26.06
CA VAL B 482 -50.10 -0.89 24.67
C VAL B 482 -48.61 -0.59 24.51
N ARG B 483 -48.01 0.05 25.50
CA ARG B 483 -46.58 0.39 25.40
C ARG B 483 -45.71 -0.84 25.65
N ASN B 484 -46.11 -1.68 26.61
CA ASN B 484 -45.35 -2.88 26.93
C ASN B 484 -45.50 -3.99 25.89
N GLY B 485 -46.32 -3.79 24.87
CA GLY B 485 -46.48 -4.79 23.83
C GLY B 485 -47.52 -5.84 24.15
N THR B 486 -48.29 -5.67 25.21
CA THR B 486 -49.18 -6.68 25.75
C THR B 486 -50.59 -6.09 25.94
N TYR B 487 -51.19 -5.67 24.83
CA TYR B 487 -52.52 -5.11 24.87
C TYR B 487 -53.54 -6.23 24.75
N ASP B 488 -54.64 -6.10 25.49
CA ASP B 488 -55.62 -7.17 25.62
C ASP B 488 -56.72 -6.86 24.61
N TYR B 489 -56.59 -7.45 23.42
CA TYR B 489 -57.56 -7.20 22.36
C TYR B 489 -58.91 -7.83 22.65
N PRO B 490 -59.01 -9.12 23.01
CA PRO B 490 -60.34 -9.70 23.30
C PRO B 490 -61.04 -9.04 24.46
N GLN B 491 -60.34 -8.25 25.27
CA GLN B 491 -60.97 -7.60 26.40
C GLN B 491 -61.85 -6.45 25.93
N TYR B 492 -61.36 -5.61 25.03
CA TYR B 492 -62.12 -4.49 24.50
C TYR B 492 -62.79 -4.75 23.15
N SER B 493 -62.64 -5.94 22.57
CA SER B 493 -63.00 -6.11 21.16
C SER B 493 -64.50 -5.93 20.90
N GLU B 494 -65.35 -6.18 21.88
CA GLU B 494 -66.77 -6.15 21.58
C GLU B 494 -67.41 -4.81 21.85
N GLU B 495 -66.99 -4.13 22.91
CA GLU B 495 -67.24 -2.70 23.04
C GLU B 495 -66.72 -1.92 21.84
N ALA B 496 -65.54 -2.31 21.32
CA ALA B 496 -64.98 -1.61 20.17
C ALA B 496 -65.84 -1.82 18.94
N ARG B 497 -66.27 -3.07 18.69
CA ARG B 497 -67.10 -3.31 17.52
C ARG B 497 -68.43 -2.56 17.63
N LEU B 498 -68.99 -2.50 18.84
CA LEU B 498 -70.28 -1.83 19.00
C LEU B 498 -70.16 -0.31 18.85
N LYS B 499 -69.11 0.28 19.41
CA LYS B 499 -68.94 1.73 19.24
C LYS B 499 -68.58 2.08 17.81
N ARG B 500 -67.93 1.16 17.10
CA ARG B 500 -67.60 1.38 15.70
C ARG B 500 -68.85 1.30 14.84
N GLU B 501 -69.75 0.35 15.16
CA GLU B 501 -70.99 0.25 14.41
C GLU B 501 -71.93 1.39 14.79
N GLU B 502 -71.70 2.02 15.94
CA GLU B 502 -72.48 3.19 16.33
C GLU B 502 -72.04 4.41 15.53
N ILE B 503 -70.72 4.61 15.41
CA ILE B 503 -70.20 5.83 14.79
C ILE B 503 -70.43 5.82 13.29
N SER B 504 -70.82 4.68 12.72
CA SER B 504 -71.26 4.62 11.32
C SER B 504 -72.56 3.82 11.30
N GLY B 505 -73.68 4.53 11.31
CA GLY B 505 -73.67 5.97 11.48
C GLY B 505 -75.05 6.60 11.56
N SER C 1 -66.26 0.38 -11.04
CA SER C 1 -64.92 -0.18 -11.19
C SER C 1 -63.88 0.92 -11.40
N ASP C 2 -63.93 1.96 -10.57
CA ASP C 2 -62.93 3.02 -10.62
C ASP C 2 -61.66 2.56 -9.93
N GLN C 3 -60.50 2.97 -10.45
CA GLN C 3 -59.25 2.51 -9.86
C GLN C 3 -58.21 3.61 -9.84
N ILE C 4 -57.30 3.52 -8.89
CA ILE C 4 -56.08 4.32 -8.86
C ILE C 4 -54.96 3.40 -8.40
N CYS C 5 -53.83 3.44 -9.12
CA CYS C 5 -52.72 2.54 -8.87
C CYS C 5 -51.45 3.33 -8.64
N ILE C 6 -50.55 2.73 -7.86
CA ILE C 6 -49.22 3.27 -7.61
C ILE C 6 -48.23 2.53 -8.50
N GLY C 7 -47.33 3.27 -9.14
CA GLY C 7 -46.38 2.64 -10.01
C GLY C 7 -45.12 3.45 -10.18
N TYR C 8 -44.25 2.97 -11.07
CA TYR C 8 -42.93 3.54 -11.23
C TYR C 8 -42.50 3.50 -12.70
N HIS C 9 -41.44 4.26 -12.98
CA HIS C 9 -40.94 4.45 -14.33
C HIS C 9 -40.37 3.16 -14.92
N ALA C 10 -40.59 2.98 -16.23
CA ALA C 10 -39.95 1.94 -17.01
C ALA C 10 -39.61 2.51 -18.38
N ASN C 11 -38.69 1.84 -19.08
CA ASN C 11 -38.31 2.29 -20.41
C ASN C 11 -37.73 1.11 -21.19
N ASN C 12 -37.07 1.42 -22.31
CA ASN C 12 -36.53 0.44 -23.23
C ASN C 12 -35.08 0.08 -22.94
N SER C 13 -34.48 0.67 -21.90
CA SER C 13 -33.08 0.44 -21.58
C SER C 13 -32.78 -1.05 -21.40
N THR C 14 -31.63 -1.47 -21.91
CA THR C 14 -31.12 -2.82 -21.68
C THR C 14 -29.89 -2.82 -20.80
N GLU C 15 -29.49 -1.66 -20.28
CA GLU C 15 -28.34 -1.58 -19.39
C GLU C 15 -28.52 -2.48 -18.17
N GLN C 16 -27.47 -3.22 -17.84
CA GLN C 16 -27.48 -4.13 -16.70
C GLN C 16 -26.47 -3.66 -15.67
N VAL C 17 -26.75 -3.99 -14.40
CA VAL C 17 -25.81 -3.80 -13.31
C VAL C 17 -25.80 -5.07 -12.48
N ASP C 18 -24.78 -5.18 -11.64
CA ASP C 18 -24.71 -6.23 -10.63
C ASP C 18 -24.83 -5.61 -9.26
N THR C 19 -25.49 -6.34 -8.36
CA THR C 19 -25.49 -6.02 -6.95
C THR C 19 -24.76 -7.14 -6.21
N ILE C 20 -24.56 -6.95 -4.91
CA ILE C 20 -23.89 -7.98 -4.13
C ILE C 20 -24.71 -9.26 -4.09
N MET C 21 -26.02 -9.18 -4.35
CA MET C 21 -26.88 -10.35 -4.29
C MET C 21 -27.43 -10.79 -5.65
N GLU C 22 -27.42 -9.93 -6.66
CA GLU C 22 -28.01 -10.26 -7.95
C GLU C 22 -27.06 -9.87 -9.08
N LYS C 23 -27.06 -10.68 -10.13
CA LYS C 23 -26.25 -10.44 -11.32
C LYS C 23 -27.13 -10.15 -12.52
N ASN C 24 -26.60 -9.35 -13.44
CA ASN C 24 -27.24 -9.04 -14.71
C ASN C 24 -28.68 -8.53 -14.51
N VAL C 25 -28.80 -7.49 -13.69
CA VAL C 25 -30.10 -6.88 -13.39
C VAL C 25 -30.30 -5.68 -14.32
N THR C 26 -31.34 -5.74 -15.14
CA THR C 26 -31.64 -4.67 -16.08
C THR C 26 -32.25 -3.47 -15.36
N VAL C 27 -31.78 -2.27 -15.71
CA VAL C 27 -32.21 -1.04 -15.07
C VAL C 27 -32.54 -0.01 -16.14
N THR C 28 -33.18 1.08 -15.72
CA THR C 28 -33.58 2.12 -16.65
C THR C 28 -32.46 3.09 -16.99
N HIS C 29 -31.49 3.25 -16.09
CA HIS C 29 -30.35 4.13 -16.35
C HIS C 29 -29.17 3.65 -15.51
N ALA C 30 -27.98 3.76 -16.08
CA ALA C 30 -26.76 3.33 -15.41
C ALA C 30 -25.62 4.25 -15.81
N GLN C 31 -24.51 4.15 -15.07
CA GLN C 31 -23.36 5.01 -15.32
C GLN C 31 -22.07 4.28 -14.98
N ASP C 32 -21.16 4.22 -15.94
CA ASP C 32 -19.84 3.62 -15.70
C ASP C 32 -18.91 4.66 -15.08
N ILE C 33 -18.25 4.29 -13.98
CA ILE C 33 -17.25 5.15 -13.35
C ILE C 33 -15.83 4.68 -13.65
N LEU C 34 -15.67 3.68 -14.52
CA LEU C 34 -14.36 3.20 -14.93
C LEU C 34 -13.97 3.83 -16.26
N GLU C 35 -12.88 4.59 -16.24
CA GLU C 35 -12.35 5.18 -17.46
C GLU C 35 -11.61 4.12 -18.28
N LYS C 36 -12.00 3.97 -19.55
CA LYS C 36 -11.40 2.97 -20.41
C LYS C 36 -10.87 3.52 -21.72
N THR C 37 -10.95 4.83 -21.95
CA THR C 37 -10.57 5.41 -23.23
C THR C 37 -9.40 6.36 -23.06
N HIS C 38 -8.54 6.39 -24.08
CA HIS C 38 -7.39 7.28 -24.13
C HIS C 38 -7.26 7.80 -25.54
N ASN C 39 -6.58 8.93 -25.68
CA ASN C 39 -6.48 9.56 -27.00
C ASN C 39 -5.36 8.99 -27.87
N GLY C 40 -4.58 8.01 -27.38
CA GLY C 40 -3.60 7.29 -28.18
C GLY C 40 -2.42 8.10 -28.66
N LYS C 41 -1.95 9.02 -27.82
CA LYS C 41 -1.13 10.14 -28.24
C LYS C 41 -0.29 10.55 -27.04
N LEU C 42 0.93 11.08 -27.26
CA LEU C 42 1.71 11.64 -26.16
C LEU C 42 1.50 13.15 -26.15
N CYS C 43 1.18 13.71 -24.98
CA CYS C 43 0.75 15.10 -24.88
C CYS C 43 1.64 15.89 -23.92
N ASP C 44 1.50 17.21 -24.00
CA ASP C 44 2.01 18.06 -22.92
C ASP C 44 1.36 17.64 -21.60
N LEU C 45 2.08 17.88 -20.51
CA LEU C 45 1.58 17.57 -19.18
C LEU C 45 1.45 18.89 -18.43
N ASN C 46 0.20 19.31 -18.21
CA ASN C 46 -0.09 20.59 -17.56
C ASN C 46 0.60 21.74 -18.27
N GLY C 47 0.55 21.72 -19.60
CA GLY C 47 1.05 22.81 -20.42
C GLY C 47 2.50 22.72 -20.84
N VAL C 48 3.26 21.75 -20.34
CA VAL C 48 4.68 21.62 -20.64
C VAL C 48 4.88 20.39 -21.51
N LYS C 49 5.54 20.58 -22.65
CA LYS C 49 5.81 19.47 -23.57
C LYS C 49 6.80 18.50 -22.93
N PRO C 50 6.73 17.22 -23.28
CA PRO C 50 7.80 16.30 -22.87
C PRO C 50 9.03 16.43 -23.75
N LEU C 51 10.16 16.00 -23.18
CA LEU C 51 11.39 15.85 -23.94
C LEU C 51 11.38 14.46 -24.57
N ILE C 52 11.14 14.41 -25.88
CA ILE C 52 11.02 13.15 -26.60
C ILE C 52 12.38 12.90 -27.24
N LEU C 53 13.16 12.01 -26.64
CA LEU C 53 14.45 11.66 -27.20
C LEU C 53 14.23 10.63 -28.28
N LYS C 54 14.36 11.05 -29.53
CA LYS C 54 14.16 10.15 -30.64
C LYS C 54 15.37 9.25 -30.73
N ASP C 55 15.15 7.95 -30.60
CA ASP C 55 16.14 6.94 -30.92
C ASP C 55 17.52 7.22 -30.32
N CYS C 56 17.60 8.13 -29.35
CA CYS C 56 18.80 8.43 -28.58
C CYS C 56 18.47 8.20 -27.11
N SER C 57 19.48 7.82 -26.34
CA SER C 57 19.32 7.71 -24.90
C SER C 57 19.71 9.02 -24.20
N VAL C 58 19.34 9.11 -22.92
CA VAL C 58 19.72 10.27 -22.12
C VAL C 58 21.24 10.42 -22.09
N ALA C 59 21.97 9.31 -21.99
CA ALA C 59 23.42 9.37 -21.95
C ALA C 59 23.99 9.93 -23.26
N GLY C 60 23.57 9.35 -24.39
CA GLY C 60 24.08 9.82 -25.67
C GLY C 60 23.68 11.25 -25.98
N TRP C 61 22.46 11.62 -25.61
CA TRP C 61 22.01 13.01 -25.77
C TRP C 61 22.86 13.96 -24.93
N LEU C 62 23.08 13.61 -23.66
CA LEU C 62 23.84 14.48 -22.76
C LEU C 62 25.28 14.64 -23.20
N LEU C 63 25.97 13.51 -23.43
CA LEU C 63 27.37 13.58 -23.81
C LEU C 63 27.57 14.09 -25.23
N GLY C 64 26.51 14.06 -26.05
CA GLY C 64 26.61 14.55 -27.41
C GLY C 64 27.12 13.52 -28.39
N ASN C 65 26.58 12.30 -28.32
CA ASN C 65 26.81 11.29 -29.34
C ASN C 65 26.55 11.91 -30.71
N PRO C 66 27.53 11.91 -31.61
CA PRO C 66 27.36 12.67 -32.87
C PRO C 66 26.20 12.21 -33.74
N MET C 67 25.63 11.03 -33.47
CA MET C 67 24.41 10.63 -34.16
C MET C 67 23.18 11.19 -33.48
N CYS C 68 23.38 11.83 -32.33
CA CYS C 68 22.34 12.50 -31.57
C CYS C 68 22.25 13.96 -31.97
N ASP C 69 21.03 14.44 -31.86
CA ASP C 69 20.65 15.77 -32.23
C ASP C 69 21.25 16.84 -31.41
N GLU C 70 22.03 17.64 -32.10
CA GLU C 70 22.75 18.74 -31.50
C GLU C 70 21.92 19.98 -31.52
N PHE C 71 20.94 20.02 -32.44
CA PHE C 71 20.08 21.17 -32.59
C PHE C 71 18.74 21.04 -31.83
N ILE C 72 18.80 20.26 -30.75
CA ILE C 72 17.72 19.98 -29.82
C ILE C 72 17.62 21.18 -28.92
N ARG C 73 16.53 21.93 -28.99
CA ARG C 73 16.46 23.08 -28.11
C ARG C 73 15.22 23.09 -27.30
N VAL C 74 15.18 22.26 -26.27
CA VAL C 74 14.04 22.25 -25.38
C VAL C 74 14.52 22.81 -24.04
N PRO C 75 14.09 24.00 -23.65
CA PRO C 75 14.55 24.61 -22.40
C PRO C 75 13.75 24.18 -21.18
N GLU C 76 12.70 23.39 -21.40
CA GLU C 76 11.82 22.96 -20.31
C GLU C 76 11.05 21.74 -20.77
N TRP C 77 10.80 20.84 -19.83
CA TRP C 77 9.98 19.66 -20.13
C TRP C 77 9.43 19.10 -18.84
N SER C 78 8.34 18.33 -18.98
CA SER C 78 7.63 17.76 -17.85
C SER C 78 7.95 16.29 -17.62
N TYR C 79 8.29 15.56 -18.67
CA TYR C 79 8.77 14.19 -18.55
C TYR C 79 9.58 13.86 -19.79
N ILE C 80 10.35 12.78 -19.70
CA ILE C 80 11.21 12.33 -20.78
C ILE C 80 10.60 11.08 -21.40
N VAL C 81 10.63 11.01 -22.73
CA VAL C 81 10.13 9.86 -23.48
C VAL C 81 11.31 9.22 -24.19
N GLU C 82 11.63 7.99 -23.79
CA GLU C 82 12.63 7.17 -24.45
C GLU C 82 11.94 6.03 -25.19
N ARG C 83 12.60 5.55 -26.25
CA ARG C 83 12.14 4.30 -26.83
C ARG C 83 12.73 3.14 -26.04
N ALA C 84 12.19 1.94 -26.29
CA ALA C 84 12.53 0.80 -25.46
C ALA C 84 14.02 0.50 -25.52
N ASN C 85 14.59 0.50 -26.72
CA ASN C 85 16.03 0.33 -26.92
C ASN C 85 16.52 1.40 -27.88
N PRO C 86 17.01 2.52 -27.36
CA PRO C 86 17.53 3.59 -28.22
C PRO C 86 18.78 3.14 -28.97
N ALA C 87 18.85 3.52 -30.25
CA ALA C 87 19.96 3.10 -31.09
C ALA C 87 21.26 3.81 -30.72
N ASN C 88 21.19 5.07 -30.29
CA ASN C 88 22.37 5.90 -30.07
C ASN C 88 22.55 6.14 -28.58
N ASP C 89 23.59 5.53 -28.00
CA ASP C 89 23.84 5.59 -26.57
C ASP C 89 25.28 5.13 -26.36
N LEU C 90 26.16 6.05 -25.96
CA LEU C 90 27.55 5.72 -25.67
C LEU C 90 28.19 4.99 -26.84
N CYS C 91 28.42 5.78 -27.90
CA CYS C 91 29.01 5.22 -29.12
C CYS C 91 30.37 4.60 -28.82
N TYR C 92 31.21 5.31 -28.08
CA TYR C 92 32.40 4.70 -27.53
C TYR C 92 32.00 3.95 -26.26
N PRO C 93 32.29 2.65 -26.17
CA PRO C 93 31.72 1.85 -25.08
C PRO C 93 32.27 2.27 -23.72
N GLY C 94 31.49 1.95 -22.70
CA GLY C 94 31.85 2.31 -21.35
C GLY C 94 30.67 2.46 -20.42
N ASN C 95 30.64 3.55 -19.65
CA ASN C 95 29.69 3.68 -18.57
C ASN C 95 29.47 5.15 -18.25
N LEU C 96 28.24 5.47 -17.85
CA LEU C 96 27.92 6.76 -17.24
C LEU C 96 27.51 6.50 -15.80
N ASN C 97 28.27 7.05 -14.85
CA ASN C 97 28.07 6.73 -13.45
C ASN C 97 26.79 7.36 -12.90
N ASP C 98 26.15 6.64 -11.98
CA ASP C 98 24.89 7.05 -11.37
C ASP C 98 23.88 7.45 -12.45
N TYR C 99 23.80 6.62 -13.49
CA TYR C 99 22.98 6.95 -14.65
C TYR C 99 21.51 7.04 -14.29
N GLU C 100 21.02 6.10 -13.48
CA GLU C 100 19.60 6.04 -13.15
C GLU C 100 19.19 7.23 -12.30
N GLU C 101 20.01 7.58 -11.30
CA GLU C 101 19.74 8.77 -10.50
C GLU C 101 19.79 10.04 -11.36
N LEU C 102 20.71 10.07 -12.33
CA LEU C 102 20.79 11.23 -13.21
C LEU C 102 19.55 11.35 -14.08
N LYS C 103 19.05 10.23 -14.60
CA LYS C 103 17.82 10.25 -15.38
C LYS C 103 16.64 10.71 -14.53
N HIS C 104 16.57 10.23 -13.28
CA HIS C 104 15.50 10.69 -12.40
C HIS C 104 15.60 12.18 -12.14
N LEU C 105 16.82 12.68 -11.92
CA LEU C 105 17.02 14.11 -11.75
C LEU C 105 16.56 14.88 -12.98
N LEU C 106 16.81 14.33 -14.16
CA LEU C 106 16.47 15.00 -15.41
C LEU C 106 15.05 14.73 -15.89
N SER C 107 14.25 13.95 -15.14
CA SER C 107 12.90 13.62 -15.57
C SER C 107 12.09 14.87 -15.90
N ARG C 108 12.07 15.84 -15.00
CA ARG C 108 11.35 17.10 -15.20
C ARG C 108 12.26 18.24 -14.80
N ILE C 109 12.54 19.13 -15.74
CA ILE C 109 13.47 20.23 -15.55
C ILE C 109 12.75 21.53 -15.88
N ASN C 110 12.91 22.53 -15.01
CA ASN C 110 12.27 23.82 -15.23
C ASN C 110 13.09 24.69 -16.19
N HIS C 111 14.41 24.59 -16.17
CA HIS C 111 15.21 25.31 -17.15
C HIS C 111 16.46 24.50 -17.50
N PHE C 112 16.77 24.44 -18.79
CA PHE C 112 17.88 23.63 -19.29
C PHE C 112 18.55 24.39 -20.43
N GLU C 113 19.82 24.73 -20.27
CA GLU C 113 20.53 25.50 -21.28
C GLU C 113 21.97 25.03 -21.39
N LYS C 114 22.36 24.56 -22.57
CA LYS C 114 23.73 24.14 -22.81
C LYS C 114 24.62 25.37 -22.98
N ILE C 115 25.73 25.40 -22.24
CA ILE C 115 26.67 26.52 -22.31
C ILE C 115 28.09 25.99 -22.41
N LEU C 116 28.95 26.79 -23.05
CA LEU C 116 30.36 26.48 -23.17
C LEU C 116 31.08 26.98 -21.92
N ILE C 117 31.73 26.05 -21.20
CA ILE C 117 32.41 26.40 -19.96
C ILE C 117 33.93 26.28 -20.07
N ILE C 118 34.44 25.36 -20.88
CA ILE C 118 35.88 25.23 -21.09
C ILE C 118 36.15 25.14 -22.59
N PRO C 119 36.52 26.23 -23.25
CA PRO C 119 36.77 26.17 -24.69
C PRO C 119 38.04 25.40 -25.01
N LYS C 120 38.13 24.94 -26.26
CA LYS C 120 39.29 24.16 -26.68
C LYS C 120 40.58 24.96 -26.66
N SER C 121 40.48 26.29 -26.65
CA SER C 121 41.67 27.14 -26.48
C SER C 121 42.31 26.96 -25.12
N SER C 122 41.62 26.35 -24.15
CA SER C 122 42.15 26.18 -22.80
C SER C 122 43.23 25.10 -22.71
N TRP C 123 43.55 24.39 -23.78
CA TRP C 123 44.51 23.29 -23.75
C TRP C 123 45.66 23.55 -24.73
N PRO C 124 46.50 24.56 -24.47
CA PRO C 124 47.55 24.91 -25.44
C PRO C 124 48.65 23.87 -25.57
N ASP C 125 48.91 23.08 -24.53
CA ASP C 125 50.01 22.12 -24.56
C ASP C 125 49.54 20.69 -24.79
N HIS C 126 48.29 20.50 -25.22
CA HIS C 126 47.74 19.20 -25.54
C HIS C 126 47.00 19.29 -26.87
N GLU C 127 46.94 18.17 -27.58
CA GLU C 127 46.19 18.10 -28.83
C GLU C 127 44.70 17.95 -28.53
N THR C 128 43.88 18.75 -29.20
CA THR C 128 42.45 18.79 -28.93
C THR C 128 41.60 18.26 -30.09
N SER C 129 42.20 17.93 -31.22
CA SER C 129 41.44 17.51 -32.40
C SER C 129 41.75 16.08 -32.84
N LEU C 130 42.57 15.34 -32.09
CA LEU C 130 42.89 13.97 -32.42
C LEU C 130 42.05 12.97 -31.64
N GLY C 131 41.21 13.42 -30.72
CA GLY C 131 40.37 12.54 -29.94
C GLY C 131 39.12 12.11 -30.70
N VAL C 132 39.28 11.10 -31.54
CA VAL C 132 38.30 10.78 -32.58
C VAL C 132 38.34 9.27 -32.80
N SER C 133 37.17 8.67 -33.00
CA SER C 133 37.06 7.22 -33.04
C SER C 133 36.03 6.77 -34.06
N ALA C 134 36.31 5.60 -34.66
CA ALA C 134 35.36 4.94 -35.54
C ALA C 134 34.16 4.38 -34.79
N ALA C 135 34.28 4.22 -33.46
CA ALA C 135 33.13 3.81 -32.66
C ALA C 135 32.07 4.91 -32.59
N CYS C 136 32.45 6.16 -32.84
CA CYS C 136 31.55 7.30 -32.80
C CYS C 136 31.56 8.00 -34.16
N PRO C 137 31.02 7.37 -35.19
CA PRO C 137 31.07 7.99 -36.52
C PRO C 137 30.04 9.10 -36.69
N TYR C 138 30.46 10.15 -37.41
CA TYR C 138 29.55 11.16 -37.93
C TYR C 138 29.67 11.14 -39.45
N GLN C 139 28.57 10.83 -40.13
CA GLN C 139 28.54 10.68 -41.58
C GLN C 139 29.56 9.62 -42.03
N GLY C 140 29.58 8.51 -41.29
CA GLY C 140 30.45 7.38 -41.54
C GLY C 140 31.90 7.53 -41.19
N THR C 141 32.37 8.71 -40.80
CA THR C 141 33.78 8.86 -40.51
C THR C 141 33.99 9.10 -39.01
N PRO C 142 35.15 8.71 -38.48
CA PRO C 142 35.36 8.78 -37.03
C PRO C 142 35.11 10.16 -36.43
N SER C 143 34.44 10.17 -35.28
CA SER C 143 34.17 11.39 -34.53
C SER C 143 34.13 11.09 -33.03
N PHE C 144 33.42 11.89 -32.25
CA PHE C 144 33.39 11.72 -30.80
C PHE C 144 32.21 12.47 -30.22
N PHE C 145 31.94 12.18 -28.94
CA PHE C 145 30.98 12.99 -28.18
C PHE C 145 31.32 14.46 -28.32
N ARG C 146 30.30 15.28 -28.57
CA ARG C 146 30.54 16.67 -28.93
C ARG C 146 30.71 17.60 -27.73
N ASN C 147 30.11 17.28 -26.60
CA ASN C 147 30.17 18.14 -25.43
C ASN C 147 31.35 17.84 -24.53
N VAL C 148 32.22 16.92 -24.94
CA VAL C 148 33.36 16.49 -24.14
C VAL C 148 34.53 16.30 -25.11
N VAL C 149 35.75 16.46 -24.59
CA VAL C 149 36.94 16.51 -25.45
C VAL C 149 37.93 15.45 -25.00
N TRP C 150 38.32 14.59 -25.95
CA TRP C 150 39.32 13.55 -25.74
C TRP C 150 40.70 14.13 -26.02
N LEU C 151 41.40 14.54 -24.96
CA LEU C 151 42.70 15.19 -25.09
C LEU C 151 43.78 14.15 -25.38
N ILE C 152 44.71 14.53 -26.27
CA ILE C 152 45.79 13.65 -26.72
C ILE C 152 47.12 14.38 -26.51
N LYS C 153 48.17 13.60 -26.29
CA LYS C 153 49.50 14.15 -26.09
C LYS C 153 49.93 15.03 -27.27
N LYS C 154 50.86 15.95 -26.99
CA LYS C 154 51.38 16.87 -27.99
C LYS C 154 52.91 16.88 -27.92
N ASN C 155 53.55 16.70 -29.07
CA ASN C 155 55.01 16.61 -29.16
C ASN C 155 55.54 15.53 -28.22
N ASP C 156 54.90 14.38 -28.24
CA ASP C 156 55.27 13.23 -27.40
C ASP C 156 55.35 13.62 -25.93
N ALA C 157 54.48 14.53 -25.50
CA ALA C 157 54.43 14.93 -24.11
C ALA C 157 53.00 15.23 -23.73
N TYR C 158 52.67 14.93 -22.47
CA TYR C 158 51.36 15.21 -21.90
C TYR C 158 51.61 15.90 -20.57
N PRO C 159 51.79 17.22 -20.58
CA PRO C 159 52.01 17.94 -19.32
C PRO C 159 50.81 17.80 -18.40
N THR C 160 51.07 17.95 -17.10
CA THR C 160 50.01 17.80 -16.12
C THR C 160 49.02 18.95 -16.22
N ILE C 161 47.76 18.61 -16.45
CA ILE C 161 46.67 19.58 -16.54
C ILE C 161 46.23 19.94 -15.14
N LYS C 162 46.14 21.24 -14.86
CA LYS C 162 45.56 21.77 -13.64
C LYS C 162 44.68 22.94 -14.05
N ILE C 163 43.36 22.75 -13.99
CA ILE C 163 42.43 23.77 -14.47
C ILE C 163 41.25 23.82 -13.51
N SER C 164 40.58 24.97 -13.47
CA SER C 164 39.42 25.14 -12.61
C SER C 164 38.37 25.99 -13.31
N TYR C 165 37.12 25.80 -12.91
CA TYR C 165 36.01 26.59 -13.43
C TYR C 165 35.10 27.00 -12.29
N ASN C 166 34.88 28.30 -12.15
CA ASN C 166 33.99 28.86 -11.14
C ASN C 166 32.63 29.10 -11.80
N ASN C 167 31.57 28.55 -11.21
CA ASN C 167 30.23 28.70 -11.74
C ASN C 167 29.72 30.12 -11.47
N THR C 168 30.01 31.05 -12.37
CA THR C 168 29.60 32.43 -12.21
C THR C 168 28.16 32.69 -12.65
N ASN C 169 27.50 31.67 -13.18
CA ASN C 169 26.08 31.75 -13.43
C ASN C 169 25.30 31.71 -12.13
N ARG C 170 23.98 31.75 -12.32
CA ARG C 170 22.96 31.81 -11.29
C ARG C 170 22.14 30.56 -11.13
N GLU C 171 22.49 29.51 -11.85
CA GLU C 171 21.83 28.23 -11.75
C GLU C 171 22.87 27.13 -11.55
N ASP C 172 22.39 26.01 -11.02
CA ASP C 172 23.23 24.84 -10.91
C ASP C 172 23.77 24.45 -12.29
N LEU C 173 24.97 23.89 -12.29
CA LEU C 173 25.60 23.41 -13.52
C LEU C 173 25.73 21.90 -13.46
N LEU C 174 25.12 21.21 -14.41
CA LEU C 174 25.41 19.80 -14.62
C LEU C 174 26.66 19.70 -15.48
N ILE C 175 27.72 19.13 -14.91
CA ILE C 175 29.02 19.02 -15.56
C ILE C 175 29.38 17.55 -15.69
N LEU C 176 29.87 17.16 -16.88
CA LEU C 176 30.27 15.79 -17.16
C LEU C 176 31.71 15.74 -17.63
N TRP C 177 32.39 14.66 -17.25
CA TRP C 177 33.77 14.41 -17.67
C TRP C 177 33.96 12.89 -17.69
N GLY C 178 35.16 12.45 -18.07
CA GLY C 178 35.37 11.02 -18.14
C GLY C 178 36.84 10.65 -18.07
N ILE C 179 37.07 9.34 -18.03
CA ILE C 179 38.41 8.76 -18.07
C ILE C 179 38.41 7.60 -19.07
N HIS C 180 39.53 7.46 -19.78
CA HIS C 180 39.67 6.45 -20.82
C HIS C 180 40.52 5.29 -20.29
N HIS C 181 39.94 4.09 -20.28
CA HIS C 181 40.66 2.86 -19.99
C HIS C 181 41.25 2.35 -21.30
N SER C 182 42.56 2.48 -21.45
CA SER C 182 43.30 2.00 -22.60
C SER C 182 43.53 0.48 -22.47
N ASN C 183 44.13 -0.10 -23.51
CA ASN C 183 44.20 -1.55 -23.63
C ASN C 183 45.56 -2.13 -23.26
N ASN C 184 46.64 -1.39 -23.45
CA ASN C 184 47.98 -1.91 -23.17
C ASN C 184 48.94 -0.74 -23.00
N ALA C 185 50.13 -1.05 -22.52
CA ALA C 185 51.13 -0.01 -22.28
C ALA C 185 51.48 0.73 -23.56
N ALA C 186 51.50 0.02 -24.69
CA ALA C 186 51.86 0.65 -25.96
C ALA C 186 50.83 1.69 -26.38
N GLU C 187 49.54 1.34 -26.31
CA GLU C 187 48.49 2.31 -26.61
C GLU C 187 48.52 3.46 -25.62
N GLN C 188 48.80 3.16 -24.35
CA GLN C 188 48.91 4.19 -23.34
C GLN C 188 49.97 5.21 -23.73
N THR C 189 51.18 4.74 -24.10
CA THR C 189 52.24 5.64 -24.49
C THR C 189 51.96 6.32 -25.84
N ASN C 190 51.18 5.67 -26.71
CA ASN C 190 50.85 6.27 -27.99
C ASN C 190 49.92 7.47 -27.81
N LEU C 191 48.88 7.31 -26.99
CA LEU C 191 47.90 8.39 -26.83
C LEU C 191 48.40 9.46 -25.85
N TYR C 192 48.87 9.03 -24.69
CA TYR C 192 49.45 9.88 -23.67
C TYR C 192 50.90 9.47 -23.48
N LYS C 193 51.75 10.37 -23.03
CA LYS C 193 53.13 9.93 -22.90
C LYS C 193 53.32 9.08 -21.65
N ASN C 194 52.64 9.42 -20.57
CA ASN C 194 52.93 8.89 -19.25
C ASN C 194 52.25 7.54 -19.03
N PRO C 195 52.98 6.53 -18.54
CA PRO C 195 52.37 5.21 -18.34
C PRO C 195 51.44 5.12 -17.15
N THR C 196 51.70 5.89 -16.09
CA THR C 196 50.91 5.84 -14.86
C THR C 196 50.19 7.17 -14.71
N THR C 197 48.86 7.13 -14.81
CA THR C 197 48.07 8.35 -14.94
C THR C 197 46.88 8.34 -13.98
N TYR C 198 46.21 9.48 -13.92
CA TYR C 198 45.08 9.67 -13.01
C TYR C 198 44.25 10.86 -13.50
N VAL C 199 43.05 10.95 -12.94
CA VAL C 199 42.19 12.12 -13.10
C VAL C 199 41.60 12.43 -11.73
N SER C 200 41.94 13.59 -11.18
CA SER C 200 41.42 14.03 -9.89
C SER C 200 40.46 15.20 -10.12
N VAL C 201 39.31 15.14 -9.45
CA VAL C 201 38.26 16.15 -9.57
C VAL C 201 37.81 16.57 -8.18
N GLY C 202 37.72 17.88 -7.95
CA GLY C 202 37.32 18.38 -6.65
C GLY C 202 36.37 19.56 -6.67
N THR C 203 35.33 19.50 -5.84
CA THR C 203 34.47 20.65 -5.58
C THR C 203 34.37 20.90 -4.08
N SER C 204 33.26 21.48 -3.63
CA SER C 204 33.01 21.55 -2.19
C SER C 204 32.63 20.19 -1.63
N THR C 205 31.99 19.34 -2.43
CA THR C 205 31.53 18.02 -2.00
C THR C 205 32.17 16.88 -2.75
N LEU C 206 32.70 17.12 -3.95
CA LEU C 206 33.29 16.06 -4.74
C LEU C 206 34.77 15.96 -4.45
N ASN C 207 35.25 14.72 -4.29
CA ASN C 207 36.66 14.43 -4.01
C ASN C 207 36.94 13.09 -4.68
N GLN C 208 37.18 13.15 -5.99
CA GLN C 208 37.20 11.98 -6.85
C GLN C 208 38.59 11.77 -7.41
N ARG C 209 39.03 10.51 -7.43
CA ARG C 209 40.27 10.11 -8.09
C ARG C 209 39.99 8.88 -8.94
N LEU C 210 40.32 8.96 -10.23
CA LEU C 210 40.13 7.89 -11.18
C LEU C 210 41.48 7.47 -11.73
N VAL C 211 41.71 6.16 -11.80
CA VAL C 211 42.94 5.59 -12.35
C VAL C 211 42.54 4.66 -13.48
N PRO C 212 43.17 4.73 -14.64
CA PRO C 212 42.79 3.85 -15.74
C PRO C 212 43.10 2.39 -15.43
N LYS C 213 42.18 1.52 -15.82
CA LYS C 213 42.35 0.07 -15.71
C LYS C 213 42.83 -0.43 -17.07
N ILE C 214 44.13 -0.66 -17.19
CA ILE C 214 44.74 -1.09 -18.44
C ILE C 214 44.73 -2.61 -18.47
N ALA C 215 43.81 -3.18 -19.25
CA ALA C 215 43.60 -4.63 -19.25
C ALA C 215 42.91 -5.02 -20.54
N THR C 216 42.91 -6.33 -20.82
CA THR C 216 42.28 -6.87 -22.01
C THR C 216 40.77 -7.01 -21.78
N ARG C 217 39.97 -6.50 -22.73
CA ARG C 217 38.52 -6.59 -22.67
C ARG C 217 37.98 -7.07 -24.01
N SER C 218 36.68 -7.37 -24.01
CA SER C 218 35.99 -7.75 -25.24
C SER C 218 35.73 -6.53 -26.10
N GLN C 219 35.61 -6.77 -27.41
CA GLN C 219 35.30 -5.69 -28.34
C GLN C 219 33.83 -5.30 -28.23
N VAL C 220 33.58 -3.99 -28.14
CA VAL C 220 32.24 -3.43 -28.19
C VAL C 220 32.27 -2.24 -29.12
N ASN C 221 31.40 -2.24 -30.13
CA ASN C 221 31.43 -1.25 -31.20
C ASN C 221 32.83 -1.11 -31.79
N GLY C 222 33.53 -2.24 -31.90
CA GLY C 222 34.85 -2.26 -32.50
C GLY C 222 35.98 -1.80 -31.62
N GLN C 223 35.74 -1.57 -30.34
CA GLN C 223 36.77 -1.06 -29.43
C GLN C 223 36.88 -1.96 -28.21
N ARG C 224 38.12 -2.26 -27.83
CA ARG C 224 38.38 -2.95 -26.58
C ARG C 224 38.63 -2.01 -25.41
N GLY C 225 38.88 -0.72 -25.70
CA GLY C 225 38.99 0.27 -24.66
C GLY C 225 37.63 0.65 -24.11
N ARG C 226 37.66 1.38 -22.99
CA ARG C 226 36.40 1.81 -22.38
C ARG C 226 36.52 3.27 -21.98
N MET C 227 35.37 3.90 -21.75
CA MET C 227 35.36 5.27 -21.24
C MET C 227 34.30 5.37 -20.16
N ASP C 228 34.74 5.70 -18.95
CA ASP C 228 33.84 5.84 -17.81
C ASP C 228 33.59 7.32 -17.58
N PHE C 229 32.32 7.71 -17.64
CA PHE C 229 31.93 9.11 -17.49
C PHE C 229 31.28 9.35 -16.13
N PHE C 230 31.47 10.56 -15.63
CA PHE C 230 31.01 10.96 -14.32
C PHE C 230 30.44 12.37 -14.42
N TRP C 231 29.57 12.72 -13.47
CA TRP C 231 28.86 13.98 -13.51
C TRP C 231 28.73 14.54 -12.10
N THR C 232 28.58 15.86 -12.04
CA THR C 232 28.33 16.52 -10.77
C THR C 232 27.45 17.75 -11.00
N ILE C 233 26.85 18.21 -9.91
CA ILE C 233 26.09 19.46 -9.89
C ILE C 233 26.94 20.50 -9.18
N LEU C 234 27.45 21.46 -9.94
CA LEU C 234 28.24 22.55 -9.41
C LEU C 234 27.30 23.70 -9.05
N LYS C 235 27.21 24.02 -7.77
CA LYS C 235 26.34 25.07 -7.29
C LYS C 235 26.95 26.44 -7.60
N PRO C 236 26.13 27.48 -7.70
CA PRO C 236 26.67 28.82 -8.00
C PRO C 236 27.74 29.24 -7.00
N ASN C 237 28.78 29.88 -7.53
CA ASN C 237 29.93 30.42 -6.82
C ASN C 237 30.87 29.33 -6.31
N ASP C 238 30.57 28.06 -6.55
CA ASP C 238 31.52 26.99 -6.29
C ASP C 238 32.34 26.73 -7.54
N ALA C 239 33.53 26.19 -7.34
CA ALA C 239 34.45 25.91 -8.43
C ALA C 239 34.77 24.42 -8.49
N ILE C 240 34.96 23.93 -9.71
CA ILE C 240 35.40 22.55 -9.95
C ILE C 240 36.85 22.59 -10.39
N HIS C 241 37.66 21.69 -9.82
CA HIS C 241 39.09 21.65 -10.05
C HIS C 241 39.44 20.30 -10.66
N PHE C 242 40.05 20.34 -11.86
CA PHE C 242 40.49 19.16 -12.58
C PHE C 242 42.00 19.11 -12.59
N GLU C 243 42.55 17.91 -12.41
CA GLU C 243 43.97 17.66 -12.57
C GLU C 243 44.15 16.29 -13.22
N SER C 244 45.06 16.21 -14.20
CA SER C 244 45.27 14.93 -14.85
C SER C 244 46.52 14.95 -15.71
N ASN C 245 47.22 13.81 -15.75
CA ASN C 245 48.38 13.64 -16.62
C ASN C 245 48.14 12.59 -17.70
N GLY C 246 46.89 12.34 -18.05
CA GLY C 246 46.57 11.42 -19.13
C GLY C 246 45.21 10.78 -18.92
N ASN C 247 44.67 10.26 -20.03
CA ASN C 247 43.41 9.51 -20.08
C ASN C 247 42.20 10.37 -19.72
N PHE C 248 42.36 11.69 -19.69
CA PHE C 248 41.32 12.62 -19.26
C PHE C 248 40.39 12.95 -20.43
N ILE C 249 39.09 12.71 -20.23
CA ILE C 249 38.06 13.17 -21.15
C ILE C 249 37.44 14.42 -20.52
N ALA C 250 37.89 15.59 -20.98
CA ALA C 250 37.65 16.87 -20.32
C ALA C 250 36.30 17.46 -20.71
N PRO C 251 35.67 18.20 -19.82
CA PRO C 251 34.43 18.89 -20.19
C PRO C 251 34.69 20.00 -21.19
N GLU C 252 33.74 20.19 -22.10
CA GLU C 252 33.71 21.36 -22.97
C GLU C 252 32.42 22.13 -22.77
N TYR C 253 31.27 21.49 -22.95
CA TYR C 253 29.98 22.08 -22.66
C TYR C 253 29.41 21.49 -21.37
N ALA C 254 28.58 22.28 -20.70
CA ALA C 254 27.86 21.85 -19.51
C ALA C 254 26.44 22.39 -19.62
N TYR C 255 25.62 22.13 -18.61
CA TYR C 255 24.21 22.49 -18.71
C TYR C 255 23.78 23.30 -17.48
N LYS C 256 23.37 24.54 -17.69
CA LYS C 256 22.64 25.26 -16.67
C LYS C 256 21.30 24.57 -16.46
N ILE C 257 20.96 24.28 -15.21
CA ILE C 257 19.83 23.43 -14.87
C ILE C 257 19.09 24.04 -13.69
N VAL C 258 17.77 24.17 -13.84
CA VAL C 258 16.87 24.59 -12.76
C VAL C 258 15.79 23.54 -12.62
N LYS C 259 15.69 22.92 -11.45
CA LYS C 259 14.74 21.85 -11.20
C LYS C 259 13.75 22.28 -10.12
N LYS C 260 12.46 22.11 -10.40
CA LYS C 260 11.39 22.45 -9.47
C LYS C 260 10.35 21.33 -9.44
N GLY C 261 10.80 20.10 -9.19
CA GLY C 261 9.88 18.99 -9.12
C GLY C 261 10.34 17.78 -9.91
N ASP C 262 9.77 16.62 -9.62
CA ASP C 262 10.18 15.38 -10.26
C ASP C 262 9.08 14.78 -11.11
N SER C 263 9.47 13.78 -11.88
CA SER C 263 8.64 13.01 -12.74
C SER C 263 9.38 11.70 -13.03
N THR C 264 9.25 11.08 -14.16
CA THR C 264 9.99 9.86 -14.44
C THR C 264 10.25 9.75 -15.95
N ILE C 265 10.88 8.65 -16.35
CA ILE C 265 11.14 8.36 -17.74
C ILE C 265 10.07 7.40 -18.24
N MET C 266 9.41 7.76 -19.33
CA MET C 266 8.38 6.94 -19.94
C MET C 266 8.96 6.24 -21.17
N LYS C 267 8.75 4.93 -21.25
CA LYS C 267 9.14 4.15 -22.41
C LYS C 267 7.94 4.04 -23.33
N SER C 268 8.03 4.65 -24.51
CA SER C 268 6.90 4.66 -25.42
C SER C 268 7.36 4.92 -26.84
N GLU C 269 6.66 4.32 -27.79
CA GLU C 269 6.85 4.59 -29.20
C GLU C 269 5.67 5.36 -29.79
N VAL C 270 4.67 5.68 -28.97
CA VAL C 270 3.55 6.51 -29.40
C VAL C 270 4.04 7.93 -29.69
N GLU C 271 3.33 8.62 -30.57
CA GLU C 271 3.81 9.89 -31.08
C GLU C 271 3.13 11.09 -30.40
N TYR C 272 3.81 12.22 -30.49
CA TYR C 272 3.34 13.45 -29.89
C TYR C 272 2.13 13.99 -30.66
N GLY C 273 1.14 14.49 -29.91
CA GLY C 273 -0.12 14.83 -30.54
C GLY C 273 -0.55 16.27 -30.37
N HIS C 274 0.37 17.13 -29.94
CA HIS C 274 0.11 18.55 -29.78
C HIS C 274 -1.13 18.78 -28.91
N CYS C 275 -1.24 17.99 -27.86
CA CYS C 275 -2.35 18.01 -26.92
C CYS C 275 -1.86 18.37 -25.54
N ASN C 276 -2.80 18.56 -24.63
CA ASN C 276 -2.50 18.78 -23.22
C ASN C 276 -3.30 17.78 -22.40
N THR C 277 -2.76 17.41 -21.24
CA THR C 277 -3.40 16.41 -20.40
C THR C 277 -2.92 16.57 -18.98
N LYS C 278 -3.67 15.97 -18.05
CA LYS C 278 -3.27 15.86 -16.66
C LYS C 278 -2.78 14.45 -16.31
N CYS C 279 -2.96 13.50 -17.21
CA CYS C 279 -2.60 12.11 -16.96
C CYS C 279 -2.15 11.48 -18.27
N GLN C 280 -0.88 11.09 -18.34
CA GLN C 280 -0.30 10.50 -19.53
C GLN C 280 0.08 9.05 -19.28
N THR C 281 -0.24 8.18 -20.23
CA THR C 281 0.17 6.79 -20.25
C THR C 281 1.00 6.53 -21.49
N PRO C 282 1.79 5.44 -21.49
CA PRO C 282 2.64 5.17 -22.68
C PRO C 282 1.87 4.82 -23.93
N ILE C 283 0.55 4.61 -23.86
CA ILE C 283 -0.26 4.33 -25.04
C ILE C 283 -1.26 5.44 -25.34
N GLY C 284 -1.34 6.46 -24.50
CA GLY C 284 -2.23 7.58 -24.73
C GLY C 284 -2.53 8.33 -23.46
N ALA C 285 -3.06 9.55 -23.64
CA ALA C 285 -3.42 10.41 -22.53
C ALA C 285 -4.85 10.15 -22.09
N ILE C 286 -5.16 10.60 -20.88
CA ILE C 286 -6.47 10.38 -20.25
C ILE C 286 -7.08 11.71 -19.87
N ASN C 287 -8.31 11.95 -20.32
CA ASN C 287 -9.10 13.12 -19.93
C ASN C 287 -10.32 12.60 -19.18
N SER C 288 -10.26 12.62 -17.85
CA SER C 288 -11.32 11.98 -17.07
C SER C 288 -11.33 12.52 -15.66
N SER C 289 -12.53 12.71 -15.12
CA SER C 289 -12.74 12.95 -13.70
C SER C 289 -13.09 11.68 -12.93
N MET C 290 -13.15 10.54 -13.63
CA MET C 290 -13.55 9.29 -13.01
C MET C 290 -12.51 8.84 -11.97
N PRO C 291 -12.95 8.09 -10.96
CA PRO C 291 -12.01 7.68 -9.90
C PRO C 291 -11.14 6.47 -10.26
N PHE C 292 -11.48 5.71 -11.30
CA PHE C 292 -10.74 4.51 -11.64
C PHE C 292 -10.52 4.43 -13.14
N HIS C 293 -9.43 3.75 -13.53
CA HIS C 293 -9.15 3.47 -14.92
C HIS C 293 -8.46 2.12 -15.02
N ASN C 294 -8.43 1.56 -16.24
CA ASN C 294 -7.82 0.27 -16.48
C ASN C 294 -6.92 0.30 -17.71
N ILE C 295 -6.40 1.48 -18.06
CA ILE C 295 -5.72 1.65 -19.33
C ILE C 295 -4.28 1.15 -19.25
N HIS C 296 -3.53 1.61 -18.24
CA HIS C 296 -2.10 1.31 -18.16
C HIS C 296 -1.56 1.66 -16.79
N PRO C 297 -0.65 0.85 -16.23
CA PRO C 297 -0.12 1.15 -14.89
C PRO C 297 0.95 2.25 -14.86
N LEU C 298 1.73 2.38 -15.93
CA LEU C 298 2.90 3.28 -15.91
C LEU C 298 2.47 4.68 -16.34
N THR C 299 1.74 5.35 -15.46
CA THR C 299 1.18 6.66 -15.75
C THR C 299 1.98 7.77 -15.08
N ILE C 300 1.87 8.96 -15.66
CA ILE C 300 2.48 10.16 -15.11
C ILE C 300 1.41 11.24 -15.04
N GLY C 301 1.20 11.81 -13.85
CA GLY C 301 0.29 12.91 -13.68
C GLY C 301 -0.69 12.64 -12.57
N GLU C 302 -1.83 13.31 -12.63
CA GLU C 302 -2.92 13.16 -11.67
C GLU C 302 -3.96 12.25 -12.29
N CYS C 303 -3.84 10.96 -12.02
CA CYS C 303 -4.60 9.93 -12.72
C CYS C 303 -5.64 9.30 -11.80
N PRO C 304 -6.69 8.71 -12.37
CA PRO C 304 -7.56 7.84 -11.57
C PRO C 304 -6.78 6.63 -11.07
N LYS C 305 -7.39 5.92 -10.12
CA LYS C 305 -6.76 4.75 -9.53
C LYS C 305 -6.81 3.58 -10.50
N TYR C 306 -5.65 2.98 -10.77
CA TYR C 306 -5.55 1.87 -11.71
C TYR C 306 -6.06 0.59 -11.07
N VAL C 307 -7.03 -0.06 -11.74
CA VAL C 307 -7.65 -1.29 -11.25
C VAL C 307 -7.65 -2.31 -12.38
N LYS C 308 -7.83 -3.58 -12.00
CA LYS C 308 -7.98 -4.66 -12.96
C LYS C 308 -9.47 -4.97 -13.03
N SER C 309 -10.16 -4.29 -13.95
CA SER C 309 -11.60 -4.43 -14.07
C SER C 309 -12.01 -3.98 -15.46
N ASN C 310 -13.10 -4.56 -15.97
CA ASN C 310 -13.61 -4.20 -17.29
C ASN C 310 -14.75 -3.20 -17.24
N LYS C 311 -15.50 -3.14 -16.15
CA LYS C 311 -16.56 -2.16 -16.00
C LYS C 311 -16.88 -1.98 -14.52
N LEU C 312 -17.27 -0.75 -14.17
CA LEU C 312 -17.72 -0.40 -12.82
C LEU C 312 -18.99 0.41 -13.01
N VAL C 313 -20.13 -0.28 -13.12
CA VAL C 313 -21.38 0.31 -13.57
C VAL C 313 -22.31 0.47 -12.36
N LEU C 314 -22.58 1.73 -11.99
CA LEU C 314 -23.52 2.04 -10.93
C LEU C 314 -24.92 2.22 -11.49
N ALA C 315 -25.89 1.62 -10.81
CA ALA C 315 -27.29 1.83 -11.17
C ALA C 315 -27.74 3.23 -10.74
N THR C 316 -28.35 3.96 -11.67
CA THR C 316 -28.99 5.23 -11.35
C THR C 316 -30.50 5.14 -11.37
N GLY C 317 -31.07 4.52 -12.41
CA GLY C 317 -32.50 4.33 -12.50
C GLY C 317 -32.99 3.16 -11.66
N LEU C 318 -34.16 2.65 -12.06
CA LEU C 318 -34.89 1.60 -11.36
C LEU C 318 -34.77 0.28 -12.11
N ARG C 319 -35.16 -0.80 -11.44
CA ARG C 319 -35.28 -2.10 -12.10
C ARG C 319 -36.25 -1.99 -13.27
N ASN C 320 -35.86 -2.56 -14.41
CA ASN C 320 -36.57 -2.39 -15.66
C ASN C 320 -36.85 -3.76 -16.28
N SER C 321 -38.10 -3.98 -16.68
CA SER C 321 -38.55 -5.23 -17.29
C SER C 321 -39.16 -4.95 -18.66
N PRO C 322 -38.32 -4.60 -19.66
CA PRO C 322 -38.82 -4.34 -21.00
C PRO C 322 -39.13 -5.62 -21.77
N GLY C 334 -40.09 -4.57 -1.11
CA GLY C 334 -41.19 -5.46 -1.44
C GLY C 334 -42.12 -4.89 -2.49
N ALA C 335 -41.66 -3.85 -3.18
CA ALA C 335 -42.48 -3.13 -4.15
C ALA C 335 -42.20 -3.56 -5.58
N ILE C 336 -41.09 -3.07 -6.14
CA ILE C 336 -40.74 -3.28 -7.54
C ILE C 336 -40.62 -4.77 -7.84
N ALA C 337 -41.55 -5.27 -8.67
CA ALA C 337 -41.67 -6.70 -8.99
C ALA C 337 -42.03 -7.50 -7.73
N GLY C 338 -42.90 -6.93 -6.90
CA GLY C 338 -43.45 -7.61 -5.74
C GLY C 338 -44.96 -7.70 -5.82
N PHE C 339 -45.63 -6.64 -5.38
CA PHE C 339 -47.06 -6.50 -5.60
C PHE C 339 -47.39 -5.68 -6.83
N ILE C 340 -46.56 -4.71 -7.18
CA ILE C 340 -46.64 -4.04 -8.46
C ILE C 340 -46.00 -4.95 -9.50
N GLU C 341 -46.85 -5.58 -10.33
CA GLU C 341 -46.38 -6.60 -11.26
C GLU C 341 -45.23 -6.10 -12.12
N GLY C 342 -45.26 -4.83 -12.52
CA GLY C 342 -44.19 -4.31 -13.35
C GLY C 342 -44.18 -2.79 -13.34
N GLY C 343 -43.28 -2.23 -14.14
CA GLY C 343 -43.20 -0.79 -14.28
C GLY C 343 -44.13 -0.28 -15.36
N TRP C 344 -44.23 1.04 -15.45
CA TRP C 344 -45.13 1.70 -16.40
C TRP C 344 -44.29 2.35 -17.50
N GLN C 345 -44.33 1.76 -18.70
CA GLN C 345 -43.79 2.44 -19.86
C GLN C 345 -44.53 3.74 -20.13
N GLY C 346 -45.80 3.82 -19.72
CA GLY C 346 -46.59 4.99 -20.01
C GLY C 346 -46.17 6.23 -19.25
N MET C 347 -45.65 6.07 -18.04
CA MET C 347 -45.18 7.21 -17.25
C MET C 347 -43.79 7.61 -17.73
N VAL C 348 -43.67 8.82 -18.28
CA VAL C 348 -42.45 9.24 -18.94
C VAL C 348 -41.73 10.37 -18.19
N ASP C 349 -42.41 11.12 -17.33
CA ASP C 349 -41.83 12.31 -16.72
C ASP C 349 -41.61 12.18 -15.22
N GLY C 350 -41.31 10.97 -14.74
CA GLY C 350 -40.93 10.84 -13.35
C GLY C 350 -40.51 9.43 -13.05
N TRP C 351 -40.17 9.20 -11.79
CA TRP C 351 -39.75 7.90 -11.30
C TRP C 351 -40.86 7.14 -10.59
N TYR C 352 -41.56 7.78 -9.67
CA TYR C 352 -42.70 7.19 -8.98
C TYR C 352 -43.94 8.04 -9.22
N GLY C 353 -45.10 7.40 -9.30
CA GLY C 353 -46.31 8.15 -9.52
C GLY C 353 -47.56 7.30 -9.49
N TYR C 354 -48.62 7.82 -10.09
CA TYR C 354 -49.97 7.27 -9.97
C TYR C 354 -50.58 7.10 -11.35
N HIS C 355 -51.57 6.21 -11.43
CA HIS C 355 -52.38 6.02 -12.63
C HIS C 355 -53.84 5.83 -12.24
N HIS C 356 -54.70 6.73 -12.67
CA HIS C 356 -56.12 6.64 -12.31
C HIS C 356 -56.95 6.20 -13.50
N SER C 357 -58.18 5.78 -13.21
CA SER C 357 -59.13 5.39 -14.25
C SER C 357 -60.53 5.57 -13.65
N ASN C 358 -61.27 6.54 -14.18
CA ASN C 358 -62.65 6.80 -13.77
C ASN C 358 -63.46 7.06 -15.04
N GLU C 359 -64.59 7.76 -14.90
CA GLU C 359 -65.45 7.99 -16.06
C GLU C 359 -65.01 9.15 -16.93
N GLN C 360 -64.06 9.97 -16.47
CA GLN C 360 -63.54 11.00 -17.36
C GLN C 360 -62.45 10.46 -18.27
N GLY C 361 -61.66 9.55 -17.74
CA GLY C 361 -60.63 8.88 -18.51
C GLY C 361 -59.53 8.41 -17.59
N SER C 362 -58.50 7.83 -18.21
CA SER C 362 -57.33 7.36 -17.50
C SER C 362 -56.17 8.33 -17.71
N GLY C 363 -55.25 8.38 -16.76
CA GLY C 363 -54.07 9.17 -16.97
C GLY C 363 -52.97 8.85 -15.98
N TYR C 364 -51.81 9.46 -16.23
CA TYR C 364 -50.61 9.30 -15.42
C TYR C 364 -50.24 10.61 -14.75
N ALA C 365 -49.75 10.52 -13.51
CA ALA C 365 -49.21 11.70 -12.83
C ALA C 365 -48.09 11.25 -11.92
N ALA C 366 -46.90 11.84 -12.11
CA ALA C 366 -45.76 11.49 -11.29
C ALA C 366 -45.85 12.20 -9.95
N ASP C 367 -45.41 11.53 -8.89
CA ASP C 367 -45.28 12.20 -7.61
C ASP C 367 -44.02 13.03 -7.70
N LYS C 368 -44.19 14.33 -7.95
CA LYS C 368 -43.04 15.17 -8.30
C LYS C 368 -42.06 15.30 -7.15
N GLU C 369 -42.55 15.44 -5.93
CA GLU C 369 -41.57 15.75 -4.89
C GLU C 369 -40.76 14.52 -4.44
N SER C 370 -41.35 13.33 -4.32
CA SER C 370 -40.51 12.18 -4.01
C SER C 370 -39.61 11.82 -5.20
N THR C 371 -40.08 12.00 -6.43
CA THR C 371 -39.24 11.76 -7.60
C THR C 371 -38.02 12.67 -7.59
N GLN C 372 -38.23 13.96 -7.31
CA GLN C 372 -37.11 14.88 -7.27
C GLN C 372 -36.15 14.52 -6.14
N LYS C 373 -36.68 14.05 -5.01
CA LYS C 373 -35.76 13.70 -3.93
C LYS C 373 -34.97 12.44 -4.25
N ALA C 374 -35.56 11.50 -4.97
CA ALA C 374 -34.83 10.30 -5.36
C ALA C 374 -33.75 10.60 -6.40
N ILE C 375 -34.07 11.46 -7.37
CA ILE C 375 -33.07 11.85 -8.36
C ILE C 375 -31.92 12.58 -7.69
N ASP C 376 -32.24 13.52 -6.79
CA ASP C 376 -31.20 14.22 -6.05
C ASP C 376 -30.32 13.24 -5.28
N GLY C 377 -30.93 12.26 -4.60
CA GLY C 377 -30.15 11.34 -3.81
C GLY C 377 -29.24 10.45 -4.65
N VAL C 378 -29.75 9.93 -5.76
CA VAL C 378 -28.93 9.06 -6.61
C VAL C 378 -27.79 9.84 -7.25
N THR C 379 -28.09 11.05 -7.75
CA THR C 379 -27.04 11.90 -8.29
C THR C 379 -25.99 12.23 -7.23
N ASN C 380 -26.44 12.51 -6.00
CA ASN C 380 -25.52 12.82 -4.91
C ASN C 380 -24.65 11.62 -4.57
N LYS C 381 -25.20 10.41 -4.66
CA LYS C 381 -24.42 9.21 -4.38
C LYS C 381 -23.33 9.01 -5.43
N VAL C 382 -23.69 9.15 -6.71
CA VAL C 382 -22.69 9.04 -7.77
C VAL C 382 -21.60 10.10 -7.58
N ASN C 383 -22.01 11.34 -7.34
CA ASN C 383 -21.05 12.42 -7.17
C ASN C 383 -20.20 12.23 -5.91
N SER C 384 -20.71 11.55 -4.89
CA SER C 384 -19.91 11.26 -3.71
C SER C 384 -18.87 10.19 -4.01
N ILE C 385 -19.28 9.13 -4.72
CA ILE C 385 -18.32 8.08 -5.09
C ILE C 385 -17.23 8.65 -5.98
N ILE C 386 -17.53 9.70 -6.75
CA ILE C 386 -16.52 10.29 -7.61
C ILE C 386 -15.67 11.32 -6.88
N ASP C 387 -16.30 12.25 -6.14
CA ASP C 387 -15.62 13.43 -5.62
C ASP C 387 -14.76 13.12 -4.40
N LYS C 388 -15.08 12.08 -3.64
CA LYS C 388 -14.29 11.77 -2.46
C LYS C 388 -12.92 11.19 -2.81
N MET C 389 -12.69 10.84 -4.07
CA MET C 389 -11.41 10.31 -4.50
C MET C 389 -10.34 11.40 -4.46
N ASN C 390 -9.32 11.19 -3.64
CA ASN C 390 -8.15 12.06 -3.63
C ASN C 390 -7.17 11.58 -4.70
N THR C 391 -6.85 12.46 -5.65
CA THR C 391 -5.90 12.16 -6.71
C THR C 391 -4.79 13.20 -6.68
N GLN C 392 -3.56 12.75 -6.47
CA GLN C 392 -2.38 13.61 -6.45
C GLN C 392 -1.40 13.16 -7.52
N PHE C 393 -0.43 14.02 -7.81
CA PHE C 393 0.55 13.73 -8.85
C PHE C 393 1.42 12.55 -8.46
N GLU C 394 1.56 11.60 -9.38
CA GLU C 394 2.49 10.49 -9.22
C GLU C 394 3.13 10.18 -10.57
N ALA C 395 4.39 9.77 -10.54
CA ALA C 395 5.13 9.40 -11.74
C ALA C 395 5.60 7.96 -11.59
N VAL C 396 5.02 7.07 -12.39
CA VAL C 396 5.27 5.64 -12.31
C VAL C 396 6.14 5.23 -13.48
N GLY C 397 7.37 4.81 -13.19
CA GLY C 397 8.27 4.32 -14.21
C GLY C 397 8.98 3.04 -13.81
N ARG C 398 10.09 2.74 -14.48
CA ARG C 398 10.92 1.56 -14.22
C ARG C 398 12.37 2.04 -14.20
N GLU C 399 12.87 2.40 -13.01
CA GLU C 399 14.08 3.18 -12.89
C GLU C 399 15.22 2.44 -12.17
N PHE C 400 15.14 1.12 -12.06
CA PHE C 400 16.16 0.35 -11.36
C PHE C 400 16.86 -0.58 -12.34
N ASN C 401 18.18 -0.77 -12.12
CA ASN C 401 19.02 -1.47 -13.08
C ASN C 401 19.02 -2.97 -12.79
N ASN C 402 19.87 -3.71 -13.51
CA ASN C 402 19.89 -5.16 -13.41
C ASN C 402 20.41 -5.65 -12.07
N LEU C 403 21.14 -4.83 -11.32
CA LEU C 403 21.62 -5.21 -10.00
C LEU C 403 20.85 -4.51 -8.88
N GLU C 404 19.63 -4.09 -9.16
CA GLU C 404 18.71 -3.51 -8.18
C GLU C 404 17.38 -4.22 -8.23
N ARG C 405 17.41 -5.54 -8.47
CA ARG C 405 16.18 -6.29 -8.65
C ARG C 405 15.38 -6.43 -7.36
N ARG C 406 16.03 -6.34 -6.20
CA ARG C 406 15.30 -6.40 -4.94
C ARG C 406 14.46 -5.14 -4.74
N ILE C 407 15.00 -3.97 -5.06
CA ILE C 407 14.22 -2.74 -4.93
C ILE C 407 13.09 -2.73 -5.96
N GLU C 408 13.37 -3.21 -7.17
CA GLU C 408 12.34 -3.24 -8.19
C GLU C 408 11.23 -4.21 -7.82
N ASN C 409 11.58 -5.29 -7.14
CA ASN C 409 10.55 -6.21 -6.66
C ASN C 409 9.74 -5.60 -5.52
N LEU C 410 10.40 -4.79 -4.69
CA LEU C 410 9.65 -4.05 -3.67
C LEU C 410 8.64 -3.10 -4.32
N ASN C 411 9.06 -2.36 -5.34
CA ASN C 411 8.14 -1.48 -6.05
C ASN C 411 7.02 -2.26 -6.72
N LYS C 412 7.34 -3.42 -7.29
CA LYS C 412 6.33 -4.26 -7.92
C LYS C 412 5.31 -4.74 -6.90
N LYS C 413 5.79 -5.15 -5.71
CA LYS C 413 4.87 -5.59 -4.67
C LYS C 413 3.97 -4.44 -4.22
N MET C 414 4.51 -3.22 -4.16
CA MET C 414 3.69 -2.07 -3.80
C MET C 414 2.61 -1.81 -4.84
N GLU C 415 3.01 -1.76 -6.12
CA GLU C 415 2.04 -1.51 -7.18
C GLU C 415 0.97 -2.59 -7.23
N ASP C 416 1.37 -3.86 -7.12
CA ASP C 416 0.40 -4.95 -7.14
C ASP C 416 -0.54 -4.87 -5.94
N GLY C 417 -0.02 -4.56 -4.76
CA GLY C 417 -0.87 -4.44 -3.60
C GLY C 417 -1.90 -3.33 -3.73
N PHE C 418 -1.47 -2.18 -4.25
CA PHE C 418 -2.43 -1.08 -4.41
C PHE C 418 -3.45 -1.41 -5.49
N LEU C 419 -3.04 -2.11 -6.55
CA LEU C 419 -4.01 -2.53 -7.56
C LEU C 419 -5.04 -3.48 -6.97
N ASP C 420 -4.59 -4.45 -6.17
CA ASP C 420 -5.52 -5.39 -5.55
C ASP C 420 -6.48 -4.65 -4.62
N VAL C 421 -5.96 -3.74 -3.78
CA VAL C 421 -6.80 -3.01 -2.84
C VAL C 421 -7.87 -2.21 -3.60
N TRP C 422 -7.44 -1.42 -4.59
CA TRP C 422 -8.38 -0.57 -5.31
C TRP C 422 -9.40 -1.39 -6.09
N THR C 423 -8.96 -2.48 -6.72
CA THR C 423 -9.88 -3.33 -7.47
C THR C 423 -10.96 -3.88 -6.56
N TYR C 424 -10.54 -4.50 -5.44
CA TYR C 424 -11.51 -5.07 -4.51
C TYR C 424 -12.47 -4.01 -3.99
N ASN C 425 -11.93 -2.87 -3.54
CA ASN C 425 -12.78 -1.83 -2.94
C ASN C 425 -13.78 -1.29 -3.96
N ALA C 426 -13.33 -1.02 -5.19
CA ALA C 426 -14.22 -0.46 -6.20
C ALA C 426 -15.32 -1.46 -6.56
N GLU C 427 -14.94 -2.72 -6.81
CA GLU C 427 -15.94 -3.72 -7.17
C GLU C 427 -16.99 -3.88 -6.08
N LEU C 428 -16.55 -4.02 -4.83
CA LEU C 428 -17.52 -4.25 -3.76
C LEU C 428 -18.32 -3.01 -3.42
N LEU C 429 -17.73 -1.82 -3.56
CA LEU C 429 -18.47 -0.59 -3.38
C LEU C 429 -19.60 -0.50 -4.41
N VAL C 430 -19.29 -0.80 -5.67
CA VAL C 430 -20.32 -0.75 -6.71
C VAL C 430 -21.43 -1.75 -6.41
N LEU C 431 -21.05 -2.98 -6.04
CA LEU C 431 -22.06 -3.99 -5.75
C LEU C 431 -22.98 -3.55 -4.61
N MET C 432 -22.38 -3.14 -3.48
CA MET C 432 -23.16 -2.79 -2.30
C MET C 432 -24.05 -1.58 -2.57
N GLU C 433 -23.52 -0.54 -3.21
CA GLU C 433 -24.32 0.66 -3.43
C GLU C 433 -25.38 0.43 -4.50
N ASN C 434 -25.16 -0.49 -5.44
CA ASN C 434 -26.23 -0.84 -6.38
C ASN C 434 -27.38 -1.53 -5.66
N GLU C 435 -27.05 -2.47 -4.75
CA GLU C 435 -28.09 -3.11 -3.98
C GLU C 435 -28.87 -2.09 -3.15
N ARG C 436 -28.15 -1.13 -2.56
CA ARG C 436 -28.83 -0.14 -1.73
C ARG C 436 -29.66 0.82 -2.57
N THR C 437 -29.24 1.10 -3.80
CA THR C 437 -30.02 1.95 -4.69
C THR C 437 -31.34 1.28 -5.09
N LEU C 438 -31.27 0.00 -5.47
CA LEU C 438 -32.50 -0.70 -5.84
C LEU C 438 -33.45 -0.82 -4.66
N ASP C 439 -32.92 -1.13 -3.47
CA ASP C 439 -33.78 -1.17 -2.30
C ASP C 439 -34.35 0.21 -1.96
N PHE C 440 -33.58 1.27 -2.24
CA PHE C 440 -34.08 2.63 -2.06
C PHE C 440 -35.31 2.87 -2.94
N HIS C 441 -35.24 2.43 -4.20
CA HIS C 441 -36.40 2.56 -5.09
C HIS C 441 -37.59 1.77 -4.55
N ASP C 442 -37.35 0.53 -4.11
CA ASP C 442 -38.44 -0.28 -3.57
C ASP C 442 -39.11 0.42 -2.40
N SER C 443 -38.31 0.97 -1.48
CA SER C 443 -38.85 1.61 -0.29
C SER C 443 -39.61 2.88 -0.64
N ASN C 444 -39.13 3.62 -1.65
CA ASN C 444 -39.86 4.82 -2.05
C ASN C 444 -41.22 4.47 -2.63
N VAL C 445 -41.28 3.41 -3.44
CA VAL C 445 -42.57 3.01 -4.00
C VAL C 445 -43.53 2.55 -2.91
N LYS C 446 -43.04 1.74 -1.96
CA LYS C 446 -43.90 1.29 -0.87
C LYS C 446 -44.36 2.48 -0.01
N ASN C 447 -43.47 3.45 0.20
CA ASN C 447 -43.84 4.64 0.95
C ASN C 447 -44.92 5.42 0.22
N LEU C 448 -44.87 5.45 -1.11
CA LEU C 448 -45.93 6.10 -1.87
C LEU C 448 -47.26 5.36 -1.73
N TYR C 449 -47.22 4.03 -1.83
CA TYR C 449 -48.42 3.23 -1.61
C TYR C 449 -49.04 3.49 -0.24
N ASP C 450 -48.19 3.72 0.77
CA ASP C 450 -48.69 3.97 2.12
C ASP C 450 -49.15 5.41 2.34
N LYS C 451 -48.47 6.39 1.73
CA LYS C 451 -48.81 7.81 1.92
C LYS C 451 -50.27 8.09 1.58
N VAL C 452 -50.74 7.59 0.45
CA VAL C 452 -52.14 7.76 0.11
C VAL C 452 -53.02 6.95 1.05
N ARG C 453 -52.60 5.73 1.39
CA ARG C 453 -53.40 4.88 2.27
C ARG C 453 -53.74 5.59 3.57
N LEU C 454 -52.78 6.33 4.14
CA LEU C 454 -53.02 7.04 5.38
C LEU C 454 -53.65 8.41 5.18
N GLN C 455 -53.60 8.96 3.96
CA GLN C 455 -54.44 10.12 3.67
C GLN C 455 -55.88 9.70 3.48
N LEU C 456 -56.12 8.50 2.97
CA LEU C 456 -57.45 8.04 2.61
C LEU C 456 -58.15 7.32 3.75
N ARG C 457 -57.45 6.40 4.43
CA ARG C 457 -57.93 5.65 5.60
C ARG C 457 -59.27 4.99 5.27
N ASP C 458 -60.32 5.18 6.07
CA ASP C 458 -61.59 4.51 5.86
C ASP C 458 -62.49 5.27 4.90
N ASN C 459 -61.94 6.23 4.17
CA ASN C 459 -62.53 6.77 2.96
C ASN C 459 -62.09 6.00 1.71
N ALA C 460 -61.36 4.90 1.87
CA ALA C 460 -60.82 4.18 0.71
C ALA C 460 -60.68 2.69 1.00
N LYS C 461 -60.73 1.91 -0.09
CA LYS C 461 -60.57 0.46 -0.09
C LYS C 461 -59.24 0.08 -0.75
N GLU C 462 -58.48 -0.80 -0.10
CA GLU C 462 -57.32 -1.42 -0.74
C GLU C 462 -57.76 -2.46 -1.78
N LEU C 463 -57.09 -2.47 -2.94
CA LEU C 463 -57.44 -3.42 -4.00
C LEU C 463 -56.44 -4.56 -4.18
N GLY C 464 -55.23 -4.47 -3.63
CA GLY C 464 -54.34 -5.61 -3.50
C GLY C 464 -53.28 -5.85 -4.57
N ASN C 465 -53.19 -5.05 -5.63
CA ASN C 465 -52.15 -5.25 -6.62
C ASN C 465 -51.38 -3.97 -6.89
N GLY C 466 -51.41 -3.02 -5.97
CA GLY C 466 -50.88 -1.68 -6.15
C GLY C 466 -51.93 -0.64 -6.39
N CYS C 467 -53.20 -1.04 -6.50
CA CYS C 467 -54.29 -0.13 -6.80
C CYS C 467 -55.21 0.07 -5.59
N PHE C 468 -55.80 1.27 -5.51
CA PHE C 468 -56.83 1.64 -4.56
C PHE C 468 -58.19 1.79 -5.24
N GLU C 469 -59.26 1.62 -4.44
CA GLU C 469 -60.63 1.87 -4.85
C GLU C 469 -61.24 2.98 -4.00
N PHE C 470 -61.81 3.99 -4.65
CA PHE C 470 -62.34 5.14 -3.95
C PHE C 470 -63.71 4.81 -3.37
N TYR C 471 -63.97 5.27 -2.14
CA TYR C 471 -65.29 5.06 -1.51
C TYR C 471 -66.29 6.16 -1.86
N HIS C 472 -65.89 7.13 -2.64
CA HIS C 472 -66.78 8.01 -3.37
C HIS C 472 -66.08 8.23 -4.69
N LYS C 473 -66.71 8.90 -5.64
CA LYS C 473 -65.97 9.26 -6.84
C LYS C 473 -65.35 10.62 -6.61
N CYS C 474 -64.06 10.75 -6.94
CA CYS C 474 -63.22 11.88 -6.53
C CYS C 474 -62.73 12.60 -7.78
N ASP C 475 -63.20 13.82 -7.98
CA ASP C 475 -62.86 14.54 -9.19
C ASP C 475 -61.36 14.81 -9.24
N ASN C 476 -60.91 15.25 -10.41
CA ASN C 476 -59.49 15.36 -10.69
C ASN C 476 -58.82 16.50 -9.92
N GLU C 477 -59.59 17.44 -9.37
CA GLU C 477 -59.01 18.37 -8.40
C GLU C 477 -58.77 17.71 -7.06
N CYS C 478 -59.73 16.89 -6.60
CA CYS C 478 -59.52 16.07 -5.42
C CYS C 478 -58.31 15.13 -5.60
N MET C 479 -58.13 14.63 -6.82
CA MET C 479 -56.98 13.76 -7.10
C MET C 479 -55.66 14.49 -6.90
N GLU C 480 -55.50 15.65 -7.54
CA GLU C 480 -54.25 16.39 -7.37
C GLU C 480 -54.12 16.95 -5.96
N SER C 481 -55.18 16.91 -5.15
CA SER C 481 -55.03 17.10 -3.72
C SER C 481 -54.48 15.85 -3.04
N VAL C 482 -54.85 14.66 -3.56
CA VAL C 482 -54.25 13.43 -3.05
C VAL C 482 -52.77 13.40 -3.37
N ARG C 483 -52.37 13.97 -4.50
CA ARG C 483 -50.96 14.00 -4.88
C ARG C 483 -50.18 15.17 -4.26
N ASN C 484 -50.74 16.39 -4.24
CA ASN C 484 -50.03 17.54 -3.71
C ASN C 484 -49.97 17.57 -2.18
N GLY C 485 -50.55 16.57 -1.52
CA GLY C 485 -50.50 16.45 -0.07
C GLY C 485 -51.65 17.04 0.73
N THR C 486 -52.72 17.50 0.09
CA THR C 486 -53.78 18.22 0.80
C THR C 486 -55.15 17.60 0.52
N TYR C 487 -55.34 16.34 0.90
CA TYR C 487 -56.65 15.71 0.78
C TYR C 487 -57.39 15.90 2.09
N ASP C 488 -58.67 16.23 1.99
CA ASP C 488 -59.50 16.64 3.13
C ASP C 488 -60.37 15.46 3.57
N TYR C 489 -59.97 14.78 4.65
CA TYR C 489 -60.73 13.61 5.09
C TYR C 489 -62.11 13.97 5.64
N PRO C 490 -62.27 14.90 6.60
CA PRO C 490 -63.62 15.24 7.04
C PRO C 490 -64.48 15.79 5.92
N GLN C 491 -63.89 16.04 4.71
CA GLN C 491 -64.65 16.57 3.57
C GLN C 491 -65.61 15.56 3.03
N TYR C 492 -65.04 14.42 2.70
CA TYR C 492 -65.70 13.35 1.97
C TYR C 492 -66.19 12.23 2.85
N SER C 493 -65.97 12.30 4.16
CA SER C 493 -66.01 11.08 4.96
C SER C 493 -67.38 10.43 5.02
N GLU C 494 -68.47 11.18 4.81
CA GLU C 494 -69.77 10.53 4.95
C GLU C 494 -70.50 10.30 3.64
N GLU C 495 -70.19 11.06 2.57
CA GLU C 495 -70.44 10.53 1.23
C GLU C 495 -69.79 9.15 1.08
N ALA C 496 -68.54 9.04 1.57
CA ALA C 496 -67.80 7.79 1.55
C ALA C 496 -68.41 6.75 2.49
N ARG C 497 -68.78 7.16 3.70
CA ARG C 497 -69.34 6.19 4.65
C ARG C 497 -70.69 5.67 4.18
N LEU C 498 -71.53 6.52 3.58
CA LEU C 498 -72.85 6.07 3.15
C LEU C 498 -72.75 5.17 1.94
N LYS C 499 -71.89 5.52 0.96
CA LYS C 499 -71.69 4.59 -0.16
C LYS C 499 -70.86 3.38 0.25
N ARG C 500 -70.08 3.50 1.33
CA ARG C 500 -69.25 2.41 1.82
C ARG C 500 -70.12 1.34 2.42
N GLU C 501 -71.13 1.77 3.16
CA GLU C 501 -72.17 0.98 3.79
C GLU C 501 -73.21 0.61 2.73
N GLU C 502 -72.75 0.50 1.46
CA GLU C 502 -73.61 0.19 0.32
C GLU C 502 -73.02 -0.79 -0.70
N ILE C 503 -71.74 -1.19 -0.58
CA ILE C 503 -71.12 -1.93 -1.67
C ILE C 503 -71.05 -3.41 -1.36
N SER C 504 -72.02 -3.92 -0.61
CA SER C 504 -72.04 -5.33 -0.25
C SER C 504 -73.44 -5.91 -0.49
N GLY C 505 -73.78 -6.14 -1.76
CA GLY C 505 -72.94 -5.78 -2.89
C GLY C 505 -73.60 -6.05 -4.22
#